data_1JI8
#
_entry.id   1JI8
#
_cell.length_a   ?
_cell.length_b   ?
_cell.length_c   ?
_cell.angle_alpha   ?
_cell.angle_beta   ?
_cell.angle_gamma   ?
#
_entity_poly.entity_id   1
_entity_poly.type   'polypeptide(L)'
_entity_poly.pdbx_seq_one_letter_code
;MPVKCPGEYQVDGKKVILDEDCFMQNPEDWDEKVAEWLARELEGIQKMTEEHWKLVKYLREYWETFGTCPPIKMVTKETG
FSLEKIYQLFPSGPAHGACKVAGAPKPTGCV
;
_entity_poly.pdbx_strand_id   A
#
# COMPACT_ATOMS: atom_id res chain seq x y z
N MET A 1 -4.28 -14.61 -11.05
CA MET A 1 -4.27 -13.24 -10.46
C MET A 1 -5.70 -12.68 -10.41
N PRO A 2 -5.96 -11.92 -9.39
CA PRO A 2 -7.30 -11.31 -9.21
C PRO A 2 -7.50 -10.17 -10.21
N VAL A 3 -6.48 -9.39 -10.45
CA VAL A 3 -6.61 -8.26 -11.41
C VAL A 3 -5.74 -8.51 -12.65
N LYS A 4 -6.32 -8.44 -13.81
CA LYS A 4 -5.53 -8.67 -15.06
C LYS A 4 -4.48 -7.57 -15.23
N CYS A 5 -3.32 -7.74 -14.66
CA CYS A 5 -2.27 -6.71 -14.79
C CYS A 5 -1.30 -7.09 -15.92
N PRO A 6 -0.76 -6.08 -16.58
CA PRO A 6 -1.07 -4.67 -16.24
C PRO A 6 -2.45 -4.29 -16.77
N GLY A 7 -3.11 -3.38 -16.11
CA GLY A 7 -4.47 -2.96 -16.57
C GLY A 7 -4.83 -1.62 -15.94
N GLU A 8 -5.74 -0.90 -16.54
CA GLU A 8 -6.13 0.43 -15.97
C GLU A 8 -7.57 0.36 -15.43
N TYR A 9 -7.93 1.27 -14.58
CA TYR A 9 -9.31 1.26 -14.01
C TYR A 9 -9.73 2.67 -13.59
N GLN A 10 -10.98 2.86 -13.26
CA GLN A 10 -11.44 4.21 -12.83
C GLN A 10 -12.15 4.12 -11.48
N VAL A 11 -11.89 5.04 -10.59
CA VAL A 11 -12.56 5.00 -9.26
C VAL A 11 -12.93 6.41 -8.80
N ASP A 12 -14.19 6.64 -8.56
CA ASP A 12 -14.63 8.00 -8.09
C ASP A 12 -13.89 9.10 -8.88
N GLY A 13 -14.26 9.31 -10.11
CA GLY A 13 -13.58 10.36 -10.93
C GLY A 13 -12.06 10.29 -10.70
N LYS A 14 -11.46 9.19 -11.07
CA LYS A 14 -9.97 9.07 -10.87
C LYS A 14 -9.42 8.03 -11.84
N LYS A 15 -8.13 8.07 -12.09
CA LYS A 15 -7.52 7.07 -13.02
C LYS A 15 -6.41 6.29 -12.31
N VAL A 16 -6.58 5.01 -12.16
CA VAL A 16 -5.53 4.19 -11.47
C VAL A 16 -4.88 3.23 -12.48
N ILE A 17 -3.60 3.33 -12.67
CA ILE A 17 -2.91 2.42 -13.63
C ILE A 17 -2.18 1.30 -12.87
N LEU A 18 -2.20 0.11 -13.39
CA LEU A 18 -1.50 -1.01 -12.71
C LEU A 18 -0.47 -1.64 -13.64
N ASP A 19 0.78 -1.64 -13.26
CA ASP A 19 1.83 -2.25 -14.12
C ASP A 19 1.94 -3.74 -13.84
N GLU A 20 2.95 -4.38 -14.37
CA GLU A 20 3.12 -5.84 -14.15
C GLU A 20 3.03 -6.16 -12.65
N ASP A 21 2.51 -7.32 -12.30
CA ASP A 21 2.39 -7.68 -10.87
C ASP A 21 1.43 -6.73 -10.15
N CYS A 22 0.57 -6.07 -10.89
CA CYS A 22 -0.39 -5.13 -10.26
C CYS A 22 0.35 -4.14 -9.35
N PHE A 23 1.33 -3.45 -9.89
CA PHE A 23 2.08 -2.47 -9.05
C PHE A 23 1.53 -1.06 -9.25
N MET A 24 1.42 -0.29 -8.19
CA MET A 24 0.89 1.09 -8.33
C MET A 24 1.88 1.96 -9.11
N GLN A 25 1.48 2.43 -10.27
CA GLN A 25 2.39 3.28 -11.08
C GLN A 25 1.80 4.69 -11.25
N ASN A 26 1.10 5.17 -10.25
CA ASN A 26 0.49 6.52 -10.36
C ASN A 26 0.22 7.09 -8.96
N PRO A 27 1.28 7.39 -8.27
CA PRO A 27 1.17 7.95 -6.90
C PRO A 27 0.70 9.40 -6.95
N GLU A 28 0.49 9.93 -8.13
CA GLU A 28 0.03 11.34 -8.26
C GLU A 28 -1.47 11.44 -8.00
N ASP A 29 -2.19 10.37 -8.23
CA ASP A 29 -3.66 10.41 -8.01
C ASP A 29 -4.05 9.42 -6.90
N TRP A 30 -3.15 9.13 -6.00
CA TRP A 30 -3.47 8.19 -4.89
C TRP A 30 -4.36 8.87 -3.85
N ASP A 31 -5.31 8.16 -3.32
CA ASP A 31 -6.22 8.77 -2.30
C ASP A 31 -6.81 7.68 -1.40
N GLU A 32 -7.81 8.01 -0.63
CA GLU A 32 -8.43 6.99 0.27
C GLU A 32 -9.25 6.00 -0.54
N LYS A 33 -9.85 6.45 -1.60
CA LYS A 33 -10.68 5.52 -2.44
C LYS A 33 -9.77 4.56 -3.20
N VAL A 34 -8.64 5.03 -3.66
CA VAL A 34 -7.70 4.14 -4.42
C VAL A 34 -7.08 3.11 -3.47
N ALA A 35 -6.52 3.57 -2.38
CA ALA A 35 -5.90 2.61 -1.41
C ALA A 35 -6.93 1.60 -0.92
N GLU A 36 -8.08 2.07 -0.51
CA GLU A 36 -9.13 1.13 -0.02
C GLU A 36 -9.66 0.28 -1.17
N TRP A 37 -9.58 0.77 -2.37
CA TRP A 37 -10.06 -0.02 -3.54
C TRP A 37 -9.18 -1.25 -3.75
N LEU A 38 -7.92 -1.04 -4.00
CA LEU A 38 -7.00 -2.21 -4.21
C LEU A 38 -7.03 -3.13 -2.99
N ALA A 39 -7.09 -2.57 -1.82
CA ALA A 39 -7.11 -3.41 -0.58
C ALA A 39 -8.41 -4.23 -0.53
N ARG A 40 -9.47 -3.71 -1.08
CA ARG A 40 -10.76 -4.45 -1.06
C ARG A 40 -10.74 -5.56 -2.11
N GLU A 41 -10.10 -5.32 -3.23
CA GLU A 41 -10.05 -6.36 -4.29
C GLU A 41 -9.03 -7.45 -3.93
N LEU A 42 -8.04 -7.11 -3.15
CA LEU A 42 -7.01 -8.11 -2.76
C LEU A 42 -7.38 -8.80 -1.44
N GLU A 43 -7.38 -8.05 -0.37
CA GLU A 43 -7.73 -8.65 0.95
C GLU A 43 -9.24 -8.80 1.11
N GLY A 44 -10.00 -7.91 0.52
CA GLY A 44 -11.48 -7.99 0.65
C GLY A 44 -11.97 -6.99 1.69
N ILE A 45 -11.07 -6.31 2.34
CA ILE A 45 -11.48 -5.30 3.36
C ILE A 45 -12.50 -4.33 2.77
N GLN A 46 -13.67 -4.27 3.34
CA GLN A 46 -14.71 -3.34 2.81
C GLN A 46 -14.60 -1.98 3.50
N LYS A 47 -14.07 -1.95 4.70
CA LYS A 47 -13.94 -0.65 5.42
C LYS A 47 -12.56 -0.57 6.08
N MET A 48 -11.66 0.19 5.51
CA MET A 48 -10.30 0.32 6.10
C MET A 48 -10.40 0.60 7.59
N THR A 49 -9.86 -0.27 8.42
CA THR A 49 -9.93 -0.04 9.89
C THR A 49 -9.00 1.10 10.29
N GLU A 50 -8.79 1.28 11.57
CA GLU A 50 -7.88 2.37 12.03
C GLU A 50 -6.42 1.92 11.99
N GLU A 51 -6.20 0.63 12.00
CA GLU A 51 -4.79 0.12 11.97
C GLU A 51 -4.22 0.22 10.56
N HIS A 52 -4.98 -0.16 9.57
CA HIS A 52 -4.48 -0.09 8.17
C HIS A 52 -4.02 1.34 7.85
N TRP A 53 -4.86 2.30 8.08
CA TRP A 53 -4.48 3.72 7.78
C TRP A 53 -3.37 4.17 8.74
N LYS A 54 -3.31 3.60 9.91
CA LYS A 54 -2.24 4.00 10.88
C LYS A 54 -0.86 3.70 10.29
N LEU A 55 -0.55 2.45 10.10
CA LEU A 55 0.77 2.09 9.52
C LEU A 55 0.93 2.73 8.13
N VAL A 56 -0.10 2.66 7.33
CA VAL A 56 -0.02 3.27 5.98
C VAL A 56 0.36 4.74 6.08
N LYS A 57 -0.02 5.38 7.15
CA LYS A 57 0.32 6.82 7.32
C LYS A 57 1.80 6.99 7.67
N TYR A 58 2.27 6.24 8.64
CA TYR A 58 3.70 6.36 9.03
C TYR A 58 4.61 6.13 7.81
N LEU A 59 4.27 5.18 6.98
CA LEU A 59 5.11 4.91 5.77
C LEU A 59 5.03 6.09 4.80
N ARG A 60 3.86 6.67 4.65
CA ARG A 60 3.71 7.82 3.72
C ARG A 60 4.67 8.95 4.10
N GLU A 61 5.00 9.07 5.36
CA GLU A 61 5.92 10.15 5.80
C GLU A 61 7.36 9.80 5.42
N TYR A 62 7.76 8.57 5.63
CA TYR A 62 9.15 8.17 5.29
C TYR A 62 9.37 8.22 3.78
N TRP A 63 8.33 8.06 3.02
CA TRP A 63 8.48 8.10 1.53
C TRP A 63 8.75 9.53 1.06
N GLU A 64 8.75 10.47 1.97
CA GLU A 64 9.00 11.89 1.57
C GLU A 64 10.43 12.28 1.93
N THR A 65 11.25 11.34 2.28
CA THR A 65 12.66 11.67 2.66
C THR A 65 13.62 11.14 1.59
N PHE A 66 13.45 9.92 1.17
CA PHE A 66 14.34 9.35 0.13
C PHE A 66 13.52 8.72 -0.99
N GLY A 67 12.39 8.15 -0.67
CA GLY A 67 11.54 7.52 -1.72
C GLY A 67 11.79 6.01 -1.73
N THR A 68 11.62 5.35 -0.62
CA THR A 68 11.84 3.87 -0.59
C THR A 68 10.77 3.20 0.27
N CYS A 69 10.98 1.95 0.62
CA CYS A 69 9.97 1.24 1.46
C CYS A 69 10.65 0.15 2.29
N PRO A 70 11.01 0.52 3.49
CA PRO A 70 11.69 -0.43 4.41
C PRO A 70 10.69 -1.47 4.92
N PRO A 71 11.21 -2.44 5.64
CA PRO A 71 10.37 -3.51 6.20
C PRO A 71 9.53 -2.98 7.36
N ILE A 72 9.04 -3.84 8.20
CA ILE A 72 8.21 -3.39 9.36
C ILE A 72 8.96 -3.63 10.67
N LYS A 73 10.17 -4.13 10.60
CA LYS A 73 10.94 -4.39 11.84
C LYS A 73 11.69 -3.12 12.27
N MET A 74 11.97 -2.25 11.36
CA MET A 74 12.70 -1.00 11.72
C MET A 74 11.70 0.09 12.14
N VAL A 75 10.51 0.06 11.60
CA VAL A 75 9.50 1.09 11.98
C VAL A 75 9.11 0.93 13.45
N THR A 76 9.18 -0.26 13.97
CA THR A 76 8.81 -0.48 15.40
C THR A 76 9.75 0.31 16.31
N LYS A 77 10.98 0.49 15.91
CA LYS A 77 11.94 1.24 16.76
C LYS A 77 11.33 2.59 17.17
N GLU A 78 10.44 3.11 16.37
CA GLU A 78 9.82 4.42 16.72
C GLU A 78 8.30 4.36 16.45
N THR A 79 7.64 3.39 16.99
CA THR A 79 6.17 3.28 16.76
C THR A 79 5.53 2.42 17.86
N GLY A 80 5.71 1.12 17.79
CA GLY A 80 5.11 0.23 18.82
C GLY A 80 4.11 -0.72 18.17
N PHE A 81 4.51 -1.36 17.11
CA PHE A 81 3.58 -2.31 16.42
C PHE A 81 4.03 -3.75 16.63
N SER A 82 3.10 -4.67 16.70
CA SER A 82 3.48 -6.10 16.91
C SER A 82 3.48 -6.85 15.57
N LEU A 83 4.52 -7.58 15.29
CA LEU A 83 4.58 -8.33 14.00
C LEU A 83 3.45 -9.36 13.94
N GLU A 84 3.07 -9.91 15.07
CA GLU A 84 1.97 -10.92 15.07
C GLU A 84 0.66 -10.27 14.62
N LYS A 85 0.24 -9.23 15.30
CA LYS A 85 -1.04 -8.56 14.91
C LYS A 85 -0.98 -8.17 13.44
N ILE A 86 0.07 -7.50 13.02
CA ILE A 86 0.17 -7.09 11.59
C ILE A 86 0.07 -8.32 10.69
N TYR A 87 0.59 -9.43 11.12
CA TYR A 87 0.52 -10.66 10.28
C TYR A 87 -0.94 -11.06 10.05
N GLN A 88 -1.73 -11.11 11.10
CA GLN A 88 -3.16 -11.49 10.94
C GLN A 88 -3.90 -10.40 10.15
N LEU A 89 -3.39 -9.20 10.16
CA LEU A 89 -4.07 -8.10 9.41
C LEU A 89 -3.71 -8.20 7.92
N PHE A 90 -2.56 -8.71 7.60
CA PHE A 90 -2.16 -8.83 6.17
C PHE A 90 -1.98 -10.31 5.80
N PRO A 91 -1.90 -10.56 4.52
CA PRO A 91 -1.73 -11.94 4.01
C PRO A 91 -0.28 -12.40 4.18
N SER A 92 0.14 -12.65 5.40
CA SER A 92 1.54 -13.10 5.62
C SER A 92 2.51 -12.35 4.72
N GLY A 93 2.70 -11.08 4.95
CA GLY A 93 3.63 -10.30 4.09
C GLY A 93 3.28 -8.82 4.16
N PRO A 94 3.47 -8.25 5.32
CA PRO A 94 3.16 -6.81 5.53
C PRO A 94 4.22 -5.94 4.85
N ALA A 95 5.31 -6.52 4.44
CA ALA A 95 6.38 -5.71 3.77
C ALA A 95 5.87 -5.16 2.45
N HIS A 96 5.95 -5.92 1.39
CA HIS A 96 5.48 -5.42 0.07
C HIS A 96 3.98 -5.13 0.12
N GLY A 97 3.27 -5.77 1.01
CA GLY A 97 1.80 -5.52 1.11
C GLY A 97 1.54 -4.06 1.48
N ALA A 98 1.97 -3.65 2.64
CA ALA A 98 1.75 -2.24 3.07
C ALA A 98 2.18 -1.28 1.95
N CYS A 99 3.45 -1.23 1.65
CA CYS A 99 3.94 -0.30 0.58
C CYS A 99 2.98 -0.32 -0.61
N LYS A 100 2.58 -1.48 -1.06
CA LYS A 100 1.66 -1.57 -2.23
C LYS A 100 0.42 -0.69 -1.99
N VAL A 101 -0.27 -0.89 -0.90
CA VAL A 101 -1.48 -0.07 -0.62
C VAL A 101 -1.11 1.41 -0.46
N ALA A 102 0.11 1.69 -0.08
CA ALA A 102 0.52 3.11 0.08
C ALA A 102 0.65 3.79 -1.28
N GLY A 103 1.05 3.05 -2.29
CA GLY A 103 1.19 3.66 -3.65
C GLY A 103 2.66 3.97 -3.91
N ALA A 104 3.53 3.05 -3.64
CA ALA A 104 4.98 3.30 -3.87
C ALA A 104 5.49 2.38 -5.00
N PRO A 105 6.03 3.02 -6.02
CA PRO A 105 6.56 2.25 -7.18
C PRO A 105 7.86 1.54 -6.80
N LYS A 106 8.15 0.43 -7.43
CA LYS A 106 9.40 -0.31 -7.11
C LYS A 106 10.57 0.66 -7.00
N PRO A 107 11.53 0.30 -6.19
CA PRO A 107 12.73 1.15 -5.99
C PRO A 107 13.64 1.07 -7.21
N THR A 108 14.56 0.13 -7.22
CA THR A 108 15.48 0.01 -8.39
C THR A 108 15.88 -1.45 -8.59
N GLY A 109 15.03 -2.23 -9.21
CA GLY A 109 15.37 -3.66 -9.43
C GLY A 109 16.53 -3.78 -10.42
N CYS A 110 16.31 -4.41 -11.54
CA CYS A 110 17.40 -4.55 -12.54
C CYS A 110 18.61 -5.26 -11.92
N VAL A 111 18.72 -6.55 -12.14
CA VAL A 111 19.87 -7.30 -11.56
C VAL A 111 20.38 -8.35 -12.56
N MET A 1 -10.53 -13.49 -10.56
CA MET A 1 -9.76 -12.24 -10.84
C MET A 1 -10.61 -11.26 -11.65
N PRO A 2 -11.19 -10.31 -10.94
CA PRO A 2 -12.04 -9.30 -11.59
C PRO A 2 -11.19 -8.31 -12.39
N VAL A 3 -10.26 -7.66 -11.73
CA VAL A 3 -9.39 -6.69 -12.45
C VAL A 3 -8.15 -7.39 -13.01
N LYS A 4 -8.12 -7.64 -14.29
CA LYS A 4 -6.94 -8.33 -14.89
C LYS A 4 -5.89 -7.30 -15.31
N CYS A 5 -4.65 -7.52 -14.95
CA CYS A 5 -3.58 -6.55 -15.33
C CYS A 5 -2.73 -7.14 -16.47
N PRO A 6 -2.12 -6.27 -17.24
CA PRO A 6 -2.26 -4.80 -17.01
C PRO A 6 -3.62 -4.30 -17.51
N GLY A 7 -4.13 -3.25 -16.94
CA GLY A 7 -5.45 -2.72 -17.38
C GLY A 7 -5.71 -1.38 -16.69
N GLU A 8 -6.25 -0.43 -17.42
CA GLU A 8 -6.53 0.90 -16.80
C GLU A 8 -8.01 0.99 -16.41
N TYR A 9 -8.28 1.23 -15.16
CA TYR A 9 -9.70 1.34 -14.70
C TYR A 9 -9.89 2.62 -13.89
N GLN A 10 -11.10 3.09 -13.78
CA GLN A 10 -11.35 4.33 -12.98
C GLN A 10 -12.12 4.00 -11.69
N VAL A 11 -12.01 4.82 -10.70
CA VAL A 11 -12.73 4.56 -9.42
C VAL A 11 -13.52 5.80 -8.99
N ASP A 12 -14.82 5.77 -9.14
CA ASP A 12 -15.65 6.95 -8.74
C ASP A 12 -15.10 8.22 -9.39
N GLY A 13 -14.66 8.13 -10.61
CA GLY A 13 -14.13 9.34 -11.31
C GLY A 13 -12.61 9.41 -11.11
N LYS A 14 -11.98 8.29 -10.86
CA LYS A 14 -10.51 8.29 -10.67
C LYS A 14 -9.83 7.50 -11.78
N LYS A 15 -8.52 7.49 -11.81
CA LYS A 15 -7.80 6.74 -12.86
C LYS A 15 -6.70 5.88 -12.25
N VAL A 16 -6.58 4.65 -12.68
CA VAL A 16 -5.52 3.75 -12.11
C VAL A 16 -4.91 2.90 -13.23
N ILE A 17 -3.62 2.99 -13.41
CA ILE A 17 -2.97 2.18 -14.48
C ILE A 17 -2.30 0.94 -13.87
N LEU A 18 -2.86 -0.21 -14.10
CA LEU A 18 -2.26 -1.46 -13.54
C LEU A 18 -1.23 -2.04 -14.51
N ASP A 19 0.00 -2.13 -14.10
CA ASP A 19 1.05 -2.69 -15.01
C ASP A 19 0.85 -4.20 -15.17
N GLU A 20 1.78 -4.86 -15.83
CA GLU A 20 1.64 -6.34 -16.03
C GLU A 20 1.34 -7.02 -14.70
N ASP A 21 1.77 -6.45 -13.61
CA ASP A 21 1.50 -7.08 -12.28
C ASP A 21 0.63 -6.16 -11.42
N CYS A 22 -0.47 -5.70 -11.96
CA CYS A 22 -1.36 -4.79 -11.18
C CYS A 22 -0.53 -3.76 -10.42
N PHE A 23 0.58 -3.35 -10.97
CA PHE A 23 1.44 -2.34 -10.29
C PHE A 23 0.88 -0.93 -10.51
N MET A 24 1.20 -0.02 -9.64
CA MET A 24 0.69 1.38 -9.80
C MET A 24 1.75 2.26 -10.46
N GLN A 25 1.61 2.52 -11.73
CA GLN A 25 2.62 3.38 -12.42
C GLN A 25 2.18 4.85 -12.38
N ASN A 26 1.28 5.18 -11.50
CA ASN A 26 0.81 6.59 -11.40
C ASN A 26 0.43 6.92 -9.95
N PRO A 27 1.44 7.16 -9.16
CA PRO A 27 1.20 7.50 -7.72
C PRO A 27 0.65 8.92 -7.59
N GLU A 28 0.60 9.65 -8.67
CA GLU A 28 0.08 11.04 -8.60
C GLU A 28 -1.44 11.03 -8.40
N ASP A 29 -2.06 9.89 -8.57
CA ASP A 29 -3.54 9.80 -8.37
C ASP A 29 -3.86 8.87 -7.21
N TRP A 30 -3.03 8.85 -6.20
CA TRP A 30 -3.31 7.97 -5.03
C TRP A 30 -4.08 8.73 -3.95
N ASP A 31 -4.87 8.04 -3.18
CA ASP A 31 -5.66 8.73 -2.11
C ASP A 31 -6.20 7.70 -1.12
N GLU A 32 -7.04 8.13 -0.21
CA GLU A 32 -7.60 7.17 0.80
C GLU A 32 -8.55 6.19 0.11
N LYS A 33 -9.55 6.69 -0.55
CA LYS A 33 -10.52 5.77 -1.24
C LYS A 33 -9.78 4.87 -2.22
N VAL A 34 -8.81 5.39 -2.92
CA VAL A 34 -8.06 4.55 -3.90
C VAL A 34 -7.34 3.41 -3.17
N ALA A 35 -6.58 3.72 -2.16
CA ALA A 35 -5.85 2.65 -1.42
C ALA A 35 -6.82 1.54 -0.98
N GLU A 36 -7.91 1.90 -0.37
CA GLU A 36 -8.89 0.87 0.08
C GLU A 36 -9.38 0.05 -1.12
N TRP A 37 -9.65 0.70 -2.22
CA TRP A 37 -10.14 -0.05 -3.42
C TRP A 37 -9.16 -1.16 -3.79
N LEU A 38 -7.89 -0.85 -3.88
CA LEU A 38 -6.89 -1.89 -4.25
C LEU A 38 -6.88 -3.01 -3.20
N ALA A 39 -6.77 -2.67 -1.95
CA ALA A 39 -6.75 -3.71 -0.88
C ALA A 39 -7.94 -4.67 -1.05
N ARG A 40 -9.08 -4.15 -1.40
CA ARG A 40 -10.28 -5.03 -1.57
C ARG A 40 -10.13 -5.91 -2.81
N GLU A 41 -10.14 -5.30 -3.97
CA GLU A 41 -10.00 -6.10 -5.22
C GLU A 41 -8.92 -7.17 -5.07
N LEU A 42 -7.96 -6.95 -4.22
CA LEU A 42 -6.88 -7.96 -4.03
C LEU A 42 -7.33 -9.03 -3.04
N GLU A 43 -7.27 -8.75 -1.77
CA GLU A 43 -7.68 -9.77 -0.76
C GLU A 43 -9.20 -9.72 -0.57
N GLY A 44 -9.68 -8.78 0.20
CA GLY A 44 -11.15 -8.68 0.42
C GLY A 44 -11.42 -7.92 1.72
N ILE A 45 -10.65 -6.90 1.99
CA ILE A 45 -10.87 -6.12 3.24
C ILE A 45 -12.10 -5.22 3.09
N GLN A 46 -13.11 -5.46 3.88
CA GLN A 46 -14.34 -4.62 3.78
C GLN A 46 -14.00 -3.14 3.99
N LYS A 47 -13.20 -2.84 4.98
CA LYS A 47 -12.83 -1.43 5.24
C LYS A 47 -11.52 -1.35 6.03
N MET A 48 -10.53 -0.69 5.50
CA MET A 48 -9.23 -0.57 6.24
C MET A 48 -9.48 -0.22 7.70
N THR A 49 -9.07 -1.08 8.60
CA THR A 49 -9.28 -0.79 10.05
C THR A 49 -8.46 0.43 10.47
N GLU A 50 -8.56 0.83 11.71
CA GLU A 50 -7.79 2.01 12.17
C GLU A 50 -6.30 1.69 12.23
N GLU A 51 -5.97 0.42 12.35
CA GLU A 51 -4.53 0.04 12.42
C GLU A 51 -3.90 0.07 11.03
N HIS A 52 -4.66 -0.28 10.02
CA HIS A 52 -4.11 -0.27 8.64
C HIS A 52 -3.71 1.16 8.23
N TRP A 53 -4.58 2.10 8.43
CA TRP A 53 -4.25 3.52 8.05
C TRP A 53 -3.13 4.04 8.95
N LYS A 54 -3.11 3.65 10.19
CA LYS A 54 -2.05 4.15 11.11
C LYS A 54 -0.66 3.72 10.60
N LEU A 55 -0.42 2.45 10.50
CA LEU A 55 0.90 1.97 10.01
C LEU A 55 1.22 2.59 8.66
N VAL A 56 0.34 2.48 7.71
CA VAL A 56 0.60 3.06 6.36
C VAL A 56 0.91 4.57 6.48
N LYS A 57 0.37 5.21 7.47
CA LYS A 57 0.65 6.68 7.63
C LYS A 57 2.05 6.90 8.19
N TYR A 58 2.48 6.07 9.10
CA TYR A 58 3.84 6.23 9.68
C TYR A 58 4.92 6.02 8.62
N LEU A 59 4.75 5.01 7.79
CA LEU A 59 5.76 4.75 6.73
C LEU A 59 5.77 5.89 5.71
N ARG A 60 4.62 6.42 5.38
CA ARG A 60 4.57 7.54 4.40
C ARG A 60 5.46 8.69 4.85
N GLU A 61 5.51 8.94 6.13
CA GLU A 61 6.36 10.06 6.64
C GLU A 61 7.82 9.85 6.24
N TYR A 62 8.32 8.65 6.39
CA TYR A 62 9.73 8.38 6.02
C TYR A 62 9.90 8.44 4.50
N TRP A 63 8.89 8.08 3.76
CA TRP A 63 8.98 8.12 2.27
C TRP A 63 9.08 9.57 1.79
N GLU A 64 8.82 10.51 2.65
CA GLU A 64 8.89 11.95 2.24
C GLU A 64 10.36 12.41 2.19
N THR A 65 11.10 12.12 3.22
CA THR A 65 12.54 12.54 3.24
C THR A 65 13.43 11.44 2.65
N PHE A 66 13.30 10.24 3.15
CA PHE A 66 14.14 9.13 2.62
C PHE A 66 13.56 8.61 1.29
N GLY A 67 12.49 7.86 1.37
CA GLY A 67 11.87 7.33 0.12
C GLY A 67 12.14 5.83 0.02
N THR A 68 12.51 5.20 1.11
CA THR A 68 12.77 3.74 1.07
C THR A 68 11.76 2.99 1.95
N CYS A 69 11.38 1.80 1.57
CA CYS A 69 10.41 1.03 2.38
C CYS A 69 11.11 -0.11 3.13
N PRO A 70 11.39 0.14 4.38
CA PRO A 70 12.07 -0.88 5.22
C PRO A 70 11.12 -2.03 5.56
N PRO A 71 11.65 -3.04 6.19
CA PRO A 71 10.85 -4.21 6.57
C PRO A 71 9.93 -3.86 7.75
N ILE A 72 9.46 -4.85 8.47
CA ILE A 72 8.56 -4.58 9.63
C ILE A 72 9.14 -5.21 10.90
N LYS A 73 10.36 -4.89 11.23
CA LYS A 73 10.98 -5.46 12.45
C LYS A 73 11.83 -4.41 13.16
N MET A 74 12.62 -3.68 12.41
CA MET A 74 13.48 -2.63 13.03
C MET A 74 12.63 -1.42 13.44
N VAL A 75 11.48 -1.27 12.85
CA VAL A 75 10.61 -0.11 13.20
C VAL A 75 10.00 -0.31 14.59
N THR A 76 9.74 -1.53 14.96
CA THR A 76 9.15 -1.79 16.31
C THR A 76 9.86 -0.96 17.38
N LYS A 77 11.14 -0.71 17.19
CA LYS A 77 11.88 0.10 18.20
C LYS A 77 11.20 1.47 18.39
N GLU A 78 10.94 2.17 17.33
CA GLU A 78 10.28 3.50 17.44
C GLU A 78 8.81 3.32 17.84
N THR A 79 8.02 2.74 16.99
CA THR A 79 6.58 2.54 17.32
C THR A 79 6.43 1.50 18.45
N GLY A 80 6.69 0.26 18.16
CA GLY A 80 6.57 -0.79 19.20
C GLY A 80 5.29 -1.60 18.98
N PHE A 81 4.66 -1.41 17.85
CA PHE A 81 3.40 -2.17 17.57
C PHE A 81 3.62 -3.67 17.79
N SER A 82 2.58 -4.44 17.75
CA SER A 82 2.74 -5.91 17.96
C SER A 82 2.82 -6.62 16.61
N LEU A 83 3.64 -7.63 16.50
CA LEU A 83 3.77 -8.36 15.21
C LEU A 83 2.48 -9.15 14.93
N GLU A 84 1.79 -9.57 15.95
CA GLU A 84 0.54 -10.34 15.74
C GLU A 84 -0.47 -9.50 14.96
N LYS A 85 -0.80 -8.34 15.46
CA LYS A 85 -1.78 -7.48 14.75
C LYS A 85 -1.37 -7.31 13.29
N ILE A 86 -0.19 -6.84 13.04
CA ILE A 86 0.27 -6.65 11.64
C ILE A 86 0.16 -7.97 10.87
N TYR A 87 0.25 -9.08 11.56
CA TYR A 87 0.16 -10.40 10.87
C TYR A 87 -1.26 -10.63 10.33
N GLN A 88 -2.24 -10.60 11.20
CA GLN A 88 -3.63 -10.82 10.74
C GLN A 88 -4.03 -9.78 9.70
N LEU A 89 -3.52 -8.58 9.83
CA LEU A 89 -3.87 -7.52 8.84
C LEU A 89 -3.30 -7.87 7.46
N PHE A 90 -2.03 -8.19 7.40
CA PHE A 90 -1.42 -8.55 6.08
C PHE A 90 -0.67 -9.88 6.21
N PRO A 91 -0.96 -10.78 5.31
CA PRO A 91 -0.30 -12.11 5.32
C PRO A 91 1.14 -11.99 4.84
N SER A 92 1.98 -12.92 5.23
CA SER A 92 3.40 -12.86 4.79
C SER A 92 4.03 -11.52 5.21
N GLY A 93 3.59 -10.97 6.31
CA GLY A 93 4.17 -9.68 6.77
C GLY A 93 3.89 -8.59 5.73
N PRO A 94 3.70 -7.39 6.20
CA PRO A 94 3.42 -6.26 5.30
C PRO A 94 4.69 -5.85 4.53
N ALA A 95 5.44 -4.92 5.07
CA ALA A 95 6.69 -4.48 4.37
C ALA A 95 6.41 -4.18 2.89
N HIS A 96 6.52 -5.16 2.04
CA HIS A 96 6.25 -4.93 0.60
C HIS A 96 4.76 -4.64 0.36
N GLY A 97 3.91 -5.40 0.97
CA GLY A 97 2.45 -5.17 0.78
C GLY A 97 2.05 -3.81 1.35
N ALA A 98 2.59 -3.46 2.49
CA ALA A 98 2.25 -2.14 3.11
C ALA A 98 2.56 -1.01 2.13
N CYS A 99 3.72 -1.01 1.55
CA CYS A 99 4.09 0.08 0.58
C CYS A 99 3.17 0.01 -0.64
N LYS A 100 3.12 -1.12 -1.29
CA LYS A 100 2.24 -1.24 -2.50
C LYS A 100 0.89 -0.56 -2.25
N VAL A 101 0.26 -0.87 -1.15
CA VAL A 101 -1.06 -0.25 -0.85
C VAL A 101 -0.90 1.26 -0.63
N ALA A 102 0.17 1.66 0.00
CA ALA A 102 0.39 3.12 0.24
C ALA A 102 0.76 3.82 -1.06
N GLY A 103 1.00 3.06 -2.10
CA GLY A 103 1.38 3.69 -3.40
C GLY A 103 2.71 4.41 -3.26
N ALA A 104 3.70 3.76 -2.69
CA ALA A 104 5.02 4.41 -2.52
C ALA A 104 6.03 3.84 -3.54
N PRO A 105 6.43 4.68 -4.45
CA PRO A 105 7.40 4.25 -5.50
C PRO A 105 8.80 4.09 -4.89
N LYS A 106 9.74 3.68 -5.69
CA LYS A 106 11.13 3.50 -5.15
C LYS A 106 12.04 4.61 -5.69
N PRO A 107 13.24 4.64 -5.17
CA PRO A 107 14.22 5.66 -5.59
C PRO A 107 14.75 5.36 -7.00
N THR A 108 14.05 5.78 -8.01
CA THR A 108 14.50 5.52 -9.40
C THR A 108 14.55 6.82 -10.20
N GLY A 109 13.50 7.59 -10.16
CA GLY A 109 13.48 8.87 -10.92
C GLY A 109 12.58 9.88 -10.21
N CYS A 110 13.11 11.01 -9.83
CA CYS A 110 12.29 12.02 -9.12
C CYS A 110 11.74 11.44 -7.81
N VAL A 111 12.42 10.49 -7.25
CA VAL A 111 11.93 9.88 -5.97
C VAL A 111 10.49 9.39 -6.13
N MET A 1 -15.81 -5.84 -14.15
CA MET A 1 -15.96 -6.75 -12.97
C MET A 1 -14.62 -7.41 -12.63
N PRO A 2 -14.10 -8.13 -13.58
CA PRO A 2 -12.80 -8.82 -13.39
C PRO A 2 -11.65 -7.80 -13.37
N VAL A 3 -10.65 -8.02 -12.56
CA VAL A 3 -9.52 -7.07 -12.50
C VAL A 3 -8.20 -7.79 -12.82
N LYS A 4 -7.23 -7.08 -13.33
CA LYS A 4 -5.93 -7.73 -13.66
C LYS A 4 -4.93 -6.68 -14.13
N CYS A 5 -3.66 -6.91 -13.92
CA CYS A 5 -2.64 -5.92 -14.36
C CYS A 5 -1.59 -6.60 -15.26
N PRO A 6 -0.87 -5.79 -16.00
CA PRO A 6 -1.05 -4.32 -15.96
C PRO A 6 -2.33 -3.92 -16.71
N GLY A 7 -3.00 -2.90 -16.25
CA GLY A 7 -4.25 -2.47 -16.94
C GLY A 7 -4.74 -1.15 -16.33
N GLU A 8 -5.44 -0.35 -17.09
CA GLU A 8 -5.93 0.95 -16.56
C GLU A 8 -7.44 0.86 -16.24
N TYR A 9 -7.86 1.48 -15.17
CA TYR A 9 -9.30 1.42 -14.81
C TYR A 9 -9.69 2.67 -14.02
N GLN A 10 -10.92 3.10 -14.13
CA GLN A 10 -11.35 4.31 -13.37
C GLN A 10 -12.21 3.91 -12.17
N VAL A 11 -11.82 4.34 -10.99
CA VAL A 11 -12.61 3.99 -9.77
C VAL A 11 -13.41 5.20 -9.29
N ASP A 12 -14.71 5.08 -9.26
CA ASP A 12 -15.54 6.23 -8.80
C ASP A 12 -15.22 7.49 -9.63
N GLY A 13 -14.27 8.26 -9.18
CA GLY A 13 -13.92 9.50 -9.95
C GLY A 13 -12.40 9.70 -9.92
N LYS A 14 -11.66 8.68 -10.26
CA LYS A 14 -10.17 8.81 -10.26
C LYS A 14 -9.56 7.88 -11.30
N LYS A 15 -8.36 8.15 -11.72
CA LYS A 15 -7.71 7.28 -12.74
C LYS A 15 -6.64 6.40 -12.08
N VAL A 16 -6.84 5.11 -12.09
CA VAL A 16 -5.84 4.19 -11.47
C VAL A 16 -5.06 3.44 -12.55
N ILE A 17 -3.76 3.45 -12.47
CA ILE A 17 -2.95 2.74 -13.51
C ILE A 17 -2.18 1.57 -12.88
N LEU A 18 -2.47 0.37 -13.28
CA LEU A 18 -1.76 -0.80 -12.69
C LEU A 18 -0.58 -1.19 -13.59
N ASP A 19 0.62 -0.98 -13.14
CA ASP A 19 1.81 -1.33 -13.98
C ASP A 19 2.03 -2.85 -13.97
N GLU A 20 3.20 -3.29 -14.33
CA GLU A 20 3.47 -4.75 -14.35
C GLU A 20 3.39 -5.32 -12.92
N ASP A 21 2.77 -6.47 -12.78
CA ASP A 21 2.66 -7.08 -11.42
C ASP A 21 1.77 -6.22 -10.52
N CYS A 22 0.82 -5.53 -11.09
CA CYS A 22 -0.08 -4.67 -10.26
C CYS A 22 0.75 -3.67 -9.45
N PHE A 23 1.64 -2.97 -10.09
CA PHE A 23 2.47 -1.98 -9.35
C PHE A 23 1.85 -0.59 -9.43
N MET A 24 1.32 -0.09 -8.35
CA MET A 24 0.70 1.26 -8.37
C MET A 24 1.67 2.28 -8.94
N GLN A 25 1.44 2.74 -10.15
CA GLN A 25 2.36 3.73 -10.77
C GLN A 25 1.68 5.10 -10.85
N ASN A 26 0.88 5.43 -9.88
CA ASN A 26 0.18 6.75 -9.89
C ASN A 26 -0.09 7.23 -8.47
N PRO A 27 0.96 7.55 -7.78
CA PRO A 27 0.84 8.02 -6.38
C PRO A 27 0.29 9.45 -6.34
N GLU A 28 0.16 10.07 -7.48
CA GLU A 28 -0.38 11.47 -7.51
C GLU A 28 -1.90 11.45 -7.37
N ASP A 29 -2.56 10.61 -8.13
CA ASP A 29 -4.05 10.55 -8.04
C ASP A 29 -4.48 9.63 -6.89
N TRP A 30 -3.53 9.00 -6.24
CA TRP A 30 -3.89 8.10 -5.10
C TRP A 30 -4.67 8.88 -4.04
N ASP A 31 -5.48 8.20 -3.28
CA ASP A 31 -6.27 8.90 -2.23
C ASP A 31 -6.87 7.89 -1.24
N GLU A 32 -7.89 8.28 -0.52
CA GLU A 32 -8.52 7.34 0.45
C GLU A 32 -9.35 6.29 -0.29
N LYS A 33 -10.30 6.73 -1.08
CA LYS A 33 -11.15 5.75 -1.82
C LYS A 33 -10.29 4.83 -2.69
N VAL A 34 -9.28 5.36 -3.31
CA VAL A 34 -8.40 4.52 -4.16
C VAL A 34 -7.67 3.48 -3.31
N ALA A 35 -7.06 3.89 -2.23
CA ALA A 35 -6.33 2.92 -1.36
C ALA A 35 -7.28 1.79 -0.94
N GLU A 36 -8.44 2.12 -0.46
CA GLU A 36 -9.40 1.07 -0.03
C GLU A 36 -9.70 0.11 -1.19
N TRP A 37 -10.17 0.62 -2.29
CA TRP A 37 -10.48 -0.25 -3.46
C TRP A 37 -9.29 -1.16 -3.75
N LEU A 38 -8.10 -0.70 -3.51
CA LEU A 38 -6.89 -1.54 -3.79
C LEU A 38 -6.85 -2.73 -2.82
N ALA A 39 -6.76 -2.47 -1.54
CA ALA A 39 -6.71 -3.58 -0.56
C ALA A 39 -7.83 -4.59 -0.85
N ARG A 40 -9.03 -4.13 -1.06
CA ARG A 40 -10.15 -5.06 -1.36
C ARG A 40 -9.90 -5.79 -2.69
N GLU A 41 -9.28 -5.11 -3.62
CA GLU A 41 -9.01 -5.75 -4.94
C GLU A 41 -8.06 -6.94 -4.77
N LEU A 42 -7.15 -6.86 -3.83
CA LEU A 42 -6.19 -7.98 -3.62
C LEU A 42 -6.74 -8.95 -2.58
N GLU A 43 -6.73 -8.57 -1.33
CA GLU A 43 -7.26 -9.47 -0.27
C GLU A 43 -8.78 -9.35 -0.18
N GLY A 44 -9.28 -8.30 0.40
CA GLY A 44 -10.76 -8.13 0.52
C GLY A 44 -11.10 -7.49 1.87
N ILE A 45 -10.75 -6.25 2.05
CA ILE A 45 -11.05 -5.57 3.36
C ILE A 45 -12.34 -4.76 3.24
N GLN A 46 -13.37 -5.15 3.96
CA GLN A 46 -14.66 -4.41 3.88
C GLN A 46 -14.40 -2.90 3.99
N LYS A 47 -13.36 -2.50 4.66
CA LYS A 47 -13.05 -1.05 4.80
C LYS A 47 -11.77 -0.85 5.59
N MET A 48 -10.87 -0.05 5.09
CA MET A 48 -9.58 0.19 5.81
C MET A 48 -9.85 0.41 7.30
N THR A 49 -9.18 -0.31 8.16
CA THR A 49 -9.40 -0.14 9.61
C THR A 49 -8.46 0.94 10.17
N GLU A 50 -8.55 1.22 11.44
CA GLU A 50 -7.66 2.26 12.04
C GLU A 50 -6.21 1.79 12.04
N GLU A 51 -5.99 0.56 12.42
CA GLU A 51 -4.59 0.04 12.45
C GLU A 51 -3.99 0.07 11.04
N HIS A 52 -4.76 -0.25 10.04
CA HIS A 52 -4.23 -0.24 8.65
C HIS A 52 -3.86 1.19 8.25
N TRP A 53 -4.83 2.07 8.17
CA TRP A 53 -4.53 3.48 7.78
C TRP A 53 -3.32 3.99 8.56
N LYS A 54 -3.22 3.64 9.81
CA LYS A 54 -2.07 4.11 10.63
C LYS A 54 -0.74 3.63 10.01
N LEU A 55 -0.59 2.35 9.84
CA LEU A 55 0.68 1.82 9.25
C LEU A 55 1.00 2.57 7.94
N VAL A 56 0.07 2.59 7.03
CA VAL A 56 0.31 3.29 5.73
C VAL A 56 0.77 4.74 6.00
N LYS A 57 0.27 5.35 7.04
CA LYS A 57 0.68 6.74 7.35
C LYS A 57 2.15 6.78 7.77
N TYR A 58 2.49 6.13 8.85
CA TYR A 58 3.90 6.13 9.31
C TYR A 58 4.85 5.89 8.14
N LEU A 59 4.46 5.06 7.21
CA LEU A 59 5.34 4.79 6.04
C LEU A 59 5.41 6.02 5.13
N ARG A 60 4.29 6.60 4.81
CA ARG A 60 4.30 7.81 3.93
C ARG A 60 5.42 8.76 4.34
N GLU A 61 5.65 8.90 5.62
CA GLU A 61 6.73 9.82 6.08
C GLU A 61 8.11 9.29 5.63
N TYR A 62 8.41 8.06 5.98
CA TYR A 62 9.73 7.49 5.57
C TYR A 62 9.97 7.70 4.08
N TRP A 63 8.98 7.46 3.27
CA TRP A 63 9.15 7.64 1.80
C TRP A 63 9.43 9.11 1.47
N GLU A 64 8.66 10.00 2.03
CA GLU A 64 8.88 11.45 1.75
C GLU A 64 10.32 11.84 2.09
N THR A 65 11.00 11.04 2.87
CA THR A 65 12.40 11.37 3.23
C THR A 65 13.36 10.94 2.12
N PHE A 66 13.21 9.74 1.64
CA PHE A 66 14.10 9.26 0.55
C PHE A 66 13.29 8.51 -0.52
N GLY A 67 12.29 7.79 -0.12
CA GLY A 67 11.45 7.04 -1.11
C GLY A 67 11.82 5.56 -1.07
N THR A 68 11.72 4.95 0.08
CA THR A 68 12.06 3.49 0.19
C THR A 68 10.92 2.74 0.87
N CYS A 69 10.84 1.45 0.64
CA CYS A 69 9.74 0.66 1.27
C CYS A 69 10.34 -0.46 2.14
N PRO A 70 10.62 -0.11 3.37
CA PRO A 70 11.20 -1.08 4.32
C PRO A 70 10.14 -2.12 4.75
N PRO A 71 10.61 -3.16 5.39
CA PRO A 71 9.69 -4.22 5.85
C PRO A 71 8.88 -3.75 7.06
N ILE A 72 9.38 -3.96 8.24
CA ILE A 72 8.63 -3.52 9.46
C ILE A 72 9.47 -3.76 10.72
N LYS A 73 10.47 -2.96 10.93
CA LYS A 73 11.32 -3.15 12.15
C LYS A 73 11.37 -1.85 12.97
N MET A 74 11.92 -0.82 12.40
CA MET A 74 12.01 0.48 13.15
C MET A 74 10.60 1.03 13.40
N VAL A 75 9.61 0.47 12.77
CA VAL A 75 8.21 0.95 12.97
C VAL A 75 7.73 0.60 14.38
N THR A 76 7.96 -0.62 14.80
CA THR A 76 7.51 -1.02 16.16
C THR A 76 8.25 -0.21 17.23
N LYS A 77 9.52 0.02 17.04
CA LYS A 77 10.29 0.81 18.05
C LYS A 77 9.57 2.13 18.36
N GLU A 78 8.85 2.66 17.41
CA GLU A 78 8.13 3.93 17.65
C GLU A 78 6.64 3.67 17.88
N THR A 79 5.93 3.29 16.86
CA THR A 79 4.47 3.02 17.03
C THR A 79 4.25 2.08 18.22
N GLY A 80 4.92 0.97 18.25
CA GLY A 80 4.75 0.01 19.38
C GLY A 80 3.80 -1.11 18.96
N PHE A 81 3.78 -1.44 17.71
CA PHE A 81 2.86 -2.52 17.24
C PHE A 81 3.63 -3.84 17.08
N SER A 82 3.24 -4.85 17.80
CA SER A 82 3.94 -6.16 17.69
C SER A 82 3.73 -6.77 16.31
N LEU A 83 4.71 -7.48 15.80
CA LEU A 83 4.55 -8.10 14.46
C LEU A 83 3.31 -8.99 14.41
N GLU A 84 2.92 -9.53 15.54
CA GLU A 84 1.72 -10.42 15.56
C GLU A 84 0.50 -9.65 15.06
N LYS A 85 0.32 -8.44 15.51
CA LYS A 85 -0.86 -7.64 15.06
C LYS A 85 -0.78 -7.38 13.56
N ILE A 86 0.32 -6.85 13.09
CA ILE A 86 0.45 -6.58 11.62
C ILE A 86 0.15 -7.85 10.82
N TYR A 87 0.43 -9.00 11.38
CA TYR A 87 0.15 -10.26 10.65
C TYR A 87 -1.34 -10.59 10.68
N GLN A 88 -2.00 -10.29 11.77
CA GLN A 88 -3.45 -10.58 11.86
C GLN A 88 -4.24 -9.76 10.84
N LEU A 89 -3.93 -8.49 10.73
CA LEU A 89 -4.65 -7.63 9.75
C LEU A 89 -4.11 -7.88 8.34
N PHE A 90 -2.82 -7.75 8.15
CA PHE A 90 -2.23 -7.96 6.81
C PHE A 90 -1.87 -9.44 6.61
N PRO A 91 -1.64 -9.79 5.38
CA PRO A 91 -1.28 -11.19 5.04
C PRO A 91 0.17 -11.49 5.45
N SER A 92 0.63 -12.68 5.21
CA SER A 92 2.03 -13.03 5.59
C SER A 92 3.03 -12.23 4.76
N GLY A 93 3.35 -11.04 5.18
CA GLY A 93 4.32 -10.21 4.41
C GLY A 93 3.80 -8.78 4.31
N PRO A 94 4.01 -8.04 5.38
CA PRO A 94 3.56 -6.63 5.42
C PRO A 94 4.46 -5.75 4.54
N ALA A 95 5.44 -6.33 3.92
CA ALA A 95 6.36 -5.53 3.05
C ALA A 95 5.70 -5.26 1.69
N HIS A 96 5.26 -6.29 1.02
CA HIS A 96 4.62 -6.10 -0.31
C HIS A 96 3.18 -5.58 -0.14
N GLY A 97 2.58 -5.83 1.00
CA GLY A 97 1.18 -5.36 1.22
C GLY A 97 1.18 -3.86 1.54
N ALA A 98 1.64 -3.51 2.71
CA ALA A 98 1.66 -2.07 3.10
C ALA A 98 2.13 -1.20 1.93
N CYS A 99 3.07 -1.69 1.17
CA CYS A 99 3.57 -0.89 0.00
C CYS A 99 2.51 -0.83 -1.10
N LYS A 100 1.99 -1.96 -1.50
CA LYS A 100 0.96 -1.96 -2.58
C LYS A 100 -0.11 -0.91 -2.29
N VAL A 101 -0.56 -0.83 -1.07
CA VAL A 101 -1.62 0.17 -0.72
C VAL A 101 -1.04 1.58 -0.78
N ALA A 102 0.02 1.83 -0.06
CA ALA A 102 0.63 3.20 -0.09
C ALA A 102 0.70 3.72 -1.52
N GLY A 103 0.94 2.87 -2.47
CA GLY A 103 1.02 3.31 -3.88
C GLY A 103 2.41 3.86 -4.17
N ALA A 104 3.42 3.05 -4.07
CA ALA A 104 4.80 3.53 -4.34
C ALA A 104 5.82 2.40 -4.10
N PRO A 105 5.91 1.54 -5.07
CA PRO A 105 6.85 0.39 -4.99
C PRO A 105 8.30 0.86 -5.15
N LYS A 106 9.23 -0.04 -5.23
CA LYS A 106 10.66 0.37 -5.38
C LYS A 106 10.94 0.72 -6.85
N PRO A 107 12.06 1.36 -7.05
CA PRO A 107 12.47 1.77 -8.42
C PRO A 107 12.92 0.55 -9.23
N THR A 108 12.51 0.45 -10.46
CA THR A 108 12.92 -0.72 -11.30
C THR A 108 14.41 -0.64 -11.61
N GLY A 109 14.90 0.52 -11.97
CA GLY A 109 16.34 0.66 -12.29
C GLY A 109 16.52 0.80 -13.80
N CYS A 110 15.63 1.50 -14.45
CA CYS A 110 15.74 1.68 -15.92
C CYS A 110 17.17 2.11 -16.30
N VAL A 111 17.47 2.15 -17.56
CA VAL A 111 18.85 2.57 -17.98
C VAL A 111 18.77 3.50 -19.19
N MET A 1 -12.58 -13.90 -8.80
CA MET A 1 -12.29 -13.19 -10.07
C MET A 1 -11.08 -12.26 -9.89
N PRO A 2 -9.93 -12.77 -10.22
CA PRO A 2 -8.68 -11.97 -10.10
C PRO A 2 -8.62 -10.91 -11.20
N VAL A 3 -7.96 -9.81 -10.95
CA VAL A 3 -7.87 -8.74 -11.98
C VAL A 3 -6.90 -9.16 -13.09
N LYS A 4 -7.34 -9.15 -14.31
CA LYS A 4 -6.44 -9.56 -15.43
C LYS A 4 -5.55 -8.39 -15.84
N CYS A 5 -4.45 -8.21 -15.14
CA CYS A 5 -3.52 -7.09 -15.48
C CYS A 5 -2.60 -7.51 -16.64
N PRO A 6 -2.13 -6.53 -17.38
CA PRO A 6 -2.47 -5.11 -17.11
C PRO A 6 -3.90 -4.80 -17.58
N GLY A 7 -4.45 -3.71 -17.16
CA GLY A 7 -5.84 -3.35 -17.58
C GLY A 7 -6.22 -1.99 -17.00
N GLU A 8 -7.21 -1.35 -17.56
CA GLU A 8 -7.63 -0.02 -17.04
C GLU A 8 -8.92 -0.16 -16.22
N TYR A 9 -9.14 0.71 -15.28
CA TYR A 9 -10.38 0.64 -14.45
C TYR A 9 -10.75 2.02 -13.93
N GLN A 10 -12.03 2.31 -13.83
CA GLN A 10 -12.44 3.65 -13.31
C GLN A 10 -12.86 3.54 -11.85
N VAL A 11 -12.38 4.41 -11.01
CA VAL A 11 -12.74 4.34 -9.56
C VAL A 11 -13.22 5.70 -9.06
N ASP A 12 -14.50 5.84 -8.78
CA ASP A 12 -15.02 7.13 -8.28
C ASP A 12 -14.89 8.21 -9.36
N GLY A 13 -14.90 7.83 -10.60
CA GLY A 13 -14.77 8.84 -11.69
C GLY A 13 -13.30 9.13 -11.97
N LYS A 14 -12.42 8.37 -11.36
CA LYS A 14 -10.96 8.60 -11.59
C LYS A 14 -10.43 7.60 -12.62
N LYS A 15 -9.22 7.78 -13.06
CA LYS A 15 -8.65 6.83 -14.06
C LYS A 15 -7.46 6.07 -13.47
N VAL A 16 -7.51 4.77 -13.47
CA VAL A 16 -6.39 3.97 -12.90
C VAL A 16 -5.84 3.01 -13.95
N ILE A 17 -4.54 2.88 -14.03
CA ILE A 17 -3.95 1.95 -15.05
C ILE A 17 -3.11 0.88 -14.35
N LEU A 18 -3.65 -0.29 -14.18
CA LEU A 18 -2.88 -1.39 -13.51
C LEU A 18 -1.82 -1.94 -14.46
N ASP A 19 -0.57 -1.83 -14.09
CA ASP A 19 0.51 -2.35 -14.96
C ASP A 19 0.34 -3.85 -15.20
N GLU A 20 1.30 -4.49 -15.83
CA GLU A 20 1.18 -5.95 -16.08
C GLU A 20 1.12 -6.71 -14.74
N ASP A 21 1.44 -6.06 -13.66
CA ASP A 21 1.41 -6.76 -12.34
C ASP A 21 0.40 -6.08 -11.42
N CYS A 22 -0.76 -5.73 -11.93
CA CYS A 22 -1.78 -5.08 -11.08
C CYS A 22 -1.14 -4.01 -10.20
N PHE A 23 -0.12 -3.34 -10.70
CA PHE A 23 0.55 -2.28 -9.89
C PHE A 23 0.10 -0.89 -10.36
N MET A 24 -0.56 -0.15 -9.52
CA MET A 24 -1.03 1.21 -9.92
C MET A 24 0.08 1.93 -10.71
N GLN A 25 -0.28 2.60 -11.77
CA GLN A 25 0.75 3.32 -12.58
C GLN A 25 0.59 4.84 -12.39
N ASN A 26 -0.11 5.26 -11.37
CA ASN A 26 -0.30 6.71 -11.14
C ASN A 26 0.18 7.10 -9.73
N PRO A 27 1.46 6.99 -9.54
CA PRO A 27 2.06 7.33 -8.22
C PRO A 27 2.08 8.86 -8.02
N GLU A 28 1.71 9.59 -9.03
CA GLU A 28 1.71 11.08 -8.88
C GLU A 28 0.48 11.54 -8.09
N ASP A 29 -0.62 10.84 -8.22
CA ASP A 29 -1.84 11.23 -7.47
C ASP A 29 -1.97 10.39 -6.19
N TRP A 30 -2.48 9.20 -6.30
CA TRP A 30 -2.64 8.34 -5.09
C TRP A 30 -3.53 9.03 -4.06
N ASP A 31 -4.62 8.40 -3.70
CA ASP A 31 -5.53 9.03 -2.69
C ASP A 31 -5.98 7.98 -1.67
N GLU A 32 -6.76 8.38 -0.70
CA GLU A 32 -7.24 7.41 0.32
C GLU A 32 -8.15 6.37 -0.32
N LYS A 33 -9.28 6.78 -0.82
CA LYS A 33 -10.21 5.80 -1.47
C LYS A 33 -9.44 4.90 -2.43
N VAL A 34 -8.38 5.39 -3.01
CA VAL A 34 -7.59 4.56 -3.96
C VAL A 34 -6.87 3.43 -3.22
N ALA A 35 -5.99 3.76 -2.32
CA ALA A 35 -5.26 2.71 -1.57
C ALA A 35 -6.25 1.68 -1.00
N GLU A 36 -7.35 2.12 -0.47
CA GLU A 36 -8.35 1.17 0.10
C GLU A 36 -8.94 0.30 -1.01
N TRP A 37 -9.14 0.86 -2.18
CA TRP A 37 -9.72 0.05 -3.29
C TRP A 37 -8.76 -1.07 -3.70
N LEU A 38 -7.49 -0.79 -3.78
CA LEU A 38 -6.52 -1.84 -4.18
C LEU A 38 -6.44 -2.93 -3.11
N ALA A 39 -6.15 -2.56 -1.89
CA ALA A 39 -6.06 -3.58 -0.80
C ALA A 39 -7.35 -4.39 -0.72
N ARG A 40 -8.47 -3.79 -1.04
CA ARG A 40 -9.75 -4.54 -0.99
C ARG A 40 -9.86 -5.52 -2.16
N GLU A 41 -9.37 -5.14 -3.30
CA GLU A 41 -9.44 -6.05 -4.49
C GLU A 41 -8.46 -7.22 -4.33
N LEU A 42 -7.40 -7.02 -3.60
CA LEU A 42 -6.40 -8.12 -3.40
C LEU A 42 -6.88 -9.08 -2.31
N GLU A 43 -7.40 -8.56 -1.23
CA GLU A 43 -7.88 -9.46 -0.14
C GLU A 43 -9.41 -9.41 -0.05
N GLY A 44 -9.94 -8.43 0.63
CA GLY A 44 -11.43 -8.32 0.74
C GLY A 44 -11.78 -7.41 1.92
N ILE A 45 -11.04 -6.36 2.10
CA ILE A 45 -11.33 -5.42 3.23
C ILE A 45 -12.55 -4.56 2.90
N GLN A 46 -13.72 -5.04 3.23
CA GLN A 46 -14.96 -4.25 2.94
C GLN A 46 -14.75 -2.79 3.35
N LYS A 47 -13.95 -2.55 4.35
CA LYS A 47 -13.71 -1.16 4.81
C LYS A 47 -12.35 -1.05 5.50
N MET A 48 -11.55 -0.09 5.12
CA MET A 48 -10.21 0.06 5.75
C MET A 48 -10.36 0.24 7.26
N THR A 49 -9.62 -0.52 8.04
CA THR A 49 -9.73 -0.39 9.52
C THR A 49 -8.79 0.71 10.03
N GLU A 50 -9.03 1.22 11.20
CA GLU A 50 -8.17 2.30 11.74
C GLU A 50 -6.70 1.83 11.82
N GLU A 51 -6.49 0.59 12.21
CA GLU A 51 -5.09 0.07 12.31
C GLU A 51 -4.39 0.18 10.96
N HIS A 52 -5.10 -0.05 9.89
CA HIS A 52 -4.47 0.04 8.54
C HIS A 52 -3.99 1.47 8.26
N TRP A 53 -4.90 2.40 8.18
CA TRP A 53 -4.50 3.82 7.91
C TRP A 53 -3.46 4.28 8.95
N LYS A 54 -3.47 3.71 10.12
CA LYS A 54 -2.48 4.13 11.16
C LYS A 54 -1.06 3.74 10.72
N LEU A 55 -0.79 2.46 10.67
CA LEU A 55 0.58 2.02 10.26
C LEU A 55 0.98 2.71 8.95
N VAL A 56 0.10 2.73 7.98
CA VAL A 56 0.42 3.38 6.69
C VAL A 56 0.89 4.82 6.92
N LYS A 57 0.17 5.57 7.71
CA LYS A 57 0.58 6.98 7.98
C LYS A 57 2.01 7.02 8.51
N TYR A 58 2.34 6.15 9.43
CA TYR A 58 3.72 6.14 9.99
C TYR A 58 4.74 5.96 8.86
N LEU A 59 4.64 4.88 8.11
CA LEU A 59 5.61 4.64 7.01
C LEU A 59 5.69 5.88 6.11
N ARG A 60 4.60 6.59 5.94
CA ARG A 60 4.62 7.80 5.07
C ARG A 60 5.75 8.75 5.50
N GLU A 61 5.75 9.16 6.74
CA GLU A 61 6.82 10.08 7.22
C GLU A 61 8.20 9.61 6.75
N TYR A 62 8.42 8.32 6.74
CA TYR A 62 9.74 7.79 6.29
C TYR A 62 9.91 7.97 4.78
N TRP A 63 8.85 7.80 4.03
CA TRP A 63 8.95 7.95 2.56
C TRP A 63 9.15 9.42 2.18
N GLU A 64 9.15 10.30 3.14
CA GLU A 64 9.34 11.74 2.84
C GLU A 64 10.71 12.21 3.33
N THR A 65 11.25 11.55 4.32
CA THR A 65 12.58 11.97 4.85
C THR A 65 13.70 11.27 4.08
N PHE A 66 13.83 9.98 4.25
CA PHE A 66 14.91 9.23 3.53
C PHE A 66 14.35 8.64 2.23
N GLY A 67 13.20 8.03 2.29
CA GLY A 67 12.60 7.43 1.07
C GLY A 67 13.09 5.99 0.91
N THR A 68 12.67 5.12 1.78
CA THR A 68 13.11 3.70 1.68
C THR A 68 12.04 2.76 2.25
N CYS A 69 12.09 1.51 1.91
CA CYS A 69 11.07 0.54 2.44
C CYS A 69 11.73 -0.43 3.42
N PRO A 70 11.84 0.01 4.64
CA PRO A 70 12.45 -0.83 5.70
C PRO A 70 11.50 -1.96 6.11
N PRO A 71 12.01 -2.85 6.92
CA PRO A 71 11.21 -4.01 7.38
C PRO A 71 10.17 -3.55 8.41
N ILE A 72 9.63 -4.45 9.18
CA ILE A 72 8.61 -4.07 10.20
C ILE A 72 9.11 -4.43 11.60
N LYS A 73 10.33 -4.88 11.72
CA LYS A 73 10.87 -5.25 13.06
C LYS A 73 11.15 -3.98 13.88
N MET A 74 11.59 -2.93 13.25
CA MET A 74 11.88 -1.68 14.00
C MET A 74 10.58 -0.89 14.24
N VAL A 75 9.56 -1.19 13.49
CA VAL A 75 8.26 -0.47 13.67
C VAL A 75 7.57 -0.93 14.96
N THR A 76 7.50 -2.23 15.18
CA THR A 76 6.84 -2.74 16.41
C THR A 76 7.59 -2.25 17.65
N LYS A 77 8.86 -1.98 17.52
CA LYS A 77 9.64 -1.50 18.70
C LYS A 77 9.10 -0.14 19.17
N GLU A 78 8.54 0.62 18.28
CA GLU A 78 8.00 1.96 18.68
C GLU A 78 6.54 1.83 19.09
N THR A 79 5.65 1.75 18.14
CA THR A 79 4.20 1.62 18.47
C THR A 79 3.98 0.45 19.42
N GLY A 80 4.83 -0.54 19.36
CA GLY A 80 4.66 -1.72 20.27
C GLY A 80 3.56 -2.64 19.72
N PHE A 81 3.01 -2.31 18.58
CA PHE A 81 1.93 -3.16 18.01
C PHE A 81 2.44 -4.60 17.82
N SER A 82 1.64 -5.56 18.19
CA SER A 82 2.07 -6.98 18.04
C SER A 82 2.23 -7.33 16.55
N LEU A 83 3.23 -8.07 16.20
CA LEU A 83 3.44 -8.44 14.78
C LEU A 83 2.26 -9.30 14.28
N GLU A 84 1.66 -10.05 15.15
CA GLU A 84 0.50 -10.90 14.73
C GLU A 84 -0.60 -10.03 14.13
N LYS A 85 -1.02 -9.02 14.83
CA LYS A 85 -2.10 -8.13 14.30
C LYS A 85 -1.77 -7.72 12.86
N ILE A 86 -0.51 -7.48 12.57
CA ILE A 86 -0.13 -7.09 11.19
C ILE A 86 -0.22 -8.31 10.26
N TYR A 87 0.11 -9.47 10.76
CA TYR A 87 0.04 -10.69 9.91
C TYR A 87 -1.40 -10.92 9.44
N GLN A 88 -2.36 -10.56 10.24
CA GLN A 88 -3.78 -10.76 9.84
C GLN A 88 -4.25 -9.60 8.95
N LEU A 89 -3.99 -8.38 9.36
CA LEU A 89 -4.42 -7.21 8.54
C LEU A 89 -3.81 -7.29 7.14
N PHE A 90 -2.66 -7.92 7.03
CA PHE A 90 -2.00 -8.02 5.70
C PHE A 90 -1.62 -9.48 5.42
N PRO A 91 -1.28 -9.74 4.19
CA PRO A 91 -0.87 -11.11 3.78
C PRO A 91 0.51 -11.45 4.35
N SER A 92 1.05 -12.58 3.98
CA SER A 92 2.40 -12.96 4.50
C SER A 92 3.46 -12.00 3.98
N GLY A 93 3.79 -10.99 4.74
CA GLY A 93 4.82 -10.01 4.29
C GLY A 93 4.25 -8.59 4.38
N PRO A 94 4.21 -8.09 5.58
CA PRO A 94 3.69 -6.72 5.81
C PRO A 94 4.70 -5.68 5.33
N ALA A 95 5.88 -6.10 4.98
CA ALA A 95 6.90 -5.13 4.50
C ALA A 95 6.56 -4.64 3.09
N HIS A 96 7.01 -5.34 2.08
CA HIS A 96 6.70 -4.92 0.69
C HIS A 96 5.21 -4.58 0.55
N GLY A 97 4.38 -5.23 1.30
CA GLY A 97 2.92 -4.94 1.21
C GLY A 97 2.65 -3.51 1.67
N ALA A 98 2.95 -3.20 2.90
CA ALA A 98 2.71 -1.82 3.41
C ALA A 98 3.18 -0.79 2.39
N CYS A 99 4.44 -0.86 2.00
CA CYS A 99 4.96 0.12 1.01
C CYS A 99 3.99 0.24 -0.18
N LYS A 100 3.61 -0.87 -0.76
CA LYS A 100 2.67 -0.82 -1.92
C LYS A 100 1.43 -0.02 -1.56
N VAL A 101 0.91 -0.19 -0.36
CA VAL A 101 -0.30 0.56 0.05
C VAL A 101 -0.03 2.06 -0.01
N ALA A 102 1.02 2.52 0.61
CA ALA A 102 1.33 3.97 0.59
C ALA A 102 1.60 4.44 -0.85
N GLY A 103 2.02 3.55 -1.70
CA GLY A 103 2.30 3.94 -3.11
C GLY A 103 3.81 4.00 -3.34
N ALA A 104 4.48 2.89 -3.22
CA ALA A 104 5.96 2.88 -3.42
C ALA A 104 6.28 3.06 -4.91
N PRO A 105 7.24 3.89 -5.17
CA PRO A 105 7.67 4.15 -6.58
C PRO A 105 8.44 2.95 -7.13
N LYS A 106 8.86 3.03 -8.37
CA LYS A 106 9.63 1.90 -8.96
C LYS A 106 10.58 2.42 -10.04
N PRO A 107 11.67 2.99 -9.60
CA PRO A 107 12.68 3.55 -10.53
C PRO A 107 13.45 2.41 -11.20
N THR A 108 13.79 1.39 -10.47
CA THR A 108 14.55 0.25 -11.08
C THR A 108 13.63 -0.96 -11.24
N GLY A 109 14.20 -2.13 -11.35
CA GLY A 109 13.36 -3.35 -11.51
C GLY A 109 12.95 -3.50 -12.97
N CYS A 110 13.91 -3.58 -13.86
CA CYS A 110 13.57 -3.72 -15.30
C CYS A 110 14.80 -4.20 -16.09
N VAL A 111 14.70 -4.28 -17.39
CA VAL A 111 15.86 -4.74 -18.20
C VAL A 111 16.82 -3.58 -18.46
N MET A 1 -15.31 -8.38 -7.65
CA MET A 1 -14.95 -8.20 -9.09
C MET A 1 -13.43 -8.06 -9.23
N PRO A 2 -12.79 -9.19 -9.40
CA PRO A 2 -11.31 -9.20 -9.56
C PRO A 2 -10.92 -8.68 -10.94
N VAL A 3 -9.67 -8.35 -11.13
CA VAL A 3 -9.23 -7.84 -12.46
C VAL A 3 -7.88 -8.46 -12.83
N LYS A 4 -7.64 -8.64 -14.10
CA LYS A 4 -6.34 -9.24 -14.54
C LYS A 4 -5.32 -8.14 -14.82
N CYS A 5 -4.05 -8.43 -14.67
CA CYS A 5 -3.01 -7.39 -14.92
C CYS A 5 -2.14 -7.80 -16.12
N PRO A 6 -1.72 -6.83 -16.89
CA PRO A 6 -2.08 -5.41 -16.63
C PRO A 6 -3.53 -5.14 -17.04
N GLY A 7 -4.07 -4.02 -16.64
CA GLY A 7 -5.48 -3.71 -17.02
C GLY A 7 -5.87 -2.33 -16.46
N GLU A 8 -6.63 -1.58 -17.20
CA GLU A 8 -7.05 -0.23 -16.71
C GLU A 8 -8.46 -0.30 -16.14
N TYR A 9 -8.83 0.65 -15.31
CA TYR A 9 -10.20 0.63 -14.73
C TYR A 9 -10.55 2.02 -14.19
N GLN A 10 -11.80 2.25 -13.89
CA GLN A 10 -12.22 3.58 -13.35
C GLN A 10 -12.64 3.46 -11.89
N VAL A 11 -12.04 4.23 -11.02
CA VAL A 11 -12.41 4.16 -9.58
C VAL A 11 -13.37 5.30 -9.23
N ASP A 12 -14.64 5.03 -9.20
CA ASP A 12 -15.63 6.09 -8.86
C ASP A 12 -15.27 7.39 -9.58
N GLY A 13 -15.49 7.44 -10.87
CA GLY A 13 -15.16 8.68 -11.64
C GLY A 13 -13.67 8.97 -11.52
N LYS A 14 -12.84 8.02 -11.89
CA LYS A 14 -11.37 8.25 -11.81
C LYS A 14 -10.64 7.38 -12.83
N LYS A 15 -9.36 7.60 -13.01
CA LYS A 15 -8.59 6.78 -13.99
C LYS A 15 -7.41 6.09 -13.30
N VAL A 16 -7.34 4.78 -13.38
CA VAL A 16 -6.22 4.06 -12.73
C VAL A 16 -5.75 2.91 -13.62
N ILE A 17 -4.50 2.87 -13.95
CA ILE A 17 -3.98 1.76 -14.81
C ILE A 17 -3.16 0.78 -13.97
N LEU A 18 -3.23 -0.49 -14.29
CA LEU A 18 -2.45 -1.49 -13.51
C LEU A 18 -1.33 -2.09 -14.37
N ASP A 19 -0.10 -1.81 -14.04
CA ASP A 19 1.02 -2.36 -14.85
C ASP A 19 0.97 -3.89 -14.85
N GLU A 20 2.05 -4.53 -15.21
CA GLU A 20 2.06 -6.02 -15.25
C GLU A 20 1.88 -6.57 -13.83
N ASP A 21 2.31 -5.85 -12.83
CA ASP A 21 2.16 -6.35 -11.43
C ASP A 21 1.06 -5.57 -10.71
N CYS A 22 -0.06 -5.35 -11.35
CA CYS A 22 -1.17 -4.60 -10.71
C CYS A 22 -0.61 -3.39 -9.95
N PHE A 23 0.45 -2.81 -10.43
CA PHE A 23 1.04 -1.63 -9.72
C PHE A 23 0.37 -0.35 -10.21
N MET A 24 0.16 0.59 -9.32
CA MET A 24 -0.50 1.87 -9.73
C MET A 24 0.52 2.78 -10.44
N GLN A 25 0.22 3.21 -11.63
CA GLN A 25 1.17 4.09 -12.36
C GLN A 25 0.79 5.57 -12.15
N ASN A 26 -0.24 5.82 -11.40
CA ASN A 26 -0.65 7.23 -11.15
C ASN A 26 -0.61 7.55 -9.65
N PRO A 27 0.58 7.58 -9.12
CA PRO A 27 0.77 7.87 -7.68
C PRO A 27 0.50 9.35 -7.40
N GLU A 28 0.55 10.18 -8.40
CA GLU A 28 0.30 11.63 -8.19
C GLU A 28 -1.15 11.85 -7.75
N ASP A 29 -1.99 10.87 -7.90
CA ASP A 29 -3.41 11.03 -7.49
C ASP A 29 -3.73 10.12 -6.30
N TRP A 30 -2.74 9.47 -5.76
CA TRP A 30 -2.99 8.57 -4.60
C TRP A 30 -3.88 9.26 -3.57
N ASP A 31 -4.54 8.51 -2.73
CA ASP A 31 -5.42 9.14 -1.71
C ASP A 31 -6.11 8.06 -0.87
N GLU A 32 -6.96 8.44 0.04
CA GLU A 32 -7.66 7.43 0.89
C GLU A 32 -8.53 6.52 0.03
N LYS A 33 -9.27 7.09 -0.90
CA LYS A 33 -10.14 6.25 -1.77
C LYS A 33 -9.28 5.31 -2.61
N VAL A 34 -8.06 5.68 -2.87
CA VAL A 34 -7.17 4.79 -3.70
C VAL A 34 -6.69 3.61 -2.86
N ALA A 35 -5.99 3.86 -1.79
CA ALA A 35 -5.47 2.75 -0.94
C ALA A 35 -6.63 1.83 -0.52
N GLU A 36 -7.81 2.38 -0.39
CA GLU A 36 -8.98 1.54 0.03
C GLU A 36 -9.46 0.67 -1.14
N TRP A 37 -9.85 1.28 -2.22
CA TRP A 37 -10.33 0.49 -3.40
C TRP A 37 -9.33 -0.62 -3.74
N LEU A 38 -8.06 -0.35 -3.58
CA LEU A 38 -7.03 -1.39 -3.90
C LEU A 38 -7.04 -2.49 -2.84
N ALA A 39 -6.97 -2.12 -1.59
CA ALA A 39 -6.98 -3.16 -0.51
C ALA A 39 -8.21 -4.05 -0.63
N ARG A 40 -9.29 -3.53 -1.16
CA ARG A 40 -10.52 -4.35 -1.30
C ARG A 40 -10.40 -5.31 -2.48
N GLU A 41 -10.21 -4.79 -3.67
CA GLU A 41 -10.09 -5.68 -4.86
C GLU A 41 -8.99 -6.73 -4.63
N LEU A 42 -8.03 -6.43 -3.80
CA LEU A 42 -6.94 -7.41 -3.55
C LEU A 42 -7.33 -8.36 -2.41
N GLU A 43 -7.33 -7.87 -1.19
CA GLU A 43 -7.69 -8.74 -0.04
C GLU A 43 -9.21 -8.85 0.08
N GLY A 44 -9.89 -7.74 0.12
CA GLY A 44 -11.38 -7.78 0.24
C GLY A 44 -11.82 -6.94 1.45
N ILE A 45 -11.03 -5.99 1.86
CA ILE A 45 -11.42 -5.14 3.02
C ILE A 45 -12.54 -4.18 2.62
N GLN A 46 -13.77 -4.63 2.67
CA GLN A 46 -14.90 -3.74 2.30
C GLN A 46 -14.73 -2.35 2.92
N LYS A 47 -14.08 -2.26 4.04
CA LYS A 47 -13.88 -0.94 4.68
C LYS A 47 -12.57 -0.93 5.50
N MET A 48 -11.59 -0.19 5.06
CA MET A 48 -10.30 -0.15 5.81
C MET A 48 -10.56 0.10 7.30
N THR A 49 -9.66 -0.30 8.14
CA THR A 49 -9.87 -0.08 9.61
C THR A 49 -8.94 1.02 10.11
N GLU A 50 -8.97 1.30 11.39
CA GLU A 50 -8.08 2.36 11.94
C GLU A 50 -6.64 1.87 12.04
N GLU A 51 -6.45 0.61 12.33
CA GLU A 51 -5.06 0.07 12.43
C GLU A 51 -4.35 0.18 11.07
N HIS A 52 -5.04 -0.10 10.01
CA HIS A 52 -4.41 -0.01 8.66
C HIS A 52 -3.97 1.43 8.37
N TRP A 53 -4.87 2.37 8.45
CA TRP A 53 -4.50 3.79 8.19
C TRP A 53 -3.45 4.27 9.19
N LYS A 54 -3.41 3.68 10.35
CA LYS A 54 -2.41 4.11 11.38
C LYS A 54 -1.00 3.72 10.93
N LEU A 55 -0.72 2.45 10.86
CA LEU A 55 0.65 2.01 10.43
C LEU A 55 1.00 2.64 9.07
N VAL A 56 0.07 2.65 8.15
CA VAL A 56 0.36 3.24 6.82
C VAL A 56 0.91 4.66 6.98
N LYS A 57 0.17 5.52 7.62
CA LYS A 57 0.65 6.92 7.81
C LYS A 57 2.06 6.92 8.39
N TYR A 58 2.30 6.13 9.40
CA TYR A 58 3.66 6.09 10.01
C TYR A 58 4.71 5.79 8.94
N LEU A 59 4.44 4.87 8.06
CA LEU A 59 5.43 4.54 7.00
C LEU A 59 5.68 5.76 6.10
N ARG A 60 4.64 6.49 5.79
CA ARG A 60 4.82 7.70 4.93
C ARG A 60 5.77 8.70 5.60
N GLU A 61 5.80 8.71 6.90
CA GLU A 61 6.71 9.66 7.62
C GLU A 61 8.16 9.35 7.29
N TYR A 62 8.57 8.12 7.46
CA TYR A 62 9.99 7.76 7.16
C TYR A 62 10.23 7.78 5.65
N TRP A 63 9.21 7.57 4.86
CA TRP A 63 9.40 7.58 3.39
C TRP A 63 9.40 9.02 2.86
N GLU A 64 9.13 9.97 3.71
CA GLU A 64 9.11 11.39 3.27
C GLU A 64 10.55 11.92 3.13
N THR A 65 11.35 11.74 4.14
CA THR A 65 12.76 12.23 4.07
C THR A 65 13.38 11.86 2.72
N PHE A 66 13.10 10.69 2.22
CA PHE A 66 13.67 10.28 0.90
C PHE A 66 12.70 9.33 0.18
N GLY A 67 12.38 8.22 0.79
CA GLY A 67 11.45 7.26 0.14
C GLY A 67 12.04 5.85 0.20
N THR A 68 12.59 5.47 1.32
CA THR A 68 13.19 4.12 1.44
C THR A 68 12.28 3.21 2.27
N CYS A 69 11.72 2.20 1.67
CA CYS A 69 10.82 1.28 2.42
C CYS A 69 11.53 0.75 3.66
N PRO A 70 11.10 1.23 4.80
CA PRO A 70 11.71 0.80 6.09
C PRO A 70 11.27 -0.62 6.43
N PRO A 71 11.91 -1.18 7.43
CA PRO A 71 11.59 -2.56 7.86
C PRO A 71 10.26 -2.59 8.62
N ILE A 72 10.01 -3.64 9.36
CA ILE A 72 8.73 -3.72 10.12
C ILE A 72 9.01 -3.98 11.60
N LYS A 73 10.25 -4.09 11.97
CA LYS A 73 10.59 -4.34 13.39
C LYS A 73 10.81 -3.01 14.13
N MET A 74 10.88 -1.93 13.42
CA MET A 74 11.09 -0.61 14.09
C MET A 74 9.77 0.17 14.14
N VAL A 75 8.91 -0.05 13.19
CA VAL A 75 7.61 0.70 13.19
C VAL A 75 6.66 0.10 14.23
N THR A 76 6.78 -1.18 14.49
CA THR A 76 5.89 -1.82 15.49
C THR A 76 6.34 -1.48 16.91
N LYS A 77 7.63 -1.37 17.14
CA LYS A 77 8.13 -1.04 18.50
C LYS A 77 7.71 0.38 18.88
N GLU A 78 7.56 1.25 17.91
CA GLU A 78 7.16 2.64 18.23
C GLU A 78 5.63 2.75 18.33
N THR A 79 4.93 1.66 18.14
CA THR A 79 3.45 1.70 18.23
C THR A 79 2.94 0.51 19.04
N GLY A 80 3.77 -0.06 19.88
CA GLY A 80 3.32 -1.22 20.69
C GLY A 80 2.53 -2.19 19.81
N PHE A 81 2.79 -2.20 18.54
CA PHE A 81 2.06 -3.12 17.63
C PHE A 81 2.44 -4.56 17.91
N SER A 82 2.14 -5.47 17.01
CA SER A 82 2.49 -6.90 17.24
C SER A 82 2.64 -7.61 15.89
N LEU A 83 3.64 -8.44 15.75
CA LEU A 83 3.84 -9.17 14.47
C LEU A 83 2.53 -9.84 14.05
N GLU A 84 1.76 -10.30 14.98
CA GLU A 84 0.47 -10.98 14.63
C GLU A 84 -0.54 -9.95 14.13
N LYS A 85 -0.52 -8.76 14.67
CA LYS A 85 -1.48 -7.72 14.22
C LYS A 85 -1.28 -7.42 12.73
N ILE A 86 -0.06 -7.23 12.31
CA ILE A 86 0.20 -6.93 10.87
C ILE A 86 0.09 -8.20 10.04
N TYR A 87 0.42 -9.33 10.59
CA TYR A 87 0.32 -10.59 9.82
C TYR A 87 -1.13 -10.93 9.50
N GLN A 88 -2.04 -10.56 10.37
CA GLN A 88 -3.48 -10.85 10.12
C GLN A 88 -4.10 -9.73 9.28
N LEU A 89 -3.75 -8.50 9.56
CA LEU A 89 -4.34 -7.37 8.79
C LEU A 89 -3.88 -7.44 7.32
N PHE A 90 -2.69 -7.92 7.08
CA PHE A 90 -2.19 -8.01 5.68
C PHE A 90 -2.12 -9.49 5.25
N PRO A 91 -1.87 -9.68 3.99
CA PRO A 91 -1.78 -11.07 3.44
C PRO A 91 -0.46 -11.72 3.86
N SER A 92 0.65 -11.16 3.47
CA SER A 92 1.97 -11.76 3.84
C SER A 92 3.10 -10.87 3.34
N GLY A 93 3.77 -10.18 4.22
CA GLY A 93 4.89 -9.30 3.80
C GLY A 93 4.46 -7.84 3.91
N PRO A 94 4.43 -7.37 5.13
CA PRO A 94 4.03 -5.96 5.38
C PRO A 94 5.13 -5.00 4.93
N ALA A 95 6.32 -5.50 4.73
CA ALA A 95 7.44 -4.62 4.29
C ALA A 95 7.12 -4.02 2.92
N HIS A 96 7.13 -4.82 1.90
CA HIS A 96 6.82 -4.30 0.53
C HIS A 96 5.32 -4.08 0.37
N GLY A 97 4.54 -4.51 1.33
CA GLY A 97 3.07 -4.32 1.22
C GLY A 97 2.72 -2.86 1.49
N ALA A 98 2.64 -2.46 2.73
CA ALA A 98 2.29 -1.05 3.05
C ALA A 98 3.01 -0.09 2.10
N CYS A 99 4.19 -0.46 1.65
CA CYS A 99 4.94 0.44 0.72
C CYS A 99 4.22 0.51 -0.63
N LYS A 100 4.11 -0.59 -1.32
CA LYS A 100 3.42 -0.59 -2.64
C LYS A 100 2.05 0.09 -2.52
N VAL A 101 1.26 -0.33 -1.58
CA VAL A 101 -0.09 0.30 -1.41
C VAL A 101 0.03 1.82 -1.40
N ALA A 102 0.81 2.36 -0.51
CA ALA A 102 0.96 3.84 -0.45
C ALA A 102 1.37 4.39 -1.82
N GLY A 103 2.15 3.64 -2.55
CA GLY A 103 2.58 4.12 -3.90
C GLY A 103 3.98 3.58 -4.21
N ALA A 104 4.96 3.98 -3.44
CA ALA A 104 6.35 3.50 -3.70
C ALA A 104 6.70 3.62 -5.18
N PRO A 105 6.62 4.82 -5.66
CA PRO A 105 6.93 5.09 -7.10
C PRO A 105 8.43 4.99 -7.34
N LYS A 106 8.83 4.60 -8.53
CA LYS A 106 10.29 4.47 -8.82
C LYS A 106 10.67 5.41 -9.98
N PRO A 107 11.79 6.05 -9.82
CA PRO A 107 12.27 6.99 -10.86
C PRO A 107 12.81 6.22 -12.07
N THR A 108 11.99 6.01 -13.07
CA THR A 108 12.45 5.27 -14.28
C THR A 108 12.33 6.14 -15.52
N GLY A 109 13.28 6.07 -16.41
CA GLY A 109 13.21 6.91 -17.64
C GLY A 109 13.86 6.15 -18.80
N CYS A 110 13.29 5.05 -19.20
CA CYS A 110 13.87 4.27 -20.33
C CYS A 110 13.04 3.01 -20.60
N VAL A 111 11.77 3.16 -20.85
CA VAL A 111 10.91 1.98 -21.10
C VAL A 111 10.99 1.58 -22.58
N MET A 1 -15.25 -8.76 -11.64
CA MET A 1 -14.96 -8.76 -10.17
C MET A 1 -13.46 -8.69 -9.92
N PRO A 2 -12.75 -9.63 -10.48
CA PRO A 2 -11.27 -9.68 -10.32
C PRO A 2 -10.61 -8.57 -11.14
N VAL A 3 -9.40 -8.23 -10.81
CA VAL A 3 -8.70 -7.15 -11.58
C VAL A 3 -7.43 -7.70 -12.22
N LYS A 4 -6.61 -8.38 -11.46
CA LYS A 4 -5.35 -8.95 -12.03
C LYS A 4 -4.54 -7.84 -12.71
N CYS A 5 -3.70 -8.20 -13.64
CA CYS A 5 -2.87 -7.17 -14.34
C CYS A 5 -2.05 -7.82 -15.45
N PRO A 6 -1.56 -7.00 -16.36
CA PRO A 6 -1.80 -5.53 -16.30
C PRO A 6 -3.24 -5.21 -16.72
N GLY A 7 -3.77 -4.11 -16.25
CA GLY A 7 -5.16 -3.74 -16.62
C GLY A 7 -5.44 -2.30 -16.18
N GLU A 8 -6.51 -1.72 -16.64
CA GLU A 8 -6.83 -0.32 -16.25
C GLU A 8 -8.18 -0.25 -15.54
N TYR A 9 -8.34 0.66 -14.62
CA TYR A 9 -9.64 0.78 -13.89
C TYR A 9 -9.82 2.18 -13.33
N GLN A 10 -11.02 2.70 -13.34
CA GLN A 10 -11.24 4.07 -12.81
C GLN A 10 -12.10 4.01 -11.55
N VAL A 11 -11.79 4.82 -10.57
CA VAL A 11 -12.59 4.81 -9.31
C VAL A 11 -13.43 6.09 -9.20
N ASP A 12 -14.69 6.00 -9.54
CA ASP A 12 -15.57 7.21 -9.45
C ASP A 12 -14.96 8.36 -10.27
N GLY A 13 -14.14 9.16 -9.65
CA GLY A 13 -13.52 10.31 -10.39
C GLY A 13 -12.00 10.20 -10.32
N LYS A 14 -11.47 9.02 -10.47
CA LYS A 14 -9.99 8.85 -10.42
C LYS A 14 -9.52 7.87 -11.50
N LYS A 15 -8.23 7.78 -11.72
CA LYS A 15 -7.72 6.84 -12.76
C LYS A 15 -6.64 5.93 -12.16
N VAL A 16 -6.67 4.67 -12.49
CA VAL A 16 -5.64 3.74 -11.95
C VAL A 16 -5.04 2.90 -13.09
N ILE A 17 -3.74 2.86 -13.19
CA ILE A 17 -3.09 2.08 -14.27
C ILE A 17 -2.27 0.92 -13.68
N LEU A 18 -2.78 -0.27 -13.73
CA LEU A 18 -2.03 -1.43 -13.18
C LEU A 18 -1.10 -2.01 -14.25
N ASP A 19 0.14 -2.25 -13.91
CA ASP A 19 1.08 -2.81 -14.91
C ASP A 19 1.58 -4.18 -14.46
N GLU A 20 2.57 -4.72 -15.12
CA GLU A 20 3.09 -6.07 -14.74
C GLU A 20 3.23 -6.15 -13.22
N ASP A 21 3.05 -7.33 -12.66
CA ASP A 21 3.17 -7.47 -11.19
C ASP A 21 2.03 -6.73 -10.48
N CYS A 22 0.99 -6.41 -11.20
CA CYS A 22 -0.14 -5.68 -10.56
C CYS A 22 0.37 -4.45 -9.82
N PHE A 23 1.24 -3.69 -10.43
CA PHE A 23 1.78 -2.47 -9.76
C PHE A 23 0.85 -1.27 -10.00
N MET A 24 0.44 -0.62 -8.95
CA MET A 24 -0.47 0.55 -9.12
C MET A 24 0.00 1.43 -10.28
N GLN A 25 1.29 1.55 -10.46
CA GLN A 25 1.81 2.39 -11.58
C GLN A 25 1.21 3.79 -11.50
N ASN A 26 0.71 4.17 -10.36
CA ASN A 26 0.10 5.53 -10.23
C ASN A 26 0.25 6.03 -8.78
N PRO A 27 1.47 6.13 -8.36
CA PRO A 27 1.76 6.61 -6.98
C PRO A 27 1.48 8.11 -6.86
N GLU A 28 1.67 8.84 -7.92
CA GLU A 28 1.42 10.30 -7.86
C GLU A 28 -0.08 10.59 -7.72
N ASP A 29 -0.91 9.77 -8.31
CA ASP A 29 -2.38 10.00 -8.21
C ASP A 29 -2.97 9.14 -7.09
N TRP A 30 -2.20 8.85 -6.08
CA TRP A 30 -2.71 8.02 -4.96
C TRP A 30 -3.51 8.89 -3.97
N ASP A 31 -4.34 8.28 -3.18
CA ASP A 31 -5.15 9.07 -2.20
C ASP A 31 -5.79 8.14 -1.17
N GLU A 32 -6.70 8.65 -0.39
CA GLU A 32 -7.37 7.79 0.63
C GLU A 32 -8.33 6.80 -0.04
N LYS A 33 -9.29 7.30 -0.77
CA LYS A 33 -10.25 6.38 -1.45
C LYS A 33 -9.51 5.45 -2.42
N VAL A 34 -8.46 5.92 -3.03
CA VAL A 34 -7.69 5.06 -3.98
C VAL A 34 -7.07 3.87 -3.23
N ALA A 35 -6.27 4.13 -2.24
CA ALA A 35 -5.63 3.01 -1.49
C ALA A 35 -6.69 2.05 -0.96
N GLU A 36 -7.82 2.56 -0.54
CA GLU A 36 -8.89 1.67 -0.01
C GLU A 36 -9.36 0.69 -1.09
N TRP A 37 -9.75 1.19 -2.23
CA TRP A 37 -10.23 0.29 -3.32
C TRP A 37 -9.12 -0.69 -3.72
N LEU A 38 -7.88 -0.30 -3.57
CA LEU A 38 -6.77 -1.22 -3.94
C LEU A 38 -6.68 -2.38 -2.95
N ALA A 39 -6.82 -2.11 -1.69
CA ALA A 39 -6.74 -3.20 -0.68
C ALA A 39 -8.00 -4.07 -0.71
N ARG A 40 -9.10 -3.51 -1.11
CA ARG A 40 -10.37 -4.31 -1.16
C ARG A 40 -10.36 -5.27 -2.35
N GLU A 41 -9.88 -4.81 -3.48
CA GLU A 41 -9.85 -5.69 -4.69
C GLU A 41 -8.70 -6.70 -4.59
N LEU A 42 -7.60 -6.32 -4.00
CA LEU A 42 -6.45 -7.27 -3.88
C LEU A 42 -6.66 -8.23 -2.72
N GLU A 43 -6.61 -7.73 -1.52
CA GLU A 43 -6.80 -8.63 -0.33
C GLU A 43 -8.29 -8.91 -0.11
N GLY A 44 -9.02 -7.95 0.36
CA GLY A 44 -10.48 -8.17 0.59
C GLY A 44 -10.93 -7.35 1.81
N ILE A 45 -10.43 -6.15 1.95
CA ILE A 45 -10.83 -5.31 3.11
C ILE A 45 -11.84 -4.24 2.67
N GLN A 46 -13.08 -4.40 3.04
CA GLN A 46 -14.10 -3.39 2.63
C GLN A 46 -13.55 -1.97 2.81
N LYS A 47 -12.79 -1.73 3.84
CA LYS A 47 -12.23 -0.38 4.06
C LYS A 47 -10.97 -0.46 4.93
N MET A 48 -9.96 0.32 4.62
CA MET A 48 -8.72 0.28 5.43
C MET A 48 -9.04 0.47 6.91
N THR A 49 -9.06 -0.60 7.66
CA THR A 49 -9.38 -0.48 9.12
C THR A 49 -8.46 0.56 9.77
N GLU A 50 -8.83 1.03 10.93
CA GLU A 50 -7.99 2.05 11.63
C GLU A 50 -6.53 1.60 11.67
N GLU A 51 -6.30 0.31 11.65
CA GLU A 51 -4.90 -0.20 11.70
C GLU A 51 -4.23 -0.03 10.33
N HIS A 52 -4.96 -0.27 9.28
CA HIS A 52 -4.37 -0.13 7.91
C HIS A 52 -3.93 1.32 7.68
N TRP A 53 -4.72 2.27 8.10
CA TRP A 53 -4.34 3.69 7.90
C TRP A 53 -3.22 4.09 8.86
N LYS A 54 -3.24 3.58 10.06
CA LYS A 54 -2.17 3.93 11.03
C LYS A 54 -0.79 3.55 10.47
N LEU A 55 -0.67 2.38 9.92
CA LEU A 55 0.64 1.95 9.36
C LEU A 55 0.94 2.70 8.06
N VAL A 56 0.07 2.58 7.09
CA VAL A 56 0.30 3.29 5.80
C VAL A 56 0.70 4.75 6.05
N LYS A 57 0.21 5.33 7.12
CA LYS A 57 0.56 6.75 7.41
C LYS A 57 1.98 6.84 7.97
N TYR A 58 2.29 6.06 8.97
CA TYR A 58 3.66 6.12 9.57
C TYR A 58 4.72 5.94 8.47
N LEU A 59 4.55 4.96 7.63
CA LEU A 59 5.55 4.73 6.54
C LEU A 59 5.48 5.86 5.52
N ARG A 60 4.31 6.27 5.14
CA ARG A 60 4.17 7.36 4.14
C ARG A 60 5.03 8.56 4.55
N GLU A 61 5.07 8.88 5.81
CA GLU A 61 5.89 10.04 6.26
C GLU A 61 7.32 9.92 5.72
N TYR A 62 7.97 8.82 5.97
CA TYR A 62 9.36 8.65 5.47
C TYR A 62 9.36 8.54 3.94
N TRP A 63 8.28 8.08 3.37
CA TRP A 63 8.21 7.95 1.89
C TRP A 63 8.15 9.33 1.24
N GLU A 64 7.74 10.33 1.97
CA GLU A 64 7.66 11.70 1.39
C GLU A 64 9.06 12.32 1.31
N THR A 65 10.00 11.77 2.02
CA THR A 65 11.39 12.32 1.98
C THR A 65 12.08 11.91 0.67
N PHE A 66 12.41 10.65 0.54
CA PHE A 66 13.09 10.19 -0.71
C PHE A 66 12.31 9.03 -1.33
N GLY A 67 11.02 9.01 -1.15
CA GLY A 67 10.21 7.90 -1.73
C GLY A 67 10.91 6.57 -1.49
N THR A 68 10.78 6.02 -0.32
CA THR A 68 11.45 4.71 -0.03
C THR A 68 10.53 3.82 0.79
N CYS A 69 10.98 2.65 1.16
CA CYS A 69 10.11 1.74 1.96
C CYS A 69 10.95 1.04 3.04
N PRO A 70 10.96 1.64 4.20
CA PRO A 70 11.73 1.08 5.34
C PRO A 70 11.04 -0.18 5.89
N PRO A 71 11.81 -0.99 6.56
CA PRO A 71 11.27 -2.25 7.14
C PRO A 71 10.39 -1.93 8.36
N ILE A 72 10.19 -2.90 9.22
CA ILE A 72 9.33 -2.66 10.42
C ILE A 72 10.10 -3.02 11.70
N LYS A 73 11.34 -2.59 11.80
CA LYS A 73 12.13 -2.92 13.01
C LYS A 73 11.97 -1.81 14.06
N MET A 74 12.73 -0.76 13.95
CA MET A 74 12.62 0.35 14.93
C MET A 74 11.21 0.94 14.91
N VAL A 75 10.45 0.65 13.88
CA VAL A 75 9.07 1.20 13.80
C VAL A 75 8.17 0.52 14.84
N THR A 76 8.31 -0.76 15.02
CA THR A 76 7.47 -1.48 16.01
C THR A 76 7.59 -0.81 17.39
N LYS A 77 8.76 -0.36 17.74
CA LYS A 77 8.95 0.30 19.07
C LYS A 77 8.24 1.66 19.07
N GLU A 78 8.21 2.33 17.96
CA GLU A 78 7.53 3.66 17.90
C GLU A 78 6.02 3.47 17.74
N THR A 79 5.57 2.25 17.68
CA THR A 79 4.10 2.00 17.53
C THR A 79 3.61 1.04 18.61
N GLY A 80 3.87 -0.23 18.45
CA GLY A 80 3.42 -1.22 19.47
C GLY A 80 2.48 -2.23 18.82
N PHE A 81 2.56 -2.39 17.52
CA PHE A 81 1.66 -3.35 16.83
C PHE A 81 2.22 -4.77 16.95
N SER A 82 1.65 -5.57 17.82
CA SER A 82 2.16 -6.96 17.99
C SER A 82 2.40 -7.61 16.62
N LEU A 83 3.57 -8.14 16.40
CA LEU A 83 3.87 -8.79 15.10
C LEU A 83 2.73 -9.73 14.69
N GLU A 84 2.14 -10.40 15.64
CA GLU A 84 1.02 -11.32 15.32
C GLU A 84 -0.10 -10.57 14.57
N LYS A 85 -0.51 -9.44 15.10
CA LYS A 85 -1.58 -8.66 14.42
C LYS A 85 -1.14 -8.26 13.02
N ILE A 86 0.04 -7.67 12.90
CA ILE A 86 0.53 -7.25 11.55
C ILE A 86 0.41 -8.42 10.57
N TYR A 87 0.71 -9.61 11.00
CA TYR A 87 0.62 -10.79 10.09
C TYR A 87 -0.85 -11.06 9.74
N GLN A 88 -1.73 -10.89 10.67
CA GLN A 88 -3.18 -11.15 10.40
C GLN A 88 -3.69 -10.17 9.35
N LEU A 89 -3.16 -8.97 9.32
CA LEU A 89 -3.61 -7.97 8.33
C LEU A 89 -3.03 -8.28 6.95
N PHE A 90 -1.73 -8.27 6.82
CA PHE A 90 -1.11 -8.57 5.50
C PHE A 90 -0.74 -10.06 5.41
N PRO A 91 -0.82 -10.58 4.21
CA PRO A 91 -0.49 -12.00 3.99
C PRO A 91 1.02 -12.23 4.06
N SER A 92 1.55 -12.40 5.25
CA SER A 92 3.01 -12.63 5.39
C SER A 92 3.78 -11.66 4.48
N GLY A 93 3.80 -10.40 4.81
CA GLY A 93 4.53 -9.42 3.97
C GLY A 93 4.17 -7.99 4.42
N PRO A 94 4.52 -7.70 5.65
CA PRO A 94 4.24 -6.36 6.21
C PRO A 94 5.19 -5.31 5.62
N ALA A 95 6.07 -5.73 4.74
CA ALA A 95 7.01 -4.75 4.12
C ALA A 95 6.52 -4.33 2.73
N HIS A 96 6.43 -5.26 1.82
CA HIS A 96 5.95 -4.91 0.45
C HIS A 96 4.44 -4.74 0.44
N GLY A 97 3.77 -5.18 1.47
CA GLY A 97 2.29 -5.05 1.52
C GLY A 97 1.92 -3.61 1.88
N ALA A 98 2.03 -3.24 3.12
CA ALA A 98 1.68 -1.85 3.52
C ALA A 98 2.21 -0.84 2.50
N CYS A 99 3.38 -1.10 1.97
CA CYS A 99 3.97 -0.16 0.97
C CYS A 99 3.12 -0.15 -0.31
N LYS A 100 2.83 -1.30 -0.85
CA LYS A 100 2.02 -1.36 -2.09
C LYS A 100 0.71 -0.58 -1.91
N VAL A 101 0.01 -0.82 -0.83
CA VAL A 101 -1.27 -0.10 -0.60
C VAL A 101 -1.00 1.38 -0.31
N ALA A 102 0.15 1.70 0.23
CA ALA A 102 0.47 3.13 0.53
C ALA A 102 0.82 3.87 -0.75
N GLY A 103 1.18 3.17 -1.78
CA GLY A 103 1.53 3.84 -3.06
C GLY A 103 2.99 4.28 -3.02
N ALA A 104 3.90 3.35 -2.93
CA ALA A 104 5.34 3.71 -2.90
C ALA A 104 6.18 2.67 -3.64
N PRO A 105 6.13 2.76 -4.95
CA PRO A 105 6.89 1.81 -5.81
C PRO A 105 8.38 2.13 -5.76
N LYS A 106 9.21 1.13 -5.75
CA LYS A 106 10.68 1.38 -5.71
C LYS A 106 11.05 2.49 -6.68
N PRO A 107 10.76 2.26 -7.94
CA PRO A 107 11.05 3.26 -8.99
C PRO A 107 10.10 4.46 -8.88
N THR A 108 10.58 5.57 -8.43
CA THR A 108 9.69 6.77 -8.30
C THR A 108 10.08 7.82 -9.33
N GLY A 109 10.64 7.41 -10.44
CA GLY A 109 11.04 8.40 -11.48
C GLY A 109 12.49 8.82 -11.28
N CYS A 110 13.16 8.21 -10.34
CA CYS A 110 14.59 8.57 -10.08
C CYS A 110 15.51 7.84 -11.07
N VAL A 111 15.38 6.55 -11.17
CA VAL A 111 16.24 5.79 -12.11
C VAL A 111 15.43 4.68 -12.79
N MET A 1 -5.87 -14.50 -7.29
CA MET A 1 -5.98 -13.71 -8.54
C MET A 1 -7.34 -12.99 -8.60
N PRO A 2 -7.43 -11.93 -7.84
CA PRO A 2 -8.69 -11.14 -7.79
C PRO A 2 -8.87 -10.35 -9.09
N VAL A 3 -7.88 -9.60 -9.48
CA VAL A 3 -8.00 -8.80 -10.73
C VAL A 3 -6.92 -9.21 -11.73
N LYS A 4 -7.02 -8.75 -12.95
CA LYS A 4 -6.00 -9.11 -13.98
C LYS A 4 -5.12 -7.90 -14.30
N CYS A 5 -3.88 -8.13 -14.61
CA CYS A 5 -2.98 -6.98 -14.94
C CYS A 5 -2.01 -7.37 -16.07
N PRO A 6 -1.47 -6.37 -16.73
CA PRO A 6 -1.79 -4.96 -16.40
C PRO A 6 -3.17 -4.59 -16.93
N GLY A 7 -3.80 -3.62 -16.33
CA GLY A 7 -5.15 -3.21 -16.81
C GLY A 7 -5.53 -1.85 -16.18
N GLU A 8 -6.19 -1.00 -16.92
CA GLU A 8 -6.58 0.32 -16.36
C GLU A 8 -8.03 0.29 -15.91
N TYR A 9 -8.29 0.70 -14.70
CA TYR A 9 -9.69 0.71 -14.18
C TYR A 9 -10.01 2.05 -13.53
N GLN A 10 -11.27 2.35 -13.36
CA GLN A 10 -11.65 3.65 -12.73
C GLN A 10 -12.11 3.41 -11.28
N VAL A 11 -11.78 4.30 -10.39
CA VAL A 11 -12.21 4.13 -8.97
C VAL A 11 -12.91 5.39 -8.47
N ASP A 12 -14.21 5.41 -8.51
CA ASP A 12 -14.96 6.61 -8.03
C ASP A 12 -14.25 7.89 -8.50
N GLY A 13 -14.54 8.34 -9.70
CA GLY A 13 -13.89 9.58 -10.20
C GLY A 13 -12.38 9.48 -10.00
N LYS A 14 -11.74 8.56 -10.68
CA LYS A 14 -10.26 8.42 -10.52
C LYS A 14 -9.71 7.50 -11.60
N LYS A 15 -8.43 7.55 -11.84
CA LYS A 15 -7.83 6.68 -12.89
C LYS A 15 -6.64 5.89 -12.31
N VAL A 16 -6.66 4.60 -12.45
CA VAL A 16 -5.54 3.77 -11.92
C VAL A 16 -5.05 2.80 -12.98
N ILE A 17 -3.80 2.85 -13.34
CA ILE A 17 -3.27 1.92 -14.38
C ILE A 17 -2.43 0.81 -13.73
N LEU A 18 -3.01 -0.34 -13.52
CA LEU A 18 -2.25 -1.46 -12.90
C LEU A 18 -1.19 -1.98 -13.87
N ASP A 19 0.05 -1.97 -13.46
CA ASP A 19 1.13 -2.46 -14.37
C ASP A 19 1.52 -3.91 -14.00
N GLU A 20 2.70 -4.32 -14.37
CA GLU A 20 3.13 -5.71 -14.04
C GLU A 20 2.79 -6.04 -12.58
N ASP A 21 2.19 -7.18 -12.34
CA ASP A 21 1.83 -7.56 -10.95
C ASP A 21 0.83 -6.55 -10.38
N CYS A 22 0.02 -5.97 -11.21
CA CYS A 22 -0.99 -4.98 -10.72
C CYS A 22 -0.28 -3.84 -9.98
N PHE A 23 0.81 -3.36 -10.51
CA PHE A 23 1.54 -2.25 -9.83
C PHE A 23 1.07 -0.90 -10.37
N MET A 24 0.14 -0.28 -9.69
CA MET A 24 -0.37 1.04 -10.17
C MET A 24 0.78 2.02 -10.35
N GLN A 25 0.65 2.94 -11.28
CA GLN A 25 1.74 3.93 -11.52
C GLN A 25 1.19 5.35 -11.45
N ASN A 26 0.30 5.61 -10.52
CA ASN A 26 -0.27 6.98 -10.40
C ASN A 26 -0.09 7.51 -8.97
N PRO A 27 1.13 7.84 -8.66
CA PRO A 27 1.46 8.36 -7.31
C PRO A 27 0.91 9.77 -7.13
N GLU A 28 0.61 10.45 -8.21
CA GLU A 28 0.05 11.83 -8.09
C GLU A 28 -1.47 11.78 -7.91
N ASP A 29 -2.04 10.61 -7.89
CA ASP A 29 -3.51 10.49 -7.72
C ASP A 29 -3.83 9.51 -6.58
N TRP A 30 -3.01 9.47 -5.57
CA TRP A 30 -3.29 8.54 -4.43
C TRP A 30 -4.23 9.20 -3.43
N ASP A 31 -5.02 8.42 -2.74
CA ASP A 31 -5.96 9.00 -1.75
C ASP A 31 -6.60 7.88 -0.92
N GLU A 32 -7.55 8.22 -0.09
CA GLU A 32 -8.22 7.18 0.75
C GLU A 32 -9.00 6.21 -0.14
N LYS A 33 -9.64 6.71 -1.17
CA LYS A 33 -10.42 5.80 -2.06
C LYS A 33 -9.47 4.89 -2.85
N VAL A 34 -8.26 5.32 -3.08
CA VAL A 34 -7.30 4.48 -3.85
C VAL A 34 -6.76 3.34 -2.95
N ALA A 35 -6.20 3.68 -1.83
CA ALA A 35 -5.64 2.64 -0.92
C ALA A 35 -6.76 1.69 -0.47
N GLU A 36 -7.95 2.20 -0.28
CA GLU A 36 -9.07 1.32 0.17
C GLU A 36 -9.49 0.37 -0.94
N TRP A 37 -9.86 0.89 -2.09
CA TRP A 37 -10.28 0.02 -3.22
C TRP A 37 -9.16 -0.98 -3.56
N LEU A 38 -7.93 -0.60 -3.37
CA LEU A 38 -6.81 -1.53 -3.70
C LEU A 38 -6.78 -2.69 -2.71
N ALA A 39 -6.56 -2.41 -1.45
CA ALA A 39 -6.52 -3.51 -0.44
C ALA A 39 -7.79 -4.35 -0.52
N ARG A 40 -8.88 -3.77 -0.95
CA ARG A 40 -10.14 -4.55 -1.05
C ARG A 40 -10.12 -5.47 -2.27
N GLU A 41 -9.49 -5.03 -3.33
CA GLU A 41 -9.42 -5.89 -4.56
C GLU A 41 -8.42 -7.02 -4.35
N LEU A 42 -7.42 -6.81 -3.55
CA LEU A 42 -6.40 -7.88 -3.31
C LEU A 42 -6.91 -8.87 -2.26
N GLU A 43 -6.88 -8.49 -1.00
CA GLU A 43 -7.36 -9.42 0.05
C GLU A 43 -8.89 -9.37 0.15
N GLY A 44 -9.43 -8.34 0.74
CA GLY A 44 -10.90 -8.23 0.85
C GLY A 44 -11.27 -7.39 2.07
N ILE A 45 -10.63 -6.27 2.24
CA ILE A 45 -10.94 -5.41 3.42
C ILE A 45 -12.18 -4.56 3.14
N GLN A 46 -13.31 -4.94 3.67
CA GLN A 46 -14.56 -4.16 3.44
C GLN A 46 -14.42 -2.76 4.04
N LYS A 47 -13.87 -2.66 5.22
CA LYS A 47 -13.71 -1.31 5.85
C LYS A 47 -12.32 -1.20 6.48
N MET A 48 -11.51 -0.30 5.99
CA MET A 48 -10.13 -0.14 6.56
C MET A 48 -10.22 0.16 8.05
N THR A 49 -9.56 -0.61 8.87
CA THR A 49 -9.60 -0.37 10.33
C THR A 49 -8.78 0.87 10.68
N GLU A 50 -8.95 1.39 11.87
CA GLU A 50 -8.17 2.61 12.27
C GLU A 50 -6.67 2.31 12.24
N GLU A 51 -6.30 1.09 12.53
CA GLU A 51 -4.85 0.75 12.54
C GLU A 51 -4.31 0.71 11.10
N HIS A 52 -5.04 0.12 10.19
CA HIS A 52 -4.57 0.05 8.78
C HIS A 52 -4.18 1.45 8.29
N TRP A 53 -5.07 2.40 8.40
CA TRP A 53 -4.75 3.78 7.95
C TRP A 53 -3.58 4.35 8.76
N LYS A 54 -3.45 3.95 10.00
CA LYS A 54 -2.34 4.47 10.84
C LYS A 54 -0.99 4.06 10.24
N LEU A 55 -0.71 2.78 10.20
CA LEU A 55 0.58 2.31 9.63
C LEU A 55 0.80 2.93 8.24
N VAL A 56 -0.24 2.99 7.44
CA VAL A 56 -0.09 3.57 6.08
C VAL A 56 0.42 5.01 6.18
N LYS A 57 -0.08 5.77 7.12
CA LYS A 57 0.38 7.18 7.26
C LYS A 57 1.84 7.20 7.71
N TYR A 58 2.16 6.58 8.80
CA TYR A 58 3.57 6.56 9.28
C TYR A 58 4.51 6.20 8.13
N LEU A 59 4.07 5.35 7.25
CA LEU A 59 4.94 4.96 6.09
C LEU A 59 5.09 6.13 5.13
N ARG A 60 4.00 6.75 4.75
CA ARG A 60 4.09 7.90 3.81
C ARG A 60 5.10 8.93 4.33
N GLU A 61 4.96 9.35 5.56
CA GLU A 61 5.91 10.33 6.12
C GLU A 61 7.35 9.83 6.00
N TYR A 62 7.55 8.56 6.24
CA TYR A 62 8.92 7.99 6.13
C TYR A 62 9.43 8.11 4.70
N TRP A 63 8.55 8.08 3.73
CA TRP A 63 8.99 8.19 2.32
C TRP A 63 9.37 9.64 2.00
N GLU A 64 8.74 10.59 2.64
CA GLU A 64 9.07 12.02 2.37
C GLU A 64 10.48 12.34 2.89
N THR A 65 10.81 11.84 4.05
CA THR A 65 12.16 12.13 4.62
C THR A 65 13.24 11.61 3.66
N PHE A 66 13.05 10.47 3.08
CA PHE A 66 14.06 9.92 2.13
C PHE A 66 13.38 9.13 1.01
N GLY A 67 12.61 8.14 1.36
CA GLY A 67 11.92 7.33 0.32
C GLY A 67 12.36 5.88 0.40
N THR A 68 11.78 5.10 1.27
CA THR A 68 12.18 3.67 1.40
C THR A 68 11.03 2.85 1.98
N CYS A 69 11.17 1.56 2.00
CA CYS A 69 10.09 0.70 2.57
C CYS A 69 10.69 -0.48 3.34
N PRO A 70 11.18 -0.18 4.51
CA PRO A 70 11.80 -1.22 5.37
C PRO A 70 10.72 -2.13 5.97
N PRO A 71 11.14 -3.28 6.41
CA PRO A 71 10.19 -4.25 7.03
C PRO A 71 9.75 -3.77 8.41
N ILE A 72 9.00 -4.57 9.11
CA ILE A 72 8.53 -4.15 10.47
C ILE A 72 9.57 -4.54 11.52
N LYS A 73 10.81 -4.21 11.29
CA LYS A 73 11.88 -4.55 12.29
C LYS A 73 12.17 -3.35 13.18
N MET A 74 12.61 -2.26 12.60
CA MET A 74 12.91 -1.05 13.40
C MET A 74 11.61 -0.38 13.87
N VAL A 75 10.54 -0.60 13.15
CA VAL A 75 9.24 0.01 13.55
C VAL A 75 8.75 -0.58 14.87
N THR A 76 8.96 -1.85 15.07
CA THR A 76 8.51 -2.48 16.34
C THR A 76 9.29 -1.91 17.53
N LYS A 77 10.49 -1.45 17.29
CA LYS A 77 11.31 -0.89 18.39
C LYS A 77 10.62 0.36 18.96
N GLU A 78 9.87 1.06 18.16
CA GLU A 78 9.18 2.29 18.67
C GLU A 78 7.75 2.36 18.12
N THR A 79 7.03 1.29 18.21
CA THR A 79 5.62 1.29 17.71
C THR A 79 4.79 0.23 18.43
N GLY A 80 5.29 -0.97 18.52
CA GLY A 80 4.53 -2.04 19.23
C GLY A 80 3.79 -2.92 18.20
N PHE A 81 3.69 -2.45 16.99
CA PHE A 81 2.99 -3.25 15.94
C PHE A 81 3.60 -4.64 15.85
N SER A 82 2.99 -5.61 16.47
CA SER A 82 3.54 -7.00 16.43
C SER A 82 3.37 -7.59 15.03
N LEU A 83 4.27 -8.44 14.62
CA LEU A 83 4.15 -9.05 13.26
C LEU A 83 2.84 -9.84 13.15
N GLU A 84 2.35 -10.34 14.24
CA GLU A 84 1.08 -11.12 14.19
C GLU A 84 -0.10 -10.20 13.85
N LYS A 85 -0.21 -9.09 14.51
CA LYS A 85 -1.32 -8.14 14.22
C LYS A 85 -1.31 -7.73 12.74
N ILE A 86 -0.14 -7.49 12.20
CA ILE A 86 -0.05 -7.09 10.77
C ILE A 86 -0.35 -8.29 9.86
N TYR A 87 -0.08 -9.47 10.34
CA TYR A 87 -0.35 -10.69 9.51
C TYR A 87 -1.85 -10.90 9.35
N GLN A 88 -2.60 -10.74 10.41
CA GLN A 88 -4.07 -10.93 10.33
C GLN A 88 -4.71 -9.77 9.57
N LEU A 89 -4.46 -8.56 9.99
CA LEU A 89 -5.06 -7.39 9.29
C LEU A 89 -4.60 -7.36 7.84
N PHE A 90 -3.43 -7.86 7.56
CA PHE A 90 -2.94 -7.86 6.15
C PHE A 90 -2.10 -9.12 5.88
N PRO A 91 -2.76 -10.11 5.33
CA PRO A 91 -2.08 -11.39 5.01
C PRO A 91 -1.14 -11.21 3.82
N SER A 92 0.10 -10.84 4.06
CA SER A 92 1.06 -10.65 2.95
C SER A 92 2.39 -10.12 3.48
N GLY A 93 2.35 -9.20 4.39
CA GLY A 93 3.62 -8.64 4.95
C GLY A 93 3.65 -7.13 4.76
N PRO A 94 4.15 -6.45 5.75
CA PRO A 94 4.24 -4.97 5.69
C PRO A 94 5.35 -4.53 4.72
N ALA A 95 6.15 -5.46 4.28
CA ALA A 95 7.25 -5.10 3.34
C ALA A 95 6.66 -4.64 2.00
N HIS A 96 6.46 -5.55 1.09
CA HIS A 96 5.89 -5.18 -0.24
C HIS A 96 4.38 -4.92 -0.13
N GLY A 97 3.79 -5.28 0.99
CA GLY A 97 2.33 -5.05 1.16
C GLY A 97 2.07 -3.60 1.52
N ALA A 98 2.19 -3.25 2.78
CA ALA A 98 1.94 -1.83 3.19
C ALA A 98 2.57 -0.87 2.18
N CYS A 99 3.69 -1.24 1.62
CA CYS A 99 4.36 -0.34 0.63
C CYS A 99 3.55 -0.28 -0.67
N LYS A 100 3.44 -1.39 -1.35
CA LYS A 100 2.66 -1.40 -2.63
C LYS A 100 1.36 -0.61 -2.46
N VAL A 101 0.80 -0.61 -1.28
CA VAL A 101 -0.47 0.13 -1.06
C VAL A 101 -0.20 1.64 -0.99
N ALA A 102 0.73 2.05 -0.17
CA ALA A 102 1.04 3.50 -0.06
C ALA A 102 1.39 4.06 -1.44
N GLY A 103 1.90 3.25 -2.32
CA GLY A 103 2.26 3.74 -3.68
C GLY A 103 3.69 4.30 -3.66
N ALA A 104 4.61 3.57 -3.07
CA ALA A 104 6.02 4.06 -3.03
C ALA A 104 6.94 3.06 -3.71
N PRO A 105 6.77 2.95 -5.01
CA PRO A 105 7.61 2.02 -5.80
C PRO A 105 9.04 2.55 -5.93
N LYS A 106 9.94 1.75 -6.41
CA LYS A 106 11.35 2.21 -6.57
C LYS A 106 11.40 3.55 -7.30
N PRO A 107 12.50 4.22 -7.17
CA PRO A 107 12.68 5.54 -7.83
C PRO A 107 12.86 5.37 -9.34
N THR A 108 12.98 6.45 -10.05
CA THR A 108 13.17 6.35 -11.53
C THR A 108 14.63 6.57 -11.91
N GLY A 109 15.15 5.75 -12.78
CA GLY A 109 16.58 5.90 -13.18
C GLY A 109 16.65 6.52 -14.58
N CYS A 110 16.63 5.72 -15.61
CA CYS A 110 16.70 6.26 -16.99
C CYS A 110 15.28 6.40 -17.57
N VAL A 111 15.16 7.06 -18.70
CA VAL A 111 13.82 7.23 -19.32
C VAL A 111 13.43 5.99 -20.11
N MET A 1 -12.28 -10.86 -8.78
CA MET A 1 -11.16 -11.03 -7.80
C MET A 1 -9.82 -11.00 -8.53
N PRO A 2 -9.64 -11.93 -9.43
CA PRO A 2 -8.39 -12.01 -10.22
C PRO A 2 -8.32 -10.86 -11.23
N VAL A 3 -7.93 -9.70 -10.80
CA VAL A 3 -7.84 -8.55 -11.74
C VAL A 3 -6.72 -8.77 -12.75
N LYS A 4 -7.06 -8.87 -14.01
CA LYS A 4 -6.02 -9.09 -15.05
C LYS A 4 -5.08 -7.89 -15.13
N CYS A 5 -3.81 -8.14 -15.36
CA CYS A 5 -2.84 -7.00 -15.44
C CYS A 5 -1.86 -7.24 -16.59
N PRO A 6 -1.39 -6.16 -17.18
CA PRO A 6 -1.79 -4.80 -16.76
C PRO A 6 -3.21 -4.48 -17.26
N GLY A 7 -3.82 -3.46 -16.73
CA GLY A 7 -5.19 -3.10 -17.18
C GLY A 7 -5.61 -1.78 -16.54
N GLU A 8 -6.53 -1.08 -17.14
CA GLU A 8 -6.98 0.22 -16.56
C GLU A 8 -8.29 0.03 -15.78
N TYR A 9 -8.54 0.89 -14.83
CA TYR A 9 -9.79 0.76 -14.03
C TYR A 9 -10.29 2.14 -13.59
N GLN A 10 -11.59 2.31 -13.49
CA GLN A 10 -12.13 3.63 -13.07
C GLN A 10 -12.61 3.57 -11.62
N VAL A 11 -12.01 4.34 -10.76
CA VAL A 11 -12.43 4.32 -9.33
C VAL A 11 -13.09 5.65 -8.94
N ASP A 12 -14.40 5.66 -8.86
CA ASP A 12 -15.12 6.92 -8.48
C ASP A 12 -14.73 8.05 -9.45
N GLY A 13 -13.87 8.94 -9.02
CA GLY A 13 -13.46 10.07 -9.92
C GLY A 13 -11.94 10.06 -10.09
N LYS A 14 -11.38 8.94 -10.45
CA LYS A 14 -9.90 8.87 -10.63
C LYS A 14 -9.55 7.75 -11.60
N LYS A 15 -8.54 7.95 -12.41
CA LYS A 15 -8.15 6.89 -13.38
C LYS A 15 -6.95 6.10 -12.85
N VAL A 16 -7.10 4.81 -12.75
CA VAL A 16 -5.97 3.98 -12.23
C VAL A 16 -5.36 3.13 -13.35
N ILE A 17 -4.08 2.99 -13.39
CA ILE A 17 -3.43 2.18 -14.45
C ILE A 17 -2.56 1.08 -13.83
N LEU A 18 -3.05 -0.12 -13.77
CA LEU A 18 -2.25 -1.24 -13.18
C LEU A 18 -1.18 -1.70 -14.18
N ASP A 19 0.07 -1.65 -13.79
CA ASP A 19 1.15 -2.10 -14.70
C ASP A 19 1.48 -3.58 -14.44
N GLU A 20 2.73 -3.93 -14.49
CA GLU A 20 3.11 -5.35 -14.24
C GLU A 20 2.81 -5.73 -12.79
N ASP A 21 2.19 -6.87 -12.57
CA ASP A 21 1.88 -7.28 -11.18
C ASP A 21 0.84 -6.33 -10.56
N CYS A 22 -0.07 -5.84 -11.36
CA CYS A 22 -1.11 -4.91 -10.82
C CYS A 22 -0.47 -3.89 -9.90
N PHE A 23 0.66 -3.35 -10.29
CA PHE A 23 1.33 -2.33 -9.42
C PHE A 23 0.79 -0.93 -9.73
N MET A 24 0.66 -0.10 -8.73
CA MET A 24 0.15 1.28 -8.99
C MET A 24 1.16 2.10 -9.77
N GLN A 25 0.85 2.44 -10.99
CA GLN A 25 1.81 3.25 -11.81
C GLN A 25 1.32 4.69 -11.92
N ASN A 26 0.64 5.18 -10.92
CA ASN A 26 0.13 6.59 -10.97
C ASN A 26 0.01 7.15 -9.55
N PRO A 27 1.13 7.31 -8.91
CA PRO A 27 1.15 7.85 -7.53
C PRO A 27 0.88 9.34 -7.54
N GLU A 28 0.95 9.96 -8.69
CA GLU A 28 0.68 11.43 -8.76
C GLU A 28 -0.65 11.76 -8.09
N ASP A 29 -1.61 10.88 -8.18
CA ASP A 29 -2.94 11.16 -7.55
C ASP A 29 -3.07 10.35 -6.26
N TRP A 30 -3.52 9.13 -6.35
CA TRP A 30 -3.67 8.29 -5.13
C TRP A 30 -4.65 8.97 -4.15
N ASP A 31 -5.39 8.19 -3.41
CA ASP A 31 -6.36 8.78 -2.44
C ASP A 31 -6.82 7.72 -1.44
N GLU A 32 -7.66 8.08 -0.52
CA GLU A 32 -8.14 7.10 0.50
C GLU A 32 -9.05 6.06 -0.17
N LYS A 33 -10.07 6.50 -0.83
CA LYS A 33 -11.01 5.54 -1.50
C LYS A 33 -10.23 4.67 -2.50
N VAL A 34 -9.26 5.23 -3.16
CA VAL A 34 -8.47 4.44 -4.15
C VAL A 34 -7.71 3.31 -3.44
N ALA A 35 -6.83 3.66 -2.56
CA ALA A 35 -6.05 2.60 -1.83
C ALA A 35 -6.98 1.50 -1.32
N GLU A 36 -8.09 1.87 -0.73
CA GLU A 36 -9.04 0.85 -0.22
C GLU A 36 -9.50 -0.07 -1.35
N TRP A 37 -9.85 0.48 -2.48
CA TRP A 37 -10.31 -0.37 -3.61
C TRP A 37 -9.23 -1.38 -3.99
N LEU A 38 -8.03 -0.92 -4.22
CA LEU A 38 -6.93 -1.86 -4.60
C LEU A 38 -6.80 -2.98 -3.58
N ALA A 39 -6.92 -2.66 -2.31
CA ALA A 39 -6.79 -3.72 -1.27
C ALA A 39 -7.97 -4.69 -1.34
N ARG A 40 -9.11 -4.23 -1.78
CA ARG A 40 -10.29 -5.13 -1.86
C ARG A 40 -10.15 -6.10 -3.05
N GLU A 41 -9.74 -5.60 -4.18
CA GLU A 41 -9.58 -6.49 -5.37
C GLU A 41 -8.44 -7.49 -5.14
N LEU A 42 -7.42 -7.09 -4.44
CA LEU A 42 -6.27 -8.01 -4.19
C LEU A 42 -6.58 -8.92 -3.00
N GLU A 43 -6.65 -8.37 -1.81
CA GLU A 43 -6.94 -9.21 -0.62
C GLU A 43 -8.45 -9.46 -0.51
N GLY A 44 -9.22 -8.43 -0.30
CA GLY A 44 -10.70 -8.62 -0.18
C GLY A 44 -11.23 -7.76 0.97
N ILE A 45 -10.36 -7.14 1.71
CA ILE A 45 -10.82 -6.28 2.85
C ILE A 45 -11.86 -5.27 2.35
N GLN A 46 -13.05 -5.35 2.87
CA GLN A 46 -14.12 -4.39 2.43
C GLN A 46 -13.87 -3.01 3.04
N LYS A 47 -13.33 -2.97 4.23
CA LYS A 47 -13.06 -1.65 4.88
C LYS A 47 -11.68 -1.66 5.53
N MET A 48 -11.00 -0.54 5.51
CA MET A 48 -9.64 -0.49 6.13
C MET A 48 -9.76 -0.17 7.62
N THR A 49 -9.12 -0.94 8.46
CA THR A 49 -9.19 -0.67 9.93
C THR A 49 -8.36 0.56 10.28
N GLU A 50 -8.47 1.03 11.49
CA GLU A 50 -7.68 2.23 11.90
C GLU A 50 -6.19 1.89 11.95
N GLU A 51 -5.86 0.64 12.12
CA GLU A 51 -4.42 0.24 12.18
C GLU A 51 -3.80 0.29 10.78
N HIS A 52 -4.52 -0.14 9.78
CA HIS A 52 -3.98 -0.12 8.39
C HIS A 52 -3.62 1.32 7.98
N TRP A 53 -4.59 2.20 7.98
CA TRP A 53 -4.30 3.61 7.59
C TRP A 53 -3.24 4.21 8.52
N LYS A 54 -3.19 3.77 9.74
CA LYS A 54 -2.17 4.32 10.68
C LYS A 54 -0.75 3.98 10.19
N LEU A 55 -0.40 2.74 10.16
CA LEU A 55 0.96 2.35 9.69
C LEU A 55 1.20 2.87 8.27
N VAL A 56 0.17 3.00 7.50
CA VAL A 56 0.34 3.50 6.11
C VAL A 56 0.83 4.96 6.12
N LYS A 57 0.32 5.76 7.02
CA LYS A 57 0.75 7.18 7.08
C LYS A 57 2.13 7.28 7.75
N TYR A 58 2.41 6.40 8.67
CA TYR A 58 3.74 6.44 9.35
C TYR A 58 4.86 6.17 8.35
N LEU A 59 4.75 5.14 7.57
CA LEU A 59 5.80 4.82 6.56
C LEU A 59 5.94 5.98 5.57
N ARG A 60 4.87 6.67 5.30
CA ARG A 60 4.94 7.81 4.34
C ARG A 60 5.96 8.85 4.82
N GLU A 61 6.18 8.93 6.10
CA GLU A 61 7.16 9.92 6.64
C GLU A 61 8.57 9.61 6.11
N TYR A 62 8.97 8.36 6.16
CA TYR A 62 10.32 7.99 5.67
C TYR A 62 10.36 8.02 4.14
N TRP A 63 9.26 7.75 3.50
CA TRP A 63 9.23 7.76 2.01
C TRP A 63 9.47 9.18 1.49
N GLU A 64 8.83 10.15 2.07
CA GLU A 64 9.01 11.55 1.61
C GLU A 64 10.49 11.94 1.67
N THR A 65 11.15 11.60 2.74
CA THR A 65 12.59 11.96 2.87
C THR A 65 13.41 11.24 1.80
N PHE A 66 13.51 9.94 1.89
CA PHE A 66 14.29 9.18 0.88
C PHE A 66 13.38 8.73 -0.26
N GLY A 67 12.42 7.90 0.02
CA GLY A 67 11.49 7.43 -1.05
C GLY A 67 11.64 5.92 -1.22
N THR A 68 11.70 5.19 -0.14
CA THR A 68 11.85 3.71 -0.24
C THR A 68 10.96 3.03 0.80
N CYS A 69 11.27 1.79 1.13
CA CYS A 69 10.44 1.07 2.15
C CYS A 69 11.35 0.27 3.09
N PRO A 70 11.54 0.81 4.26
CA PRO A 70 12.40 0.14 5.28
C PRO A 70 11.67 -1.06 5.87
N PRO A 71 12.39 -1.82 6.66
CA PRO A 71 11.81 -3.01 7.31
C PRO A 71 10.85 -2.60 8.43
N ILE A 72 10.49 -3.52 9.28
CA ILE A 72 9.56 -3.18 10.39
C ILE A 72 10.25 -3.34 11.75
N LYS A 73 11.46 -2.87 11.86
CA LYS A 73 12.20 -3.00 13.16
C LYS A 73 11.98 -1.76 14.02
N MET A 74 12.47 -0.63 13.59
CA MET A 74 12.29 0.61 14.40
C MET A 74 10.80 0.93 14.57
N VAL A 75 9.96 0.30 13.79
CA VAL A 75 8.50 0.57 13.89
C VAL A 75 7.95 -0.08 15.17
N THR A 76 8.09 -1.37 15.31
CA THR A 76 7.57 -2.05 16.52
C THR A 76 8.29 -1.53 17.77
N LYS A 77 9.50 -1.09 17.61
CA LYS A 77 10.25 -0.56 18.79
C LYS A 77 9.54 0.67 19.37
N GLU A 78 8.83 1.39 18.55
CA GLU A 78 8.11 2.59 19.06
C GLU A 78 6.61 2.32 19.13
N THR A 79 5.97 2.10 18.01
CA THR A 79 4.51 1.82 18.03
C THR A 79 4.20 0.62 18.92
N GLY A 80 5.08 -0.36 18.93
CA GLY A 80 4.84 -1.56 19.78
C GLY A 80 3.68 -2.37 19.20
N PHE A 81 3.60 -2.45 17.90
CA PHE A 81 2.48 -3.21 17.27
C PHE A 81 2.75 -4.72 17.40
N SER A 82 1.85 -5.45 18.00
CA SER A 82 2.04 -6.92 18.15
C SER A 82 2.34 -7.55 16.79
N LEU A 83 3.30 -8.44 16.73
CA LEU A 83 3.62 -9.10 15.43
C LEU A 83 2.42 -9.89 14.93
N GLU A 84 1.68 -10.49 15.82
CA GLU A 84 0.49 -11.29 15.40
C GLU A 84 -0.59 -10.36 14.84
N LYS A 85 -0.73 -9.19 15.40
CA LYS A 85 -1.78 -8.25 14.90
C LYS A 85 -1.54 -7.93 13.43
N ILE A 86 -0.35 -7.51 13.08
CA ILE A 86 -0.06 -7.20 11.65
C ILE A 86 -0.12 -8.47 10.80
N TYR A 87 0.35 -9.56 11.33
CA TYR A 87 0.31 -10.84 10.54
C TYR A 87 -1.13 -11.14 10.13
N GLN A 88 -2.08 -10.87 10.98
CA GLN A 88 -3.51 -11.14 10.62
C GLN A 88 -4.01 -10.09 9.63
N LEU A 89 -3.77 -8.83 9.90
CA LEU A 89 -4.23 -7.77 8.96
C LEU A 89 -3.49 -7.89 7.63
N PHE A 90 -2.46 -8.69 7.58
CA PHE A 90 -1.69 -8.84 6.31
C PHE A 90 -0.65 -9.95 6.46
N PRO A 91 -0.95 -11.08 5.87
CA PRO A 91 -0.03 -12.25 5.94
C PRO A 91 1.21 -12.00 5.07
N SER A 92 1.09 -11.17 4.07
CA SER A 92 2.25 -10.89 3.18
C SER A 92 3.23 -9.94 3.89
N GLY A 93 2.93 -9.54 5.10
CA GLY A 93 3.83 -8.63 5.83
C GLY A 93 3.59 -7.19 5.37
N PRO A 94 3.77 -6.28 6.30
CA PRO A 94 3.57 -4.84 5.99
C PRO A 94 4.72 -4.32 5.12
N ALA A 95 5.76 -5.09 4.96
CA ALA A 95 6.90 -4.63 4.12
C ALA A 95 6.41 -4.15 2.76
N HIS A 96 6.23 -5.05 1.83
CA HIS A 96 5.75 -4.64 0.48
C HIS A 96 4.24 -4.34 0.52
N GLY A 97 3.56 -4.81 1.53
CA GLY A 97 2.10 -4.56 1.62
C GLY A 97 1.85 -3.12 2.08
N ALA A 98 2.22 -2.81 3.31
CA ALA A 98 2.01 -1.43 3.82
C ALA A 98 2.44 -0.41 2.75
N CYS A 99 3.50 -0.69 2.05
CA CYS A 99 3.97 0.26 1.01
C CYS A 99 3.00 0.29 -0.16
N LYS A 100 2.55 -0.85 -0.60
CA LYS A 100 1.60 -0.90 -1.75
C LYS A 100 0.37 -0.03 -1.45
N VAL A 101 -0.12 -0.07 -0.25
CA VAL A 101 -1.31 0.76 0.10
C VAL A 101 -0.91 2.23 0.21
N ALA A 102 0.26 2.51 0.73
CA ALA A 102 0.70 3.92 0.87
C ALA A 102 0.79 4.58 -0.51
N GLY A 103 1.08 3.81 -1.52
CA GLY A 103 1.19 4.40 -2.89
C GLY A 103 2.66 4.68 -3.22
N ALA A 104 3.51 3.71 -3.02
CA ALA A 104 4.96 3.93 -3.31
C ALA A 104 5.74 2.63 -3.10
N PRO A 105 5.70 1.80 -4.11
CA PRO A 105 6.41 0.49 -4.05
C PRO A 105 7.92 0.71 -4.18
N LYS A 106 8.43 0.69 -5.38
CA LYS A 106 9.90 0.89 -5.59
C LYS A 106 10.15 2.21 -6.30
N PRO A 107 11.39 2.65 -6.25
CA PRO A 107 11.78 3.92 -6.90
C PRO A 107 11.82 3.75 -8.42
N THR A 108 12.36 4.71 -9.12
CA THR A 108 12.44 4.60 -10.60
C THR A 108 13.82 5.01 -11.11
N GLY A 109 14.74 5.24 -10.22
CA GLY A 109 16.11 5.64 -10.63
C GLY A 109 16.73 4.52 -11.48
N CYS A 110 17.26 4.86 -12.63
CA CYS A 110 17.87 3.82 -13.50
C CYS A 110 19.07 3.18 -12.80
N VAL A 111 19.00 1.89 -12.56
CA VAL A 111 20.14 1.20 -11.88
C VAL A 111 21.08 0.58 -12.91
N MET A 1 -14.33 -8.90 -7.67
CA MET A 1 -13.77 -9.29 -9.00
C MET A 1 -12.26 -9.03 -9.03
N PRO A 2 -11.54 -10.02 -9.47
CA PRO A 2 -10.06 -9.90 -9.55
C PRO A 2 -9.65 -8.99 -10.72
N VAL A 3 -8.94 -7.94 -10.44
CA VAL A 3 -8.53 -7.01 -11.54
C VAL A 3 -7.53 -7.72 -12.47
N LYS A 4 -7.96 -8.05 -13.65
CA LYS A 4 -7.04 -8.73 -14.60
C LYS A 4 -5.87 -7.82 -14.96
N CYS A 5 -4.71 -8.08 -14.42
CA CYS A 5 -3.53 -7.21 -14.73
C CYS A 5 -2.71 -7.83 -15.87
N PRO A 6 -2.19 -6.98 -16.73
CA PRO A 6 -2.39 -5.51 -16.60
C PRO A 6 -3.80 -5.11 -17.03
N GLY A 7 -4.38 -4.15 -16.38
CA GLY A 7 -5.76 -3.72 -16.76
C GLY A 7 -5.95 -2.24 -16.42
N GLU A 8 -6.97 -1.62 -16.94
CA GLU A 8 -7.21 -0.18 -16.65
C GLU A 8 -8.52 0.00 -15.88
N TYR A 9 -8.58 0.94 -14.98
CA TYR A 9 -9.82 1.15 -14.20
C TYR A 9 -9.99 2.64 -13.88
N GLN A 10 -11.12 3.02 -13.35
CA GLN A 10 -11.35 4.45 -13.02
C GLN A 10 -11.94 4.58 -11.61
N VAL A 11 -11.29 5.31 -10.75
CA VAL A 11 -11.81 5.48 -9.36
C VAL A 11 -12.52 6.83 -9.23
N ASP A 12 -13.83 6.81 -9.11
CA ASP A 12 -14.58 8.09 -8.99
C ASP A 12 -14.28 9.00 -10.17
N GLY A 13 -13.25 9.81 -10.08
CA GLY A 13 -12.91 10.73 -11.20
C GLY A 13 -11.41 10.62 -11.50
N LYS A 14 -10.90 9.43 -11.62
CA LYS A 14 -9.44 9.27 -11.92
C LYS A 14 -9.21 8.00 -12.73
N LYS A 15 -8.18 7.98 -13.53
CA LYS A 15 -7.89 6.77 -14.35
C LYS A 15 -6.59 6.11 -13.88
N VAL A 16 -6.69 4.95 -13.29
CA VAL A 16 -5.47 4.24 -12.80
C VAL A 16 -5.11 3.09 -13.74
N ILE A 17 -3.84 2.89 -14.01
CA ILE A 17 -3.43 1.79 -14.91
C ILE A 17 -2.60 0.76 -14.16
N LEU A 18 -3.16 -0.39 -13.89
CA LEU A 18 -2.40 -1.43 -13.15
C LEU A 18 -1.51 -2.23 -14.12
N ASP A 19 -0.23 -2.29 -13.85
CA ASP A 19 0.68 -3.05 -14.76
C ASP A 19 0.37 -4.54 -14.70
N GLU A 20 1.20 -5.36 -15.30
CA GLU A 20 0.94 -6.83 -15.28
C GLU A 20 0.81 -7.32 -13.83
N ASP A 21 1.58 -6.79 -12.94
CA ASP A 21 1.50 -7.24 -11.52
C ASP A 21 0.61 -6.28 -10.72
N CYS A 22 -0.47 -5.83 -11.31
CA CYS A 22 -1.38 -4.89 -10.59
C CYS A 22 -0.56 -3.80 -9.88
N PHE A 23 0.47 -3.32 -10.51
CA PHE A 23 1.31 -2.25 -9.87
C PHE A 23 0.74 -0.87 -10.21
N MET A 24 0.93 0.09 -9.34
CA MET A 24 0.41 1.45 -9.62
C MET A 24 1.39 2.24 -10.49
N GLN A 25 0.91 2.88 -11.51
CA GLN A 25 1.82 3.67 -12.40
C GLN A 25 1.60 5.17 -12.18
N ASN A 26 0.59 5.53 -11.44
CA ASN A 26 0.31 6.97 -11.19
C ASN A 26 -0.11 7.18 -9.73
N PRO A 27 0.77 6.83 -8.84
CA PRO A 27 0.50 6.98 -7.39
C PRO A 27 0.56 8.45 -6.99
N GLU A 28 0.86 9.33 -7.92
CA GLU A 28 0.94 10.78 -7.58
C GLU A 28 -0.38 11.25 -6.96
N ASP A 29 -1.47 10.65 -7.35
CA ASP A 29 -2.79 11.07 -6.79
C ASP A 29 -3.30 10.00 -5.80
N TRP A 30 -2.41 9.40 -5.05
CA TRP A 30 -2.85 8.36 -4.08
C TRP A 30 -3.81 8.97 -3.05
N ASP A 31 -4.79 8.22 -2.61
CA ASP A 31 -5.75 8.76 -1.61
C ASP A 31 -6.33 7.62 -0.78
N GLU A 32 -7.12 7.93 0.21
CA GLU A 32 -7.71 6.86 1.06
C GLU A 32 -8.59 5.94 0.21
N LYS A 33 -9.33 6.49 -0.71
CA LYS A 33 -10.21 5.64 -1.57
C LYS A 33 -9.36 4.74 -2.47
N VAL A 34 -8.20 5.20 -2.86
CA VAL A 34 -7.33 4.37 -3.74
C VAL A 34 -6.74 3.20 -2.94
N ALA A 35 -6.03 3.48 -1.89
CA ALA A 35 -5.43 2.39 -1.07
C ALA A 35 -6.51 1.38 -0.67
N GLU A 36 -7.63 1.86 -0.19
CA GLU A 36 -8.72 0.93 0.23
C GLU A 36 -9.30 0.21 -0.99
N TRP A 37 -9.32 0.87 -2.12
CA TRP A 37 -9.87 0.22 -3.35
C TRP A 37 -9.05 -1.01 -3.72
N LEU A 38 -7.75 -0.88 -3.75
CA LEU A 38 -6.89 -2.04 -4.10
C LEU A 38 -6.97 -3.12 -3.01
N ALA A 39 -7.01 -2.71 -1.77
CA ALA A 39 -7.08 -3.71 -0.66
C ALA A 39 -8.33 -4.58 -0.80
N ARG A 40 -9.43 -3.99 -1.20
CA ARG A 40 -10.68 -4.78 -1.35
C ARG A 40 -10.59 -5.72 -2.57
N GLU A 41 -10.23 -5.18 -3.70
CA GLU A 41 -10.12 -6.03 -4.92
C GLU A 41 -9.10 -7.15 -4.71
N LEU A 42 -8.14 -6.94 -3.85
CA LEU A 42 -7.11 -7.99 -3.60
C LEU A 42 -7.59 -8.95 -2.51
N GLU A 43 -7.61 -8.51 -1.28
CA GLU A 43 -8.06 -9.39 -0.17
C GLU A 43 -9.59 -9.43 -0.10
N GLY A 44 -10.23 -8.30 -0.24
CA GLY A 44 -11.72 -8.27 -0.19
C GLY A 44 -12.16 -7.40 0.99
N ILE A 45 -11.30 -6.52 1.46
CA ILE A 45 -11.67 -5.65 2.60
C ILE A 45 -12.53 -4.49 2.12
N GLN A 46 -13.81 -4.53 2.39
CA GLN A 46 -14.70 -3.41 1.94
C GLN A 46 -14.36 -2.13 2.70
N LYS A 47 -14.21 -2.22 3.99
CA LYS A 47 -13.87 -1.00 4.79
C LYS A 47 -12.52 -1.19 5.50
N MET A 48 -11.52 -0.49 5.07
CA MET A 48 -10.18 -0.63 5.71
C MET A 48 -10.32 -0.69 7.23
N THR A 49 -9.44 -1.37 7.89
CA THR A 49 -9.53 -1.46 9.38
C THR A 49 -8.85 -0.25 10.03
N GLU A 50 -8.95 -0.12 11.33
CA GLU A 50 -8.31 1.03 12.01
C GLU A 50 -6.79 0.86 12.05
N GLU A 51 -6.33 -0.33 12.31
CA GLU A 51 -4.86 -0.56 12.36
C GLU A 51 -4.25 -0.43 10.97
N HIS A 52 -4.98 -0.80 9.95
CA HIS A 52 -4.45 -0.70 8.56
C HIS A 52 -4.00 0.74 8.27
N TRP A 53 -4.85 1.70 8.56
CA TRP A 53 -4.48 3.13 8.30
C TRP A 53 -3.41 3.58 9.30
N LYS A 54 -3.38 2.99 10.47
CA LYS A 54 -2.36 3.39 11.48
C LYS A 54 -0.96 3.13 10.96
N LEU A 55 -0.65 1.90 10.63
CA LEU A 55 0.71 1.57 10.11
C LEU A 55 0.92 2.21 8.73
N VAL A 56 0.00 2.01 7.83
CA VAL A 56 0.15 2.59 6.47
C VAL A 56 0.42 4.10 6.55
N LYS A 57 -0.15 4.75 7.53
CA LYS A 57 0.07 6.21 7.67
C LYS A 57 1.48 6.50 8.21
N TYR A 58 1.84 5.87 9.30
CA TYR A 58 3.21 6.09 9.87
C TYR A 58 4.27 5.85 8.80
N LEU A 59 4.02 4.96 7.88
CA LEU A 59 5.02 4.68 6.81
C LEU A 59 5.08 5.86 5.83
N ARG A 60 3.95 6.37 5.42
CA ARG A 60 3.95 7.51 4.47
C ARG A 60 4.90 8.60 4.95
N GLU A 61 4.99 8.80 6.24
CA GLU A 61 5.90 9.85 6.78
C GLU A 61 7.35 9.58 6.35
N TYR A 62 7.82 8.38 6.57
CA TYR A 62 9.22 8.06 6.18
C TYR A 62 9.39 8.18 4.66
N TRP A 63 8.43 7.71 3.92
CA TRP A 63 8.53 7.80 2.43
C TRP A 63 8.41 9.26 1.98
N GLU A 64 8.01 10.12 2.86
CA GLU A 64 7.89 11.57 2.48
C GLU A 64 9.21 12.30 2.73
N THR A 65 10.10 11.69 3.47
CA THR A 65 11.41 12.35 3.75
C THR A 65 12.48 11.83 2.78
N PHE A 66 12.55 10.54 2.61
CA PHE A 66 13.58 9.97 1.69
C PHE A 66 12.90 9.09 0.64
N GLY A 67 11.63 8.83 0.80
CA GLY A 67 10.91 7.98 -0.20
C GLY A 67 11.48 6.55 -0.15
N THR A 68 11.67 6.01 1.03
CA THR A 68 12.21 4.64 1.15
C THR A 68 11.17 3.70 1.76
N CYS A 69 11.16 2.45 1.38
CA CYS A 69 10.17 1.50 1.94
C CYS A 69 10.89 0.38 2.71
N PRO A 70 10.87 0.49 4.02
CA PRO A 70 11.52 -0.52 4.88
C PRO A 70 10.71 -1.82 4.89
N PRO A 71 11.39 -2.90 5.11
CA PRO A 71 10.74 -4.23 5.16
C PRO A 71 9.92 -4.39 6.44
N ILE A 72 10.52 -4.89 7.48
CA ILE A 72 9.76 -5.06 8.76
C ILE A 72 10.72 -5.42 9.90
N LYS A 73 11.69 -4.58 10.15
CA LYS A 73 12.66 -4.87 11.25
C LYS A 73 12.91 -3.61 12.07
N MET A 74 13.55 -2.63 11.50
CA MET A 74 13.82 -1.38 12.25
C MET A 74 12.51 -0.63 12.52
N VAL A 75 11.46 -1.00 11.84
CA VAL A 75 10.15 -0.32 12.05
C VAL A 75 9.59 -0.69 13.44
N THR A 76 9.67 -1.93 13.81
CA THR A 76 9.15 -2.34 15.14
C THR A 76 9.99 -1.74 16.26
N LYS A 77 11.25 -1.47 15.99
CA LYS A 77 12.12 -0.88 17.04
C LYS A 77 11.74 0.58 17.28
N GLU A 78 11.31 1.27 16.26
CA GLU A 78 10.92 2.69 16.44
C GLU A 78 9.45 2.79 16.86
N THR A 79 8.55 2.36 16.02
CA THR A 79 7.11 2.43 16.37
C THR A 79 6.83 1.60 17.64
N GLY A 80 7.42 0.43 17.73
CA GLY A 80 7.20 -0.42 18.92
C GLY A 80 5.96 -1.30 18.71
N PHE A 81 5.16 -0.98 17.72
CA PHE A 81 3.94 -1.80 17.45
C PHE A 81 4.32 -3.29 17.35
N SER A 82 3.42 -4.15 17.73
CA SER A 82 3.72 -5.61 17.66
C SER A 82 3.75 -6.08 16.20
N LEU A 83 4.63 -6.98 15.86
CA LEU A 83 4.71 -7.47 14.46
C LEU A 83 3.53 -8.39 14.15
N GLU A 84 3.02 -9.07 15.15
CA GLU A 84 1.86 -9.99 14.91
C GLU A 84 0.67 -9.19 14.36
N LYS A 85 0.54 -7.95 14.73
CA LYS A 85 -0.61 -7.13 14.23
C LYS A 85 -0.48 -6.93 12.71
N ILE A 86 0.56 -6.28 12.29
CA ILE A 86 0.75 -6.05 10.83
C ILE A 86 0.60 -7.36 10.05
N TYR A 87 1.23 -8.41 10.51
CA TYR A 87 1.13 -9.72 9.80
C TYR A 87 -0.34 -10.18 9.75
N GLN A 88 -1.09 -9.88 10.77
CA GLN A 88 -2.53 -10.30 10.78
C GLN A 88 -3.36 -9.40 9.86
N LEU A 89 -2.91 -8.20 9.64
CA LEU A 89 -3.68 -7.26 8.75
C LEU A 89 -3.48 -7.65 7.28
N PHE A 90 -2.26 -7.82 6.86
CA PHE A 90 -2.00 -8.19 5.45
C PHE A 90 -1.78 -9.71 5.33
N PRO A 91 -1.90 -10.19 4.12
CA PRO A 91 -1.71 -11.64 3.86
C PRO A 91 -0.23 -12.00 3.91
N SER A 92 0.33 -12.11 5.09
CA SER A 92 1.77 -12.46 5.20
C SER A 92 2.59 -11.73 4.14
N GLY A 93 2.97 -10.51 4.41
CA GLY A 93 3.77 -9.74 3.41
C GLY A 93 3.72 -8.25 3.76
N PRO A 94 4.38 -7.90 4.81
CA PRO A 94 4.42 -6.49 5.27
C PRO A 94 5.32 -5.66 4.34
N ALA A 95 6.21 -6.30 3.62
CA ALA A 95 7.10 -5.54 2.70
C ALA A 95 6.30 -5.00 1.51
N HIS A 96 6.06 -5.83 0.53
CA HIS A 96 5.29 -5.36 -0.67
C HIS A 96 3.85 -5.04 -0.27
N GLY A 97 3.42 -5.50 0.88
CA GLY A 97 2.02 -5.23 1.32
C GLY A 97 1.92 -3.77 1.78
N ALA A 98 2.50 -3.45 2.90
CA ALA A 98 2.44 -2.05 3.40
C ALA A 98 2.86 -1.07 2.30
N CYS A 99 3.90 -1.40 1.58
CA CYS A 99 4.36 -0.49 0.49
C CYS A 99 3.26 -0.31 -0.57
N LYS A 100 2.68 -1.39 -1.01
CA LYS A 100 1.60 -1.30 -2.03
C LYS A 100 0.48 -0.39 -1.53
N VAL A 101 0.18 -0.45 -0.26
CA VAL A 101 -0.91 0.41 0.29
C VAL A 101 -0.45 1.87 0.35
N ALA A 102 0.82 2.09 0.57
CA ALA A 102 1.33 3.49 0.64
C ALA A 102 1.18 4.18 -0.71
N GLY A 103 1.64 3.55 -1.77
CA GLY A 103 1.52 4.18 -3.12
C GLY A 103 2.87 4.74 -3.54
N ALA A 104 3.92 4.01 -3.33
CA ALA A 104 5.27 4.51 -3.73
C ALA A 104 5.64 3.97 -5.11
N PRO A 105 5.80 4.87 -6.04
CA PRO A 105 6.16 4.49 -7.43
C PRO A 105 7.62 4.04 -7.50
N LYS A 106 8.52 4.93 -7.84
CA LYS A 106 9.96 4.54 -7.92
C LYS A 106 10.10 3.16 -8.56
N PRO A 107 9.73 3.07 -9.80
CA PRO A 107 9.81 1.79 -10.53
C PRO A 107 11.26 1.44 -10.86
N THR A 108 12.06 2.42 -11.20
CA THR A 108 13.49 2.14 -11.52
C THR A 108 14.35 3.38 -11.23
N GLY A 109 14.36 4.33 -12.13
CA GLY A 109 15.17 5.55 -11.91
C GLY A 109 14.44 6.76 -12.47
N CYS A 110 13.78 7.52 -11.64
CA CYS A 110 13.04 8.72 -12.13
C CYS A 110 14.00 9.91 -12.27
N VAL A 111 13.48 11.10 -12.27
CA VAL A 111 14.36 12.30 -12.40
C VAL A 111 15.30 12.40 -11.19
N MET A 1 -16.20 -4.71 -11.81
CA MET A 1 -14.89 -4.54 -12.51
C MET A 1 -13.80 -5.34 -11.79
N PRO A 2 -13.44 -6.44 -12.39
CA PRO A 2 -12.39 -7.32 -11.80
C PRO A 2 -11.01 -6.68 -11.96
N VAL A 3 -10.21 -6.70 -10.93
CA VAL A 3 -8.85 -6.11 -11.01
C VAL A 3 -7.89 -7.07 -11.71
N LYS A 4 -7.82 -7.03 -13.01
CA LYS A 4 -6.91 -7.94 -13.75
C LYS A 4 -5.76 -7.15 -14.37
N CYS A 5 -4.57 -7.30 -13.85
CA CYS A 5 -3.41 -6.55 -14.43
C CYS A 5 -2.56 -7.49 -15.31
N PRO A 6 -1.82 -6.89 -16.21
CA PRO A 6 -1.79 -5.41 -16.36
C PRO A 6 -3.07 -4.92 -17.07
N GLY A 7 -3.53 -3.75 -16.72
CA GLY A 7 -4.77 -3.23 -17.38
C GLY A 7 -5.08 -1.84 -16.82
N GLU A 8 -6.07 -1.19 -17.35
CA GLU A 8 -6.44 0.17 -16.86
C GLU A 8 -7.86 0.16 -16.26
N TYR A 9 -8.07 0.91 -15.23
CA TYR A 9 -9.43 0.94 -14.60
C TYR A 9 -9.73 2.35 -14.08
N GLN A 10 -10.97 2.62 -13.76
CA GLN A 10 -11.35 3.97 -13.25
C GLN A 10 -11.85 3.86 -11.81
N VAL A 11 -11.45 4.77 -10.96
CA VAL A 11 -11.92 4.72 -9.55
C VAL A 11 -12.36 6.12 -9.08
N ASP A 12 -13.60 6.26 -8.72
CA ASP A 12 -14.10 7.59 -8.26
C ASP A 12 -13.64 8.69 -9.21
N GLY A 13 -13.88 8.53 -10.49
CA GLY A 13 -13.46 9.57 -11.47
C GLY A 13 -11.93 9.67 -11.48
N LYS A 14 -11.25 8.56 -11.40
CA LYS A 14 -9.75 8.59 -11.40
C LYS A 14 -9.22 7.58 -12.41
N LYS A 15 -7.95 7.67 -12.73
CA LYS A 15 -7.37 6.71 -13.71
C LYS A 15 -6.26 5.88 -13.05
N VAL A 16 -6.54 4.65 -12.72
CA VAL A 16 -5.51 3.80 -12.07
C VAL A 16 -4.86 2.88 -13.11
N ILE A 17 -3.55 2.83 -13.14
CA ILE A 17 -2.87 1.95 -14.14
C ILE A 17 -2.17 0.80 -13.42
N LEU A 18 -2.59 -0.41 -13.68
CA LEU A 18 -1.95 -1.58 -13.02
C LEU A 18 -0.89 -2.20 -13.94
N ASP A 19 0.36 -2.11 -13.56
CA ASP A 19 1.43 -2.69 -14.41
C ASP A 19 1.22 -4.19 -14.62
N GLU A 20 2.16 -4.87 -15.22
CA GLU A 20 2.00 -6.33 -15.45
C GLU A 20 1.93 -7.08 -14.11
N ASP A 21 2.47 -6.51 -13.08
CA ASP A 21 2.44 -7.18 -11.75
C ASP A 21 1.45 -6.48 -10.81
N CYS A 22 0.37 -5.98 -11.35
CA CYS A 22 -0.63 -5.28 -10.49
C CYS A 22 0.06 -4.20 -9.66
N PHE A 23 0.94 -3.44 -10.25
CA PHE A 23 1.64 -2.37 -9.49
C PHE A 23 1.21 -0.99 -9.99
N MET A 24 0.49 -0.26 -9.19
CA MET A 24 0.03 1.09 -9.61
C MET A 24 1.17 1.86 -10.27
N GLN A 25 0.88 2.64 -11.27
CA GLN A 25 1.96 3.41 -11.95
C GLN A 25 1.72 4.92 -11.76
N ASN A 26 0.86 5.29 -10.87
CA ASN A 26 0.59 6.74 -10.64
C ASN A 26 0.28 7.00 -9.17
N PRO A 27 1.23 6.66 -8.34
CA PRO A 27 1.08 6.85 -6.88
C PRO A 27 1.16 8.35 -6.51
N GLU A 28 1.51 9.17 -7.46
CA GLU A 28 1.62 10.63 -7.17
C GLU A 28 0.28 11.17 -6.68
N ASP A 29 -0.80 10.55 -7.07
CA ASP A 29 -2.14 11.04 -6.63
C ASP A 29 -2.57 10.29 -5.36
N TRP A 30 -2.97 9.05 -5.50
CA TRP A 30 -3.41 8.27 -4.30
C TRP A 30 -4.55 9.00 -3.59
N ASP A 31 -5.28 8.31 -2.75
CA ASP A 31 -6.41 8.97 -2.03
C ASP A 31 -7.01 8.00 -1.00
N GLU A 32 -7.95 8.45 -0.23
CA GLU A 32 -8.58 7.56 0.79
C GLU A 32 -9.40 6.47 0.11
N LYS A 33 -10.28 6.85 -0.78
CA LYS A 33 -11.12 5.83 -1.48
C LYS A 33 -10.23 4.92 -2.33
N VAL A 34 -9.16 5.44 -2.87
CA VAL A 34 -8.26 4.60 -3.72
C VAL A 34 -7.59 3.53 -2.86
N ALA A 35 -6.91 3.93 -1.81
CA ALA A 35 -6.23 2.93 -0.94
C ALA A 35 -7.22 1.87 -0.47
N GLU A 36 -8.36 2.27 0.00
CA GLU A 36 -9.38 1.28 0.48
C GLU A 36 -9.92 0.47 -0.70
N TRP A 37 -9.89 1.02 -1.89
CA TRP A 37 -10.40 0.27 -3.07
C TRP A 37 -9.47 -0.90 -3.40
N LEU A 38 -8.21 -0.63 -3.59
CA LEU A 38 -7.25 -1.72 -3.91
C LEU A 38 -7.18 -2.73 -2.76
N ALA A 39 -7.26 -2.26 -1.54
CA ALA A 39 -7.19 -3.19 -0.38
C ALA A 39 -8.42 -4.11 -0.37
N ARG A 40 -9.56 -3.59 -0.73
CA ARG A 40 -10.79 -4.43 -0.74
C ARG A 40 -10.80 -5.35 -1.95
N GLU A 41 -10.18 -4.95 -3.03
CA GLU A 41 -10.15 -5.80 -4.25
C GLU A 41 -9.15 -6.94 -4.09
N LEU A 42 -8.13 -6.74 -3.29
CA LEU A 42 -7.12 -7.81 -3.10
C LEU A 42 -7.42 -8.61 -1.83
N GLU A 43 -8.17 -8.04 -0.93
CA GLU A 43 -8.50 -8.77 0.33
C GLU A 43 -10.02 -8.78 0.57
N GLY A 44 -10.68 -7.71 0.22
CA GLY A 44 -12.16 -7.67 0.43
C GLY A 44 -12.47 -6.95 1.74
N ILE A 45 -11.56 -6.15 2.22
CA ILE A 45 -11.80 -5.42 3.50
C ILE A 45 -13.04 -4.54 3.39
N GLN A 46 -14.17 -5.01 3.85
CA GLN A 46 -15.41 -4.20 3.76
C GLN A 46 -15.15 -2.79 4.30
N LYS A 47 -14.47 -2.69 5.41
CA LYS A 47 -14.18 -1.34 5.99
C LYS A 47 -12.72 -1.28 6.45
N MET A 48 -11.93 -0.44 5.83
CA MET A 48 -10.50 -0.32 6.24
C MET A 48 -10.38 -0.33 7.76
N THR A 49 -9.43 -1.05 8.29
CA THR A 49 -9.26 -1.09 9.77
C THR A 49 -8.49 0.15 10.25
N GLU A 50 -8.91 0.71 11.35
CA GLU A 50 -8.20 1.91 11.88
C GLU A 50 -6.70 1.65 11.98
N GLU A 51 -6.32 0.41 12.11
CA GLU A 51 -4.85 0.09 12.21
C GLU A 51 -4.19 0.20 10.84
N HIS A 52 -4.81 -0.35 9.83
CA HIS A 52 -4.21 -0.28 8.46
C HIS A 52 -3.86 1.17 8.11
N TRP A 53 -4.81 2.05 8.18
CA TRP A 53 -4.54 3.48 7.86
C TRP A 53 -3.39 4.01 8.72
N LYS A 54 -3.24 3.48 9.90
CA LYS A 54 -2.14 3.95 10.79
C LYS A 54 -0.78 3.61 10.19
N LEU A 55 -0.57 2.37 9.84
CA LEU A 55 0.74 1.98 9.24
C LEU A 55 0.96 2.71 7.91
N VAL A 56 -0.07 2.90 7.15
CA VAL A 56 0.08 3.60 5.84
C VAL A 56 0.50 5.05 6.09
N LYS A 57 -0.01 5.68 7.10
CA LYS A 57 0.36 7.09 7.38
C LYS A 57 1.83 7.18 7.82
N TYR A 58 2.19 6.43 8.84
CA TYR A 58 3.60 6.46 9.32
C TYR A 58 4.56 6.24 8.15
N LEU A 59 4.24 5.33 7.27
CA LEU A 59 5.13 5.06 6.12
C LEU A 59 5.26 6.31 5.24
N ARG A 60 4.20 7.07 5.13
CA ARG A 60 4.26 8.30 4.28
C ARG A 60 5.32 9.26 4.82
N GLU A 61 5.56 9.25 6.10
CA GLU A 61 6.59 10.16 6.68
C GLU A 61 7.98 9.76 6.21
N TYR A 62 8.30 8.48 6.26
CA TYR A 62 9.65 8.03 5.81
C TYR A 62 9.83 8.30 4.31
N TRP A 63 8.80 8.12 3.53
CA TRP A 63 8.92 8.36 2.07
C TRP A 63 9.22 9.83 1.80
N GLU A 64 8.48 10.72 2.41
CA GLU A 64 8.71 12.18 2.18
C GLU A 64 10.07 12.58 2.76
N THR A 65 10.67 11.74 3.55
CA THR A 65 12.00 12.08 4.15
C THR A 65 13.13 11.59 3.24
N PHE A 66 12.85 10.62 2.41
CA PHE A 66 13.92 10.10 1.50
C PHE A 66 13.32 9.69 0.15
N GLY A 67 12.20 9.03 0.17
CA GLY A 67 11.56 8.61 -1.11
C GLY A 67 11.82 7.12 -1.35
N THR A 68 11.70 6.31 -0.32
CA THR A 68 11.93 4.85 -0.48
C THR A 68 11.14 4.07 0.57
N CYS A 69 10.90 2.81 0.32
CA CYS A 69 10.14 1.99 1.31
C CYS A 69 11.11 1.20 2.20
N PRO A 70 11.08 1.50 3.46
CA PRO A 70 11.96 0.80 4.43
C PRO A 70 11.48 -0.63 4.67
N PRO A 71 12.25 -1.36 5.41
CA PRO A 71 11.90 -2.77 5.73
C PRO A 71 10.73 -2.82 6.71
N ILE A 72 10.56 -3.92 7.39
CA ILE A 72 9.44 -4.03 8.37
C ILE A 72 9.97 -4.25 9.79
N LYS A 73 11.27 -4.33 9.93
CA LYS A 73 11.85 -4.54 11.30
C LYS A 73 12.13 -3.18 11.96
N MET A 74 12.70 -2.26 11.23
CA MET A 74 13.00 -0.92 11.83
C MET A 74 11.70 -0.16 12.09
N VAL A 75 10.65 -0.49 11.37
CA VAL A 75 9.36 0.22 11.58
C VAL A 75 8.73 -0.18 12.92
N THR A 76 8.78 -1.45 13.25
CA THR A 76 8.19 -1.91 14.54
C THR A 76 8.91 -1.24 15.72
N LYS A 77 10.22 -1.21 15.69
CA LYS A 77 10.98 -0.59 16.80
C LYS A 77 10.36 0.76 17.19
N GLU A 78 10.06 1.58 16.21
CA GLU A 78 9.45 2.91 16.53
C GLU A 78 8.01 2.73 17.03
N THR A 79 7.33 1.73 16.54
CA THR A 79 5.92 1.51 16.98
C THR A 79 5.87 0.33 17.97
N GLY A 80 5.98 -0.87 17.48
CA GLY A 80 5.93 -2.05 18.39
C GLY A 80 4.91 -3.06 17.85
N PHE A 81 4.11 -2.66 16.89
CA PHE A 81 3.09 -3.58 16.33
C PHE A 81 3.71 -4.97 16.11
N SER A 82 3.52 -5.87 17.03
CA SER A 82 4.10 -7.24 16.87
C SER A 82 3.92 -7.73 15.43
N LEU A 83 4.95 -8.23 14.83
CA LEU A 83 4.82 -8.74 13.43
C LEU A 83 3.64 -9.70 13.32
N GLU A 84 3.43 -10.52 14.32
CA GLU A 84 2.29 -11.48 14.27
C GLU A 84 0.99 -10.73 14.02
N LYS A 85 0.81 -9.60 14.64
CA LYS A 85 -0.45 -8.83 14.44
C LYS A 85 -0.56 -8.36 12.99
N ILE A 86 0.44 -7.68 12.50
CA ILE A 86 0.39 -7.21 11.09
C ILE A 86 0.08 -8.37 10.14
N TYR A 87 0.50 -9.56 10.50
CA TYR A 87 0.22 -10.74 9.62
C TYR A 87 -1.24 -11.16 9.77
N GLN A 88 -1.79 -11.04 10.95
CA GLN A 88 -3.21 -11.43 11.15
C GLN A 88 -4.13 -10.42 10.48
N LEU A 89 -3.68 -9.21 10.33
CA LEU A 89 -4.53 -8.17 9.68
C LEU A 89 -4.19 -8.07 8.19
N PHE A 90 -3.04 -8.55 7.81
CA PHE A 90 -2.65 -8.48 6.37
C PHE A 90 -2.02 -9.81 5.94
N PRO A 91 -2.74 -10.53 5.13
CA PRO A 91 -2.25 -11.84 4.65
C PRO A 91 -1.15 -11.65 3.60
N SER A 92 -1.29 -10.67 2.75
CA SER A 92 -0.24 -10.44 1.71
C SER A 92 1.13 -10.32 2.38
N GLY A 93 1.23 -9.58 3.44
CA GLY A 93 2.54 -9.42 4.13
C GLY A 93 2.93 -7.94 4.17
N PRO A 94 3.72 -7.60 5.15
CA PRO A 94 4.17 -6.20 5.31
C PRO A 94 5.23 -5.85 4.25
N ALA A 95 5.97 -4.80 4.47
CA ALA A 95 7.02 -4.40 3.49
C ALA A 95 6.40 -4.19 2.11
N HIS A 96 6.33 -5.22 1.31
CA HIS A 96 5.74 -5.07 -0.05
C HIS A 96 4.25 -4.74 0.04
N GLY A 97 3.54 -5.44 0.89
CA GLY A 97 2.07 -5.18 1.02
C GLY A 97 1.84 -3.75 1.51
N ALA A 98 2.23 -3.45 2.72
CA ALA A 98 2.04 -2.08 3.27
C ALA A 98 2.36 -1.02 2.20
N CYS A 99 3.55 -1.06 1.67
CA CYS A 99 3.94 -0.06 0.62
C CYS A 99 2.88 0.01 -0.48
N LYS A 100 2.67 -1.07 -1.18
CA LYS A 100 1.65 -1.08 -2.27
C LYS A 100 0.39 -0.33 -1.83
N VAL A 101 -0.13 -0.65 -0.68
CA VAL A 101 -1.37 0.04 -0.20
C VAL A 101 -1.15 1.56 -0.18
N ALA A 102 -0.08 2.01 0.41
CA ALA A 102 0.18 3.48 0.46
C ALA A 102 0.40 4.02 -0.95
N GLY A 103 0.72 3.17 -1.89
CA GLY A 103 0.94 3.64 -3.28
C GLY A 103 2.36 4.22 -3.40
N ALA A 104 3.35 3.38 -3.34
CA ALA A 104 4.75 3.89 -3.45
C ALA A 104 5.39 3.40 -4.75
N PRO A 105 6.44 4.07 -5.14
CA PRO A 105 7.16 3.71 -6.39
C PRO A 105 7.94 2.41 -6.20
N LYS A 106 7.81 1.48 -7.12
CA LYS A 106 8.55 0.20 -6.98
C LYS A 106 9.98 0.36 -7.50
N PRO A 107 10.89 -0.26 -6.79
CA PRO A 107 12.33 -0.18 -7.18
C PRO A 107 12.59 -1.04 -8.43
N THR A 108 13.83 -1.38 -8.67
CA THR A 108 14.14 -2.21 -9.87
C THR A 108 13.79 -1.44 -11.14
N GLY A 109 14.75 -0.82 -11.77
CA GLY A 109 14.46 -0.06 -13.02
C GLY A 109 15.77 0.23 -13.76
N CYS A 110 15.69 0.73 -14.95
CA CYS A 110 16.93 1.04 -15.72
C CYS A 110 16.67 2.14 -16.75
N VAL A 111 16.46 3.35 -16.29
CA VAL A 111 16.20 4.47 -17.25
C VAL A 111 17.46 5.30 -17.45
N MET A 1 -14.05 -12.07 -8.39
CA MET A 1 -13.26 -11.64 -9.57
C MET A 1 -11.93 -11.02 -9.12
N PRO A 2 -10.92 -11.85 -9.08
CA PRO A 2 -9.57 -11.39 -8.66
C PRO A 2 -8.93 -10.53 -9.77
N VAL A 3 -8.43 -9.39 -9.41
CA VAL A 3 -7.79 -8.51 -10.44
C VAL A 3 -6.29 -8.79 -10.52
N LYS A 4 -5.69 -8.54 -11.64
CA LYS A 4 -4.22 -8.80 -11.78
C LYS A 4 -3.54 -7.64 -12.50
N CYS A 5 -2.24 -7.64 -12.55
CA CYS A 5 -1.51 -6.53 -13.23
C CYS A 5 -0.63 -7.10 -14.36
N PRO A 6 -0.33 -6.27 -15.34
CA PRO A 6 -0.82 -4.87 -15.34
C PRO A 6 -2.31 -4.83 -15.75
N GLY A 7 -3.00 -3.79 -15.39
CA GLY A 7 -4.44 -3.69 -15.75
C GLY A 7 -4.96 -2.28 -15.42
N GLU A 8 -5.95 -1.83 -16.14
CA GLU A 8 -6.49 -0.46 -15.87
C GLU A 8 -7.81 -0.57 -15.10
N TYR A 9 -8.06 0.34 -14.19
CA TYR A 9 -9.33 0.29 -13.42
C TYR A 9 -9.75 1.70 -13.00
N GLN A 10 -11.01 1.88 -12.71
CA GLN A 10 -11.48 3.24 -12.28
C GLN A 10 -12.11 3.17 -10.90
N VAL A 11 -11.75 4.06 -10.01
CA VAL A 11 -12.33 4.03 -8.65
C VAL A 11 -13.13 5.31 -8.39
N ASP A 12 -14.43 5.24 -8.41
CA ASP A 12 -15.26 6.44 -8.17
C ASP A 12 -14.87 7.56 -9.14
N GLY A 13 -13.93 8.39 -8.77
CA GLY A 13 -13.50 9.50 -9.67
C GLY A 13 -11.98 9.54 -9.75
N LYS A 14 -11.36 8.43 -10.05
CA LYS A 14 -9.87 8.41 -10.15
C LYS A 14 -9.42 7.31 -11.10
N LYS A 15 -8.28 7.47 -11.72
CA LYS A 15 -7.78 6.43 -12.67
C LYS A 15 -6.59 5.68 -12.06
N VAL A 16 -6.60 4.38 -12.14
CA VAL A 16 -5.46 3.60 -11.56
C VAL A 16 -4.99 2.54 -12.58
N ILE A 17 -3.80 2.72 -13.10
CA ILE A 17 -3.28 1.73 -14.09
C ILE A 17 -2.18 0.88 -13.46
N LEU A 18 -2.50 -0.28 -12.98
CA LEU A 18 -1.47 -1.16 -12.36
C LEU A 18 -0.39 -1.52 -13.39
N ASP A 19 0.84 -1.22 -13.12
CA ASP A 19 1.93 -1.56 -14.08
C ASP A 19 2.22 -3.05 -14.06
N GLU A 20 3.42 -3.44 -14.39
CA GLU A 20 3.76 -4.89 -14.37
C GLU A 20 3.70 -5.45 -12.95
N ASP A 21 4.10 -4.67 -11.98
CA ASP A 21 4.07 -5.15 -10.57
C ASP A 21 2.96 -4.43 -9.80
N CYS A 22 1.77 -4.42 -10.33
CA CYS A 22 0.65 -3.73 -9.62
C CYS A 22 1.13 -2.38 -9.07
N PHE A 23 2.11 -1.80 -9.69
CA PHE A 23 2.61 -0.48 -9.19
C PHE A 23 1.61 0.62 -9.52
N MET A 24 1.40 1.53 -8.61
CA MET A 24 0.43 2.64 -8.87
C MET A 24 1.08 3.72 -9.73
N GLN A 25 0.66 3.87 -10.95
CA GLN A 25 1.26 4.91 -11.83
C GLN A 25 0.42 6.19 -11.80
N ASN A 26 -0.40 6.34 -10.79
CA ASN A 26 -1.24 7.56 -10.70
C ASN A 26 -1.23 8.11 -9.27
N PRO A 27 -0.04 8.31 -8.76
CA PRO A 27 0.13 8.84 -7.39
C PRO A 27 -0.22 10.33 -7.34
N GLU A 28 -0.17 11.00 -8.46
CA GLU A 28 -0.50 12.45 -8.49
C GLU A 28 -1.94 12.66 -8.02
N ASP A 29 -2.74 11.63 -8.03
CA ASP A 29 -4.16 11.78 -7.58
C ASP A 29 -4.49 10.73 -6.52
N TRP A 30 -3.55 10.43 -5.66
CA TRP A 30 -3.81 9.42 -4.59
C TRP A 30 -4.73 10.01 -3.52
N ASP A 31 -5.66 9.23 -3.03
CA ASP A 31 -6.59 9.74 -1.99
C ASP A 31 -6.98 8.61 -1.03
N GLU A 32 -7.70 8.92 0.01
CA GLU A 32 -8.12 7.86 0.97
C GLU A 32 -9.08 6.88 0.30
N LYS A 33 -10.01 7.37 -0.48
CA LYS A 33 -10.97 6.46 -1.16
C LYS A 33 -10.25 5.62 -2.22
N VAL A 34 -9.44 6.24 -3.03
CA VAL A 34 -8.71 5.47 -4.08
C VAL A 34 -7.90 4.35 -3.44
N ALA A 35 -7.06 4.67 -2.49
CA ALA A 35 -6.24 3.62 -1.83
C ALA A 35 -7.15 2.54 -1.23
N GLU A 36 -8.29 2.94 -0.72
CA GLU A 36 -9.22 1.93 -0.12
C GLU A 36 -9.63 0.91 -1.18
N TRP A 37 -9.97 1.37 -2.36
CA TRP A 37 -10.38 0.41 -3.43
C TRP A 37 -9.20 -0.50 -3.81
N LEU A 38 -8.02 0.04 -3.84
CA LEU A 38 -6.83 -0.79 -4.21
C LEU A 38 -6.70 -1.97 -3.25
N ALA A 39 -6.71 -1.71 -1.97
CA ALA A 39 -6.57 -2.82 -0.98
C ALA A 39 -7.82 -3.70 -1.01
N ARG A 40 -8.94 -3.15 -1.38
CA ARG A 40 -10.20 -3.95 -1.42
C ARG A 40 -10.08 -5.06 -2.47
N GLU A 41 -9.65 -4.73 -3.66
CA GLU A 41 -9.53 -5.76 -4.73
C GLU A 41 -8.27 -6.60 -4.50
N LEU A 42 -7.26 -6.03 -3.89
CA LEU A 42 -6.00 -6.78 -3.65
C LEU A 42 -6.12 -7.63 -2.37
N GLU A 43 -7.21 -7.50 -1.67
CA GLU A 43 -7.38 -8.29 -0.41
C GLU A 43 -8.88 -8.48 -0.10
N GLY A 44 -9.64 -7.43 -0.20
CA GLY A 44 -11.11 -7.55 0.09
C GLY A 44 -11.48 -6.58 1.21
N ILE A 45 -10.62 -5.66 1.54
CA ILE A 45 -10.93 -4.70 2.63
C ILE A 45 -11.91 -3.63 2.11
N GLN A 46 -13.17 -3.95 2.04
CA GLN A 46 -14.17 -2.95 1.55
C GLN A 46 -14.01 -1.63 2.30
N LYS A 47 -13.99 -1.68 3.62
CA LYS A 47 -13.84 -0.43 4.41
C LYS A 47 -12.49 -0.40 5.10
N MET A 48 -11.77 0.70 4.99
CA MET A 48 -10.44 0.79 5.65
C MET A 48 -10.60 0.97 7.16
N THR A 49 -10.07 0.07 7.93
CA THR A 49 -10.19 0.19 9.41
C THR A 49 -9.22 1.26 9.94
N GLU A 50 -8.87 1.18 11.19
CA GLU A 50 -7.94 2.19 11.76
C GLU A 50 -6.50 1.70 11.67
N GLU A 51 -6.29 0.41 11.67
CA GLU A 51 -4.92 -0.14 11.58
C GLU A 51 -4.37 0.02 10.15
N HIS A 52 -5.15 -0.35 9.17
CA HIS A 52 -4.68 -0.22 7.76
C HIS A 52 -4.18 1.21 7.50
N TRP A 53 -4.93 2.20 7.92
CA TRP A 53 -4.50 3.61 7.69
C TRP A 53 -3.32 3.95 8.61
N LYS A 54 -3.27 3.36 9.77
CA LYS A 54 -2.15 3.66 10.72
C LYS A 54 -0.81 3.28 10.08
N LEU A 55 -0.60 2.02 9.82
CA LEU A 55 0.68 1.59 9.21
C LEU A 55 0.87 2.24 7.84
N VAL A 56 -0.17 2.28 7.05
CA VAL A 56 -0.05 2.91 5.70
C VAL A 56 0.34 4.39 5.84
N LYS A 57 0.01 5.00 6.93
CA LYS A 57 0.36 6.44 7.13
C LYS A 57 1.85 6.58 7.48
N TYR A 58 2.29 5.88 8.50
CA TYR A 58 3.72 5.97 8.90
C TYR A 58 4.63 5.63 7.71
N LEU A 59 4.19 4.73 6.86
CA LEU A 59 5.03 4.35 5.68
C LEU A 59 5.24 5.58 4.78
N ARG A 60 4.17 6.23 4.39
CA ARG A 60 4.32 7.43 3.52
C ARG A 60 5.31 8.42 4.13
N GLU A 61 5.12 8.76 5.38
CA GLU A 61 6.05 9.72 6.04
C GLU A 61 7.50 9.27 5.82
N TYR A 62 7.76 8.00 5.93
CA TYR A 62 9.15 7.51 5.72
C TYR A 62 9.58 7.72 4.27
N TRP A 63 8.67 7.59 3.34
CA TRP A 63 9.02 7.79 1.91
C TRP A 63 9.40 9.25 1.65
N GLU A 64 8.96 10.15 2.50
CA GLU A 64 9.30 11.59 2.30
C GLU A 64 10.76 11.85 2.70
N THR A 65 11.39 10.89 3.32
CA THR A 65 12.81 11.08 3.72
C THR A 65 13.74 10.83 2.54
N PHE A 66 13.56 9.73 1.85
CA PHE A 66 14.44 9.42 0.69
C PHE A 66 13.68 8.55 -0.33
N GLY A 67 12.88 7.63 0.14
CA GLY A 67 12.13 6.75 -0.78
C GLY A 67 12.49 5.29 -0.52
N THR A 68 11.78 4.66 0.38
CA THR A 68 12.09 3.23 0.69
C THR A 68 10.87 2.56 1.36
N CYS A 69 10.99 1.32 1.71
CA CYS A 69 9.86 0.62 2.37
C CYS A 69 10.36 -0.28 3.51
N PRO A 70 10.53 0.32 4.66
CA PRO A 70 11.01 -0.41 5.84
C PRO A 70 9.92 -1.35 6.38
N PRO A 71 10.26 -2.59 6.52
CA PRO A 71 9.30 -3.60 7.02
C PRO A 71 9.11 -3.44 8.53
N ILE A 72 8.14 -2.66 8.93
CA ILE A 72 7.89 -2.47 10.39
C ILE A 72 9.22 -2.15 11.11
N LYS A 73 9.50 -2.80 12.20
CA LYS A 73 10.76 -2.53 12.94
C LYS A 73 10.85 -1.04 13.32
N MET A 74 11.55 -0.25 12.55
CA MET A 74 11.65 1.20 12.89
C MET A 74 10.28 1.78 13.20
N VAL A 75 9.24 1.17 12.70
CA VAL A 75 7.86 1.69 12.97
C VAL A 75 7.49 1.47 14.44
N THR A 76 7.72 0.28 14.95
CA THR A 76 7.39 0.01 16.37
C THR A 76 8.24 0.89 17.30
N LYS A 77 9.46 1.15 16.92
CA LYS A 77 10.34 2.00 17.78
C LYS A 77 9.55 3.21 18.29
N GLU A 78 8.64 3.71 17.51
CA GLU A 78 7.85 4.90 17.95
C GLU A 78 6.37 4.70 17.60
N THR A 79 5.82 3.57 17.91
CA THR A 79 4.39 3.31 17.61
C THR A 79 3.80 2.29 18.57
N GLY A 80 4.20 1.06 18.47
CA GLY A 80 3.66 0.01 19.38
C GLY A 80 2.70 -0.90 18.61
N PHE A 81 3.21 -1.93 17.99
CA PHE A 81 2.32 -2.85 17.22
C PHE A 81 2.95 -4.25 17.14
N SER A 82 2.44 -5.17 17.91
CA SER A 82 3.00 -6.56 17.89
C SER A 82 2.93 -7.12 16.46
N LEU A 83 3.93 -7.87 16.08
CA LEU A 83 3.92 -8.47 14.70
C LEU A 83 2.70 -9.36 14.52
N GLU A 84 2.20 -9.92 15.58
CA GLU A 84 1.01 -10.82 15.46
C GLU A 84 -0.15 -10.09 14.77
N LYS A 85 -0.36 -8.85 15.10
CA LYS A 85 -1.48 -8.08 14.47
C LYS A 85 -1.20 -7.89 12.97
N ILE A 86 -0.10 -7.27 12.64
CA ILE A 86 0.22 -7.05 11.19
C ILE A 86 -0.02 -8.33 10.40
N TYR A 87 0.51 -9.43 10.86
CA TYR A 87 0.32 -10.72 10.13
C TYR A 87 -1.17 -11.05 10.01
N GLN A 88 -1.92 -10.83 11.06
CA GLN A 88 -3.38 -11.13 11.01
C GLN A 88 -4.07 -10.21 9.99
N LEU A 89 -3.51 -9.06 9.73
CA LEU A 89 -4.14 -8.13 8.75
C LEU A 89 -3.83 -8.58 7.32
N PHE A 90 -2.57 -8.59 6.94
CA PHE A 90 -2.21 -9.01 5.57
C PHE A 90 -2.09 -10.53 5.50
N PRO A 91 -1.96 -11.02 4.29
CA PRO A 91 -1.82 -12.49 4.09
C PRO A 91 -0.43 -12.97 4.49
N SER A 92 0.58 -12.62 3.73
CA SER A 92 1.96 -13.06 4.08
C SER A 92 2.81 -11.85 4.48
N GLY A 93 2.37 -11.10 5.46
CA GLY A 93 3.15 -9.91 5.89
C GLY A 93 2.95 -8.78 4.89
N PRO A 94 2.88 -7.58 5.40
CA PRO A 94 2.68 -6.39 4.55
C PRO A 94 3.96 -6.07 3.75
N ALA A 95 4.82 -5.27 4.31
CA ALA A 95 6.09 -4.92 3.59
C ALA A 95 5.78 -4.40 2.18
N HIS A 96 5.77 -5.25 1.19
CA HIS A 96 5.48 -4.78 -0.19
C HIS A 96 4.01 -4.38 -0.32
N GLY A 97 3.12 -5.28 -0.03
CA GLY A 97 1.66 -4.95 -0.14
C GLY A 97 1.41 -3.56 0.46
N ALA A 98 1.73 -3.38 1.72
CA ALA A 98 1.49 -2.05 2.36
C ALA A 98 2.03 -0.93 1.46
N CYS A 99 3.23 -1.06 0.98
CA CYS A 99 3.81 0.01 0.10
C CYS A 99 2.87 0.30 -1.07
N LYS A 100 2.63 -0.67 -1.91
CA LYS A 100 1.72 -0.44 -3.07
C LYS A 100 0.48 0.32 -2.63
N VAL A 101 -0.13 -0.08 -1.54
CA VAL A 101 -1.35 0.63 -1.06
C VAL A 101 -1.08 2.13 -0.92
N ALA A 102 -0.07 2.49 -0.18
CA ALA A 102 0.24 3.95 -0.01
C ALA A 102 0.60 4.58 -1.35
N GLY A 103 1.03 3.78 -2.29
CA GLY A 103 1.39 4.33 -3.62
C GLY A 103 2.90 4.16 -3.86
N ALA A 104 3.70 4.49 -2.88
CA ALA A 104 5.17 4.35 -3.04
C ALA A 104 5.61 4.81 -4.44
N PRO A 105 5.57 6.10 -4.63
CA PRO A 105 5.96 6.69 -5.93
C PRO A 105 7.48 6.61 -6.12
N LYS A 106 8.00 7.28 -7.12
CA LYS A 106 9.47 7.25 -7.35
C LYS A 106 10.08 8.61 -7.07
N PRO A 107 11.35 8.60 -6.75
CA PRO A 107 12.07 9.87 -6.45
C PRO A 107 12.31 10.65 -7.73
N THR A 108 12.84 11.85 -7.62
CA THR A 108 13.10 12.67 -8.84
C THR A 108 14.54 13.16 -8.84
N GLY A 109 15.36 12.64 -9.72
CA GLY A 109 16.78 13.08 -9.77
C GLY A 109 17.27 13.06 -11.23
N CYS A 110 18.07 12.09 -11.57
CA CYS A 110 18.58 12.02 -12.97
C CYS A 110 19.42 10.76 -13.16
N VAL A 111 20.49 10.63 -12.44
CA VAL A 111 21.36 9.42 -12.58
C VAL A 111 21.68 8.84 -11.20
N MET A 1 -7.10 -14.30 -9.07
CA MET A 1 -7.34 -13.14 -9.97
C MET A 1 -7.98 -11.99 -9.19
N PRO A 2 -7.14 -11.18 -8.62
CA PRO A 2 -7.61 -10.02 -7.83
C PRO A 2 -8.16 -8.93 -8.76
N VAL A 3 -7.34 -8.40 -9.62
CA VAL A 3 -7.82 -7.33 -10.55
C VAL A 3 -7.26 -7.57 -11.96
N LYS A 4 -6.56 -8.65 -12.17
CA LYS A 4 -6.01 -8.93 -13.52
C LYS A 4 -4.99 -7.85 -13.91
N CYS A 5 -3.74 -8.22 -14.04
CA CYS A 5 -2.70 -7.21 -14.43
C CYS A 5 -1.76 -7.80 -15.48
N PRO A 6 -1.21 -6.93 -16.31
CA PRO A 6 -1.49 -5.48 -16.21
C PRO A 6 -2.84 -5.16 -16.85
N GLY A 7 -3.40 -4.02 -16.56
CA GLY A 7 -4.71 -3.64 -17.15
C GLY A 7 -5.12 -2.25 -16.67
N GLU A 8 -6.18 -1.72 -17.20
CA GLU A 8 -6.64 -0.37 -16.77
C GLU A 8 -7.88 -0.48 -15.89
N TYR A 9 -8.29 0.58 -15.28
CA TYR A 9 -9.50 0.53 -14.40
C TYR A 9 -9.93 1.94 -14.00
N GLN A 10 -11.08 2.07 -13.39
CA GLN A 10 -11.57 3.42 -12.97
C GLN A 10 -12.05 3.37 -11.52
N VAL A 11 -11.72 4.38 -10.74
CA VAL A 11 -12.16 4.39 -9.33
C VAL A 11 -13.08 5.59 -9.06
N ASP A 12 -14.35 5.34 -8.90
CA ASP A 12 -15.29 6.48 -8.65
C ASP A 12 -15.10 7.57 -9.70
N GLY A 13 -14.23 8.51 -9.43
CA GLY A 13 -14.00 9.60 -10.41
C GLY A 13 -12.49 9.79 -10.63
N LYS A 14 -11.82 8.77 -11.09
CA LYS A 14 -10.35 8.89 -11.33
C LYS A 14 -9.87 7.78 -12.26
N LYS A 15 -8.70 7.92 -12.81
CA LYS A 15 -8.18 6.87 -13.74
C LYS A 15 -7.14 6.01 -13.02
N VAL A 16 -7.04 4.76 -13.37
CA VAL A 16 -6.05 3.86 -12.71
C VAL A 16 -5.42 2.92 -13.74
N ILE A 17 -4.12 2.76 -13.68
CA ILE A 17 -3.44 1.85 -14.65
C ILE A 17 -2.58 0.83 -13.90
N LEU A 18 -3.07 -0.37 -13.75
CA LEU A 18 -2.27 -1.41 -13.03
C LEU A 18 -1.11 -1.89 -13.91
N ASP A 19 0.06 -1.96 -13.36
CA ASP A 19 1.24 -2.42 -14.17
C ASP A 19 1.31 -3.95 -14.17
N GLU A 20 2.49 -4.50 -14.20
CA GLU A 20 2.63 -5.99 -14.21
C GLU A 20 2.14 -6.57 -12.89
N ASP A 21 2.58 -6.03 -11.78
CA ASP A 21 2.13 -6.56 -10.47
C ASP A 21 1.00 -5.70 -9.91
N CYS A 22 0.11 -5.26 -10.75
CA CYS A 22 -1.02 -4.41 -10.28
C CYS A 22 -0.48 -3.17 -9.56
N PHE A 23 0.66 -2.69 -9.98
CA PHE A 23 1.25 -1.48 -9.33
C PHE A 23 0.50 -0.22 -9.78
N MET A 24 0.52 0.81 -8.99
CA MET A 24 -0.18 2.07 -9.38
C MET A 24 0.81 3.07 -9.96
N GLN A 25 0.68 3.37 -11.22
CA GLN A 25 1.62 4.35 -11.85
C GLN A 25 1.09 5.77 -11.69
N ASN A 26 0.16 5.97 -10.81
CA ASN A 26 -0.40 7.33 -10.60
C ASN A 26 -0.38 7.70 -9.11
N PRO A 27 0.81 7.79 -8.58
CA PRO A 27 0.98 8.14 -7.15
C PRO A 27 0.65 9.62 -6.91
N GLU A 28 0.60 10.40 -7.96
CA GLU A 28 0.28 11.84 -7.80
C GLU A 28 -1.19 12.02 -7.40
N ASP A 29 -1.98 11.00 -7.58
CA ASP A 29 -3.42 11.12 -7.20
C ASP A 29 -3.77 10.14 -6.08
N TRP A 30 -2.77 9.58 -5.45
CA TRP A 30 -3.04 8.61 -4.34
C TRP A 30 -3.75 9.32 -3.18
N ASP A 31 -4.59 8.63 -2.48
CA ASP A 31 -5.32 9.27 -1.34
C ASP A 31 -6.13 8.23 -0.58
N GLU A 32 -7.17 8.64 0.09
CA GLU A 32 -8.01 7.67 0.85
C GLU A 32 -8.89 6.87 -0.11
N LYS A 33 -9.32 7.48 -1.18
CA LYS A 33 -10.18 6.75 -2.16
C LYS A 33 -9.35 5.71 -2.92
N VAL A 34 -8.15 6.05 -3.29
CA VAL A 34 -7.28 5.09 -4.04
C VAL A 34 -6.79 3.98 -3.12
N ALA A 35 -6.49 4.29 -1.88
CA ALA A 35 -6.00 3.26 -0.94
C ALA A 35 -7.13 2.29 -0.58
N GLU A 36 -8.26 2.81 -0.18
CA GLU A 36 -9.40 1.92 0.19
C GLU A 36 -9.82 1.06 -1.01
N TRP A 37 -9.97 1.66 -2.16
CA TRP A 37 -10.38 0.89 -3.36
C TRP A 37 -9.35 -0.22 -3.66
N LEU A 38 -8.11 0.15 -3.81
CA LEU A 38 -7.07 -0.88 -4.12
C LEU A 38 -7.15 -2.04 -3.13
N ALA A 39 -7.37 -1.77 -1.87
CA ALA A 39 -7.44 -2.86 -0.87
C ALA A 39 -8.68 -3.74 -1.13
N ARG A 40 -9.76 -3.15 -1.54
CA ARG A 40 -10.99 -3.96 -1.80
C ARG A 40 -10.81 -4.84 -3.04
N GLU A 41 -10.11 -4.35 -4.03
CA GLU A 41 -9.90 -5.16 -5.26
C GLU A 41 -8.83 -6.24 -5.02
N LEU A 42 -7.89 -5.98 -4.16
CA LEU A 42 -6.83 -6.98 -3.89
C LEU A 42 -7.32 -8.01 -2.86
N GLU A 43 -7.37 -7.64 -1.61
CA GLU A 43 -7.85 -8.59 -0.57
C GLU A 43 -9.37 -8.57 -0.46
N GLY A 44 -9.92 -7.43 -0.13
CA GLY A 44 -11.41 -7.34 -0.02
C GLY A 44 -11.78 -6.68 1.31
N ILE A 45 -11.08 -5.64 1.69
CA ILE A 45 -11.39 -4.95 2.97
C ILE A 45 -12.61 -4.04 2.80
N GLN A 46 -13.75 -4.49 3.21
CA GLN A 46 -14.98 -3.64 3.07
C GLN A 46 -14.80 -2.33 3.84
N LYS A 47 -14.02 -2.34 4.88
CA LYS A 47 -13.81 -1.09 5.66
C LYS A 47 -12.36 -1.03 6.17
N MET A 48 -11.62 -0.04 5.77
CA MET A 48 -10.21 0.08 6.22
C MET A 48 -10.12 -0.09 7.74
N THR A 49 -9.11 -0.75 8.22
CA THR A 49 -8.98 -0.94 9.69
C THR A 49 -8.11 0.18 10.31
N GLU A 50 -8.40 0.56 11.52
CA GLU A 50 -7.60 1.64 12.16
C GLU A 50 -6.12 1.25 12.20
N GLU A 51 -5.83 0.00 12.41
CA GLU A 51 -4.41 -0.44 12.46
C GLU A 51 -3.76 -0.30 11.08
N HIS A 52 -4.52 -0.52 10.04
CA HIS A 52 -3.94 -0.40 8.66
C HIS A 52 -3.63 1.07 8.35
N TRP A 53 -4.60 1.94 8.50
CA TRP A 53 -4.35 3.39 8.22
C TRP A 53 -3.20 3.91 9.09
N LYS A 54 -3.01 3.32 10.25
CA LYS A 54 -1.90 3.78 11.14
C LYS A 54 -0.55 3.40 10.53
N LEU A 55 -0.34 2.14 10.27
CA LEU A 55 0.95 1.70 9.68
C LEU A 55 1.25 2.50 8.42
N VAL A 56 0.25 2.76 7.62
CA VAL A 56 0.46 3.54 6.37
C VAL A 56 0.79 4.99 6.70
N LYS A 57 0.25 5.50 7.77
CA LYS A 57 0.53 6.91 8.15
C LYS A 57 2.01 7.08 8.50
N TYR A 58 2.53 6.23 9.34
CA TYR A 58 3.98 6.33 9.71
C TYR A 58 4.87 6.06 8.51
N LEU A 59 4.47 5.13 7.68
CA LEU A 59 5.30 4.81 6.47
C LEU A 59 5.44 6.04 5.58
N ARG A 60 4.35 6.69 5.26
CA ARG A 60 4.41 7.90 4.39
C ARG A 60 5.28 8.97 5.04
N GLU A 61 5.34 9.00 6.35
CA GLU A 61 6.16 10.03 7.05
C GLU A 61 7.61 9.94 6.57
N TYR A 62 8.25 8.82 6.77
CA TYR A 62 9.67 8.68 6.33
C TYR A 62 9.74 8.64 4.80
N TRP A 63 8.69 8.20 4.17
CA TRP A 63 8.70 8.14 2.67
C TRP A 63 8.79 9.55 2.07
N GLU A 64 8.43 10.55 2.84
CA GLU A 64 8.49 11.94 2.31
C GLU A 64 9.79 12.62 2.74
N THR A 65 10.62 11.92 3.47
CA THR A 65 11.91 12.52 3.93
C THR A 65 13.08 11.89 3.17
N PHE A 66 13.26 10.61 3.31
CA PHE A 66 14.40 9.94 2.60
C PHE A 66 13.87 9.10 1.43
N GLY A 67 12.60 9.21 1.13
CA GLY A 67 12.04 8.43 0.01
C GLY A 67 12.52 6.97 0.10
N THR A 68 12.05 6.25 1.07
CA THR A 68 12.48 4.83 1.22
C THR A 68 11.41 4.01 1.93
N CYS A 69 11.28 2.76 1.60
CA CYS A 69 10.24 1.92 2.26
C CYS A 69 10.90 0.79 3.05
N PRO A 70 11.30 1.11 4.25
CA PRO A 70 11.96 0.12 5.13
C PRO A 70 10.93 -0.89 5.67
N PRO A 71 11.44 -1.92 6.28
CA PRO A 71 10.55 -2.98 6.84
C PRO A 71 9.85 -2.47 8.11
N ILE A 72 9.37 -3.35 8.93
CA ILE A 72 8.67 -2.92 10.18
C ILE A 72 9.60 -3.09 11.39
N LYS A 73 10.85 -2.77 11.24
CA LYS A 73 11.80 -2.91 12.37
C LYS A 73 12.18 -1.55 12.93
N MET A 74 12.75 -0.70 12.10
CA MET A 74 13.15 0.66 12.57
C MET A 74 11.93 1.44 13.04
N VAL A 75 10.78 1.16 12.48
CA VAL A 75 9.55 1.89 12.89
C VAL A 75 9.12 1.45 14.29
N THR A 76 9.26 0.19 14.60
CA THR A 76 8.86 -0.30 15.96
C THR A 76 9.73 0.35 17.02
N LYS A 77 10.93 0.73 16.68
CA LYS A 77 11.83 1.37 17.69
C LYS A 77 11.10 2.52 18.40
N GLU A 78 10.19 3.16 17.72
CA GLU A 78 9.44 4.28 18.35
C GLU A 78 7.95 4.20 18.00
N THR A 79 7.37 3.04 18.12
CA THR A 79 5.92 2.90 17.80
C THR A 79 5.28 1.83 18.69
N GLY A 80 5.87 0.67 18.75
CA GLY A 80 5.30 -0.43 19.59
C GLY A 80 4.35 -1.28 18.75
N PHE A 81 4.86 -1.98 17.78
CA PHE A 81 3.99 -2.83 16.94
C PHE A 81 4.52 -4.27 16.90
N SER A 82 3.65 -5.24 16.86
CA SER A 82 4.10 -6.66 16.82
C SER A 82 3.87 -7.25 15.43
N LEU A 83 4.86 -7.87 14.87
CA LEU A 83 4.70 -8.47 13.51
C LEU A 83 3.50 -9.43 13.49
N GLU A 84 3.26 -10.10 14.58
CA GLU A 84 2.11 -11.05 14.64
C GLU A 84 0.80 -10.31 14.33
N LYS A 85 0.51 -9.27 15.06
CA LYS A 85 -0.74 -8.52 14.82
C LYS A 85 -0.85 -8.13 13.34
N ILE A 86 0.18 -7.51 12.81
CA ILE A 86 0.13 -7.10 11.37
C ILE A 86 -0.17 -8.32 10.50
N TYR A 87 0.25 -9.49 10.91
CA TYR A 87 -0.02 -10.71 10.09
C TYR A 87 -1.52 -11.02 10.09
N GLN A 88 -2.12 -11.08 11.25
CA GLN A 88 -3.58 -11.38 11.30
C GLN A 88 -4.37 -10.33 10.52
N LEU A 89 -3.87 -9.11 10.49
CA LEU A 89 -4.59 -8.03 9.75
C LEU A 89 -4.46 -8.25 8.23
N PHE A 90 -3.26 -8.10 7.72
CA PHE A 90 -3.06 -8.29 6.25
C PHE A 90 -2.27 -9.58 5.98
N PRO A 91 -2.97 -10.60 5.58
CA PRO A 91 -2.33 -11.90 5.28
C PRO A 91 -1.54 -11.82 3.97
N SER A 92 -0.28 -11.55 4.05
CA SER A 92 0.55 -11.46 2.80
C SER A 92 2.00 -11.08 3.14
N GLY A 93 2.18 -10.22 4.11
CA GLY A 93 3.56 -9.81 4.49
C GLY A 93 3.64 -8.28 4.56
N PRO A 94 4.20 -7.79 5.63
CA PRO A 94 4.35 -6.34 5.82
C PRO A 94 5.44 -5.77 4.90
N ALA A 95 5.92 -4.60 5.18
CA ALA A 95 6.98 -4.00 4.32
C ALA A 95 6.53 -3.93 2.86
N HIS A 96 6.80 -4.97 2.11
CA HIS A 96 6.37 -4.96 0.67
C HIS A 96 4.86 -4.82 0.56
N GLY A 97 4.13 -5.36 1.49
CA GLY A 97 2.64 -5.26 1.43
C GLY A 97 2.22 -3.81 1.71
N ALA A 98 2.43 -3.34 2.91
CA ALA A 98 2.04 -1.93 3.23
C ALA A 98 2.42 -1.00 2.09
N CYS A 99 3.66 -1.04 1.66
CA CYS A 99 4.09 -0.14 0.55
C CYS A 99 3.21 -0.37 -0.69
N LYS A 100 3.00 -1.61 -1.04
CA LYS A 100 2.15 -1.90 -2.24
C LYS A 100 0.82 -1.16 -2.14
N VAL A 101 0.27 -1.06 -0.95
CA VAL A 101 -1.02 -0.34 -0.79
C VAL A 101 -0.83 1.17 -0.91
N ALA A 102 0.28 1.67 -0.42
CA ALA A 102 0.53 3.14 -0.50
C ALA A 102 0.83 3.54 -1.94
N GLY A 103 1.27 2.61 -2.75
CA GLY A 103 1.59 2.94 -4.17
C GLY A 103 2.88 3.77 -4.23
N ALA A 104 4.00 3.14 -3.98
CA ALA A 104 5.29 3.89 -4.02
C ALA A 104 6.35 3.09 -4.78
N PRO A 105 6.59 3.50 -5.99
CA PRO A 105 7.59 2.82 -6.84
C PRO A 105 9.02 3.12 -6.35
N LYS A 106 9.71 2.13 -5.86
CA LYS A 106 11.09 2.36 -5.37
C LYS A 106 11.91 3.13 -6.41
N PRO A 107 12.14 4.39 -6.13
CA PRO A 107 12.91 5.26 -7.06
C PRO A 107 14.39 4.89 -7.02
N THR A 108 15.09 5.11 -8.09
CA THR A 108 16.55 4.78 -8.12
C THR A 108 17.39 6.06 -8.13
N GLY A 109 17.10 6.97 -7.24
CA GLY A 109 17.88 8.24 -7.21
C GLY A 109 17.16 9.31 -8.03
N CYS A 110 16.74 10.37 -7.41
CA CYS A 110 16.03 11.45 -8.15
C CYS A 110 16.81 11.80 -9.43
N VAL A 111 16.14 12.33 -10.41
CA VAL A 111 16.85 12.70 -11.68
C VAL A 111 16.36 14.07 -12.18
N MET A 1 -14.97 -10.10 -9.64
CA MET A 1 -14.27 -9.40 -10.76
C MET A 1 -12.75 -9.48 -10.57
N PRO A 2 -12.18 -10.54 -11.07
CA PRO A 2 -10.72 -10.74 -10.95
C PRO A 2 -9.97 -9.80 -11.88
N VAL A 3 -9.48 -8.70 -11.35
CA VAL A 3 -8.74 -7.73 -12.21
C VAL A 3 -7.39 -8.32 -12.63
N LYS A 4 -6.84 -7.85 -13.72
CA LYS A 4 -5.54 -8.38 -14.19
C LYS A 4 -4.57 -7.24 -14.46
N CYS A 5 -3.29 -7.50 -14.44
CA CYS A 5 -2.29 -6.43 -14.71
C CYS A 5 -1.50 -6.75 -15.98
N PRO A 6 -1.13 -5.71 -16.70
CA PRO A 6 -1.47 -4.32 -16.31
C PRO A 6 -2.95 -4.04 -16.60
N GLY A 7 -3.42 -2.88 -16.21
CA GLY A 7 -4.86 -2.55 -16.47
C GLY A 7 -5.15 -1.13 -15.99
N GLU A 8 -6.32 -0.62 -16.28
CA GLU A 8 -6.67 0.76 -15.84
C GLU A 8 -8.17 0.87 -15.61
N TYR A 9 -8.58 1.55 -14.56
CA TYR A 9 -10.04 1.68 -14.29
C TYR A 9 -10.33 3.05 -13.67
N GLN A 10 -11.58 3.40 -13.53
CA GLN A 10 -11.93 4.72 -12.94
C GLN A 10 -12.43 4.53 -11.49
N VAL A 11 -11.67 4.99 -10.54
CA VAL A 11 -12.09 4.84 -9.12
C VAL A 11 -12.25 6.22 -8.46
N ASP A 12 -13.47 6.62 -8.22
CA ASP A 12 -13.69 7.95 -7.58
C ASP A 12 -13.25 9.08 -8.53
N GLY A 13 -13.91 9.21 -9.64
CA GLY A 13 -13.52 10.29 -10.61
C GLY A 13 -12.00 10.31 -10.77
N LYS A 14 -11.36 9.18 -10.66
CA LYS A 14 -9.87 9.14 -10.80
C LYS A 14 -9.46 8.06 -11.80
N LYS A 15 -8.25 8.10 -12.26
CA LYS A 15 -7.80 7.07 -13.26
C LYS A 15 -6.58 6.32 -12.71
N VAL A 16 -6.73 5.06 -12.44
CA VAL A 16 -5.57 4.27 -11.92
C VAL A 16 -5.11 3.25 -12.96
N ILE A 17 -3.83 2.99 -13.02
CA ILE A 17 -3.32 2.00 -14.02
C ILE A 17 -2.27 1.09 -13.38
N LEU A 18 -2.60 -0.15 -13.18
CA LEU A 18 -1.63 -1.10 -12.55
C LEU A 18 -0.60 -1.55 -13.60
N ASP A 19 0.65 -1.55 -13.24
CA ASP A 19 1.71 -1.97 -14.20
C ASP A 19 1.58 -3.46 -14.51
N GLU A 20 2.56 -4.04 -15.15
CA GLU A 20 2.48 -5.49 -15.48
C GLU A 20 2.52 -6.34 -14.21
N ASP A 21 2.96 -5.75 -13.12
CA ASP A 21 3.01 -6.53 -11.84
C ASP A 21 2.02 -5.94 -10.82
N CYS A 22 0.88 -5.51 -11.28
CA CYS A 22 -0.12 -4.93 -10.33
C CYS A 22 0.55 -3.90 -9.42
N PHE A 23 1.45 -3.13 -9.96
CA PHE A 23 2.14 -2.10 -9.12
C PHE A 23 1.47 -0.73 -9.29
N MET A 24 1.60 0.13 -8.32
CA MET A 24 0.97 1.48 -8.43
C MET A 24 1.94 2.47 -9.08
N GLN A 25 1.90 2.59 -10.38
CA GLN A 25 2.82 3.54 -11.07
C GLN A 25 2.23 4.95 -11.04
N ASN A 26 1.04 5.09 -10.54
CA ASN A 26 0.40 6.45 -10.48
C ASN A 26 0.07 6.82 -9.03
N PRO A 27 1.10 6.93 -8.23
CA PRO A 27 0.92 7.28 -6.81
C PRO A 27 0.56 8.76 -6.67
N GLU A 28 0.76 9.54 -7.70
CA GLU A 28 0.43 10.98 -7.62
C GLU A 28 -1.08 11.16 -7.45
N ASP A 29 -1.86 10.20 -7.88
CA ASP A 29 -3.34 10.33 -7.73
C ASP A 29 -3.83 9.44 -6.57
N TRP A 30 -2.93 8.76 -5.91
CA TRP A 30 -3.35 7.89 -4.78
C TRP A 30 -4.32 8.64 -3.86
N ASP A 31 -5.23 7.94 -3.25
CA ASP A 31 -6.20 8.61 -2.34
C ASP A 31 -6.78 7.60 -1.35
N GLU A 32 -7.81 7.98 -0.65
CA GLU A 32 -8.43 7.04 0.34
C GLU A 32 -9.25 5.97 -0.39
N LYS A 33 -10.19 6.39 -1.21
CA LYS A 33 -11.01 5.40 -1.95
C LYS A 33 -10.13 4.55 -2.87
N VAL A 34 -9.06 5.11 -3.36
CA VAL A 34 -8.17 4.34 -4.27
C VAL A 34 -7.42 3.25 -3.48
N ALA A 35 -6.83 3.61 -2.39
CA ALA A 35 -6.09 2.60 -1.57
C ALA A 35 -7.04 1.49 -1.11
N GLU A 36 -8.15 1.86 -0.53
CA GLU A 36 -9.12 0.82 -0.07
C GLU A 36 -9.56 -0.06 -1.23
N TRP A 37 -10.11 0.52 -2.26
CA TRP A 37 -10.55 -0.29 -3.43
C TRP A 37 -9.45 -1.27 -3.84
N LEU A 38 -8.21 -0.85 -3.77
CA LEU A 38 -7.10 -1.77 -4.16
C LEU A 38 -7.03 -2.96 -3.20
N ALA A 39 -6.87 -2.71 -1.93
CA ALA A 39 -6.81 -3.84 -0.96
C ALA A 39 -7.97 -4.80 -1.16
N ARG A 40 -9.08 -4.30 -1.64
CA ARG A 40 -10.26 -5.18 -1.86
C ARG A 40 -10.01 -6.11 -3.06
N GLU A 41 -9.83 -5.55 -4.22
CA GLU A 41 -9.59 -6.41 -5.42
C GLU A 41 -8.49 -7.43 -5.13
N LEU A 42 -7.49 -7.04 -4.39
CA LEU A 42 -6.39 -7.99 -4.07
C LEU A 42 -6.80 -8.92 -2.92
N GLU A 43 -6.81 -8.43 -1.72
CA GLU A 43 -7.20 -9.29 -0.56
C GLU A 43 -8.73 -9.31 -0.41
N GLY A 44 -9.29 -8.27 0.12
CA GLY A 44 -10.78 -8.23 0.29
C GLY A 44 -11.13 -7.39 1.52
N ILE A 45 -10.43 -6.31 1.73
CA ILE A 45 -10.74 -5.44 2.91
C ILE A 45 -11.94 -4.56 2.61
N GLN A 46 -13.08 -4.87 3.15
CA GLN A 46 -14.30 -4.05 2.90
C GLN A 46 -14.27 -2.79 3.76
N LYS A 47 -13.49 -2.77 4.80
CA LYS A 47 -13.42 -1.56 5.67
C LYS A 47 -12.05 -1.47 6.34
N MET A 48 -11.17 -0.70 5.78
CA MET A 48 -9.81 -0.56 6.38
C MET A 48 -9.94 -0.19 7.86
N THR A 49 -9.72 -1.13 8.74
CA THR A 49 -9.83 -0.83 10.20
C THR A 49 -8.89 0.32 10.57
N GLU A 50 -9.13 0.97 11.68
CA GLU A 50 -8.25 2.10 12.09
C GLU A 50 -6.78 1.65 12.09
N GLU A 51 -6.51 0.43 12.47
CA GLU A 51 -5.11 -0.05 12.50
C GLU A 51 -4.52 -0.05 11.08
N HIS A 52 -5.32 -0.35 10.10
CA HIS A 52 -4.82 -0.37 8.69
C HIS A 52 -4.40 1.04 8.26
N TRP A 53 -5.31 1.97 8.25
CA TRP A 53 -4.97 3.36 7.83
C TRP A 53 -3.82 3.92 8.68
N LYS A 54 -3.77 3.56 9.93
CA LYS A 54 -2.68 4.08 10.81
C LYS A 54 -1.30 3.61 10.30
N LEU A 55 -1.09 2.32 10.24
CA LEU A 55 0.22 1.80 9.76
C LEU A 55 0.56 2.42 8.40
N VAL A 56 -0.42 2.59 7.55
CA VAL A 56 -0.15 3.19 6.21
C VAL A 56 0.22 4.66 6.36
N LYS A 57 -0.31 5.32 7.35
CA LYS A 57 0.00 6.77 7.56
C LYS A 57 1.48 6.94 7.93
N TYR A 58 1.94 6.19 8.89
CA TYR A 58 3.37 6.31 9.31
C TYR A 58 4.28 5.82 8.19
N LEU A 59 3.86 4.83 7.46
CA LEU A 59 4.71 4.31 6.34
C LEU A 59 4.92 5.40 5.28
N ARG A 60 3.96 6.25 5.10
CA ARG A 60 4.10 7.33 4.07
C ARG A 60 5.21 8.30 4.50
N GLU A 61 5.16 8.78 5.72
CA GLU A 61 6.22 9.73 6.19
C GLU A 61 7.59 9.25 5.74
N TYR A 62 7.89 8.00 5.90
CA TYR A 62 9.22 7.47 5.48
C TYR A 62 9.28 7.37 3.96
N TRP A 63 8.18 7.09 3.32
CA TRP A 63 8.18 6.96 1.83
C TRP A 63 8.09 8.36 1.20
N GLU A 64 8.21 9.39 1.98
CA GLU A 64 8.14 10.77 1.41
C GLU A 64 9.49 11.47 1.55
N THR A 65 10.35 10.96 2.40
CA THR A 65 11.69 11.60 2.57
C THR A 65 12.79 10.70 1.99
N PHE A 66 12.74 9.43 2.28
CA PHE A 66 13.76 8.50 1.74
C PHE A 66 13.44 8.13 0.29
N GLY A 67 12.24 7.71 0.03
CA GLY A 67 11.87 7.33 -1.36
C GLY A 67 11.59 5.82 -1.42
N THR A 68 11.22 5.24 -0.33
CA THR A 68 10.93 3.77 -0.32
C THR A 68 10.22 3.37 0.97
N CYS A 69 9.69 2.18 1.02
CA CYS A 69 8.98 1.74 2.26
C CYS A 69 9.74 0.58 2.91
N PRO A 70 10.41 0.90 3.98
CA PRO A 70 11.20 -0.12 4.72
C PRO A 70 10.26 -1.07 5.48
N PRO A 71 10.84 -2.10 6.03
CA PRO A 71 10.06 -3.09 6.81
C PRO A 71 9.63 -2.51 8.15
N ILE A 72 9.10 -3.33 9.03
CA ILE A 72 8.67 -2.81 10.36
C ILE A 72 9.76 -3.07 11.41
N LYS A 73 10.91 -2.47 11.24
CA LYS A 73 12.00 -2.67 12.23
C LYS A 73 12.19 -1.41 13.08
N MET A 74 12.56 -0.32 12.47
CA MET A 74 12.76 0.94 13.25
C MET A 74 11.40 1.54 13.64
N VAL A 75 10.35 1.15 12.96
CA VAL A 75 9.01 1.69 13.29
C VAL A 75 8.49 1.08 14.59
N THR A 76 8.89 -0.13 14.88
CA THR A 76 8.42 -0.79 16.15
C THR A 76 8.84 0.04 17.36
N LYS A 77 10.00 0.64 17.31
CA LYS A 77 10.48 1.46 18.47
C LYS A 77 9.77 2.82 18.48
N GLU A 78 9.38 3.29 17.33
CA GLU A 78 8.68 4.62 17.28
C GLU A 78 7.21 4.46 17.65
N THR A 79 6.41 3.95 16.74
CA THR A 79 4.96 3.78 17.04
C THR A 79 4.78 2.71 18.13
N GLY A 80 5.36 1.57 17.96
CA GLY A 80 5.21 0.48 18.97
C GLY A 80 4.29 -0.61 18.43
N PHE A 81 3.94 -0.54 17.18
CA PHE A 81 3.04 -1.57 16.60
C PHE A 81 3.74 -2.93 16.56
N SER A 82 3.34 -3.84 17.40
CA SER A 82 3.99 -5.18 17.41
C SER A 82 3.92 -5.83 16.02
N LEU A 83 4.97 -6.46 15.59
CA LEU A 83 4.96 -7.10 14.25
C LEU A 83 3.85 -8.15 14.17
N GLU A 84 3.50 -8.73 15.29
CA GLU A 84 2.43 -9.77 15.29
C GLU A 84 1.09 -9.13 14.85
N LYS A 85 0.73 -8.04 15.45
CA LYS A 85 -0.56 -7.39 15.08
C LYS A 85 -0.64 -7.19 13.56
N ILE A 86 0.34 -6.54 12.99
CA ILE A 86 0.33 -6.33 11.51
C ILE A 86 0.18 -7.67 10.79
N TYR A 87 0.84 -8.69 11.27
CA TYR A 87 0.74 -10.02 10.60
C TYR A 87 -0.72 -10.50 10.60
N GLN A 88 -1.45 -10.22 11.64
CA GLN A 88 -2.87 -10.66 11.70
C GLN A 88 -3.73 -9.78 10.80
N LEU A 89 -3.33 -8.55 10.60
CA LEU A 89 -4.13 -7.63 9.73
C LEU A 89 -3.63 -7.70 8.29
N PHE A 90 -2.57 -8.42 8.04
CA PHE A 90 -2.04 -8.53 6.66
C PHE A 90 -1.21 -9.81 6.50
N PRO A 91 -1.83 -10.80 5.93
CA PRO A 91 -1.16 -12.10 5.72
C PRO A 91 -0.13 -12.00 4.59
N SER A 92 -0.24 -10.98 3.77
CA SER A 92 0.73 -10.81 2.65
C SER A 92 2.13 -10.50 3.19
N GLY A 93 2.20 -9.86 4.32
CA GLY A 93 3.54 -9.53 4.91
C GLY A 93 3.68 -8.01 5.01
N PRO A 94 4.40 -7.58 6.01
CA PRO A 94 4.63 -6.13 6.21
C PRO A 94 5.61 -5.59 5.17
N ALA A 95 6.12 -6.43 4.32
CA ALA A 95 7.08 -5.97 3.28
C ALA A 95 6.34 -5.31 2.12
N HIS A 96 5.90 -6.09 1.16
CA HIS A 96 5.17 -5.50 0.00
C HIS A 96 3.75 -5.09 0.41
N GLY A 97 3.37 -5.40 1.63
CA GLY A 97 2.00 -5.03 2.08
C GLY A 97 1.88 -3.51 2.14
N ALA A 98 2.11 -2.93 3.30
CA ALA A 98 1.99 -1.45 3.42
C ALA A 98 2.64 -0.77 2.20
N CYS A 99 3.59 -1.40 1.59
CA CYS A 99 4.25 -0.79 0.40
C CYS A 99 3.26 -0.66 -0.76
N LYS A 100 3.02 -1.73 -1.46
CA LYS A 100 2.05 -1.67 -2.60
C LYS A 100 0.82 -0.86 -2.21
N VAL A 101 0.34 -1.03 -1.01
CA VAL A 101 -0.87 -0.27 -0.56
C VAL A 101 -0.63 1.23 -0.73
N ALA A 102 0.48 1.72 -0.26
CA ALA A 102 0.76 3.19 -0.38
C ALA A 102 0.93 3.57 -1.86
N GLY A 103 1.73 2.84 -2.57
CA GLY A 103 1.93 3.15 -4.01
C GLY A 103 3.43 3.14 -4.34
N ALA A 104 4.09 2.06 -4.04
CA ALA A 104 5.55 1.97 -4.33
C ALA A 104 5.77 1.59 -5.80
N PRO A 105 6.30 2.52 -6.55
CA PRO A 105 6.56 2.28 -7.99
C PRO A 105 7.79 1.37 -8.17
N LYS A 106 8.92 1.77 -7.65
CA LYS A 106 10.13 0.93 -7.80
C LYS A 106 10.62 0.47 -6.42
N PRO A 107 10.43 -0.79 -6.15
CA PRO A 107 10.85 -1.37 -4.85
C PRO A 107 12.37 -1.52 -4.82
N THR A 108 12.89 -2.17 -3.81
CA THR A 108 14.37 -2.35 -3.72
C THR A 108 14.69 -3.72 -3.09
N GLY A 109 14.43 -4.78 -3.81
CA GLY A 109 14.72 -6.14 -3.26
C GLY A 109 14.29 -7.19 -4.27
N CYS A 110 13.01 -7.43 -4.39
CA CYS A 110 12.53 -8.46 -5.35
C CYS A 110 12.44 -7.86 -6.76
N VAL A 111 11.85 -8.57 -7.68
CA VAL A 111 11.74 -8.05 -9.07
C VAL A 111 10.35 -8.36 -9.64
N MET A 1 -16.00 -9.53 -11.90
CA MET A 1 -16.42 -8.57 -10.85
C MET A 1 -15.24 -7.67 -10.46
N PRO A 2 -14.20 -8.31 -9.99
CA PRO A 2 -12.99 -7.57 -9.56
C PRO A 2 -12.24 -7.03 -10.78
N VAL A 3 -11.01 -6.61 -10.59
CA VAL A 3 -10.22 -6.08 -11.74
C VAL A 3 -9.19 -7.11 -12.19
N LYS A 4 -8.51 -6.85 -13.28
CA LYS A 4 -7.48 -7.81 -13.77
C LYS A 4 -6.37 -7.08 -14.51
N CYS A 5 -5.21 -6.97 -13.92
CA CYS A 5 -4.08 -6.27 -14.59
C CYS A 5 -3.30 -7.25 -15.48
N PRO A 6 -2.59 -6.72 -16.44
CA PRO A 6 -2.55 -5.24 -16.65
C PRO A 6 -3.84 -4.76 -17.31
N GLY A 7 -4.29 -3.58 -16.95
CA GLY A 7 -5.54 -3.06 -17.57
C GLY A 7 -5.84 -1.67 -17.01
N GLU A 8 -6.85 -1.01 -17.51
CA GLU A 8 -7.19 0.35 -17.01
C GLU A 8 -8.55 0.33 -16.31
N TYR A 9 -8.60 0.80 -15.09
CA TYR A 9 -9.91 0.81 -14.36
C TYR A 9 -10.17 2.18 -13.76
N GLN A 10 -11.41 2.50 -13.51
CA GLN A 10 -11.74 3.84 -12.92
C GLN A 10 -12.29 3.67 -11.50
N VAL A 11 -11.82 4.45 -10.57
CA VAL A 11 -12.32 4.33 -9.18
C VAL A 11 -13.05 5.61 -8.75
N ASP A 12 -14.35 5.64 -8.89
CA ASP A 12 -15.12 6.86 -8.49
C ASP A 12 -14.46 8.12 -9.07
N GLY A 13 -14.94 8.56 -10.20
CA GLY A 13 -14.35 9.79 -10.82
C GLY A 13 -12.82 9.74 -10.71
N LYS A 14 -12.21 8.74 -11.28
CA LYS A 14 -10.72 8.64 -11.21
C LYS A 14 -10.22 7.59 -12.21
N LYS A 15 -9.01 7.73 -12.68
CA LYS A 15 -8.47 6.75 -13.65
C LYS A 15 -7.26 6.02 -13.05
N VAL A 16 -7.09 4.76 -13.39
CA VAL A 16 -5.95 4.00 -12.84
C VAL A 16 -5.37 3.06 -13.91
N ILE A 17 -4.08 2.97 -14.00
CA ILE A 17 -3.47 2.07 -15.03
C ILE A 17 -2.66 0.96 -14.35
N LEU A 18 -3.24 -0.19 -14.19
CA LEU A 18 -2.49 -1.32 -13.54
C LEU A 18 -1.47 -1.91 -14.52
N ASP A 19 -0.22 -1.91 -14.15
CA ASP A 19 0.82 -2.47 -15.06
C ASP A 19 0.67 -4.00 -15.16
N GLU A 20 1.61 -4.66 -15.78
CA GLU A 20 1.52 -6.13 -15.90
C GLU A 20 1.55 -6.78 -14.52
N ASP A 21 1.96 -6.07 -13.52
CA ASP A 21 2.00 -6.64 -12.14
C ASP A 21 1.01 -5.91 -11.23
N CYS A 22 -0.11 -5.52 -11.75
CA CYS A 22 -1.11 -4.80 -10.91
C CYS A 22 -0.45 -3.63 -10.18
N PHE A 23 0.59 -3.07 -10.75
CA PHE A 23 1.27 -1.93 -10.09
C PHE A 23 0.56 -0.61 -10.42
N MET A 24 0.46 0.27 -9.46
CA MET A 24 -0.23 1.57 -9.72
C MET A 24 0.78 2.61 -10.22
N GLN A 25 0.62 3.05 -11.44
CA GLN A 25 1.58 4.06 -11.99
C GLN A 25 1.04 5.48 -11.75
N ASN A 26 0.18 5.64 -10.78
CA ASN A 26 -0.38 6.99 -10.50
C ASN A 26 -0.33 7.29 -9.00
N PRO A 27 0.87 7.42 -8.50
CA PRO A 27 1.07 7.71 -7.06
C PRO A 27 0.69 9.16 -6.75
N GLU A 28 0.54 9.97 -7.76
CA GLU A 28 0.17 11.40 -7.52
C GLU A 28 -1.33 11.51 -7.21
N ASP A 29 -2.07 10.46 -7.42
CA ASP A 29 -3.53 10.51 -7.14
C ASP A 29 -3.87 9.64 -5.93
N TRP A 30 -2.90 8.94 -5.40
CA TRP A 30 -3.17 8.07 -4.22
C TRP A 30 -4.03 8.82 -3.20
N ASP A 31 -4.92 8.13 -2.55
CA ASP A 31 -5.79 8.81 -1.53
C ASP A 31 -6.38 7.78 -0.58
N GLU A 32 -7.41 8.14 0.15
CA GLU A 32 -8.03 7.18 1.10
C GLU A 32 -8.86 6.15 0.35
N LYS A 33 -9.84 6.58 -0.41
CA LYS A 33 -10.68 5.61 -1.17
C LYS A 33 -9.84 4.91 -2.24
N VAL A 34 -8.84 5.57 -2.76
CA VAL A 34 -7.98 4.93 -3.80
C VAL A 34 -7.19 3.77 -3.19
N ALA A 35 -6.48 4.03 -2.13
CA ALA A 35 -5.68 2.94 -1.50
C ALA A 35 -6.60 1.83 -0.98
N GLU A 36 -7.57 2.17 -0.18
CA GLU A 36 -8.51 1.13 0.35
C GLU A 36 -9.08 0.30 -0.81
N TRP A 37 -9.34 0.91 -1.92
CA TRP A 37 -9.90 0.15 -3.08
C TRP A 37 -8.84 -0.80 -3.65
N LEU A 38 -7.61 -0.37 -3.71
CA LEU A 38 -6.54 -1.25 -4.25
C LEU A 38 -6.39 -2.51 -3.40
N ALA A 39 -6.25 -2.35 -2.12
CA ALA A 39 -6.10 -3.54 -1.23
C ALA A 39 -7.41 -4.33 -1.17
N ARG A 40 -8.52 -3.68 -1.38
CA ARG A 40 -9.82 -4.39 -1.34
C ARG A 40 -9.95 -5.36 -2.52
N GLU A 41 -9.59 -4.93 -3.70
CA GLU A 41 -9.71 -5.82 -4.88
C GLU A 41 -8.56 -6.84 -4.91
N LEU A 42 -7.39 -6.43 -4.51
CA LEU A 42 -6.23 -7.38 -4.52
C LEU A 42 -6.20 -8.23 -3.24
N GLU A 43 -6.12 -7.59 -2.11
CA GLU A 43 -6.08 -8.34 -0.82
C GLU A 43 -7.49 -8.79 -0.42
N GLY A 44 -8.49 -8.20 -0.99
CA GLY A 44 -9.89 -8.59 -0.64
C GLY A 44 -10.34 -7.81 0.60
N ILE A 45 -9.64 -6.77 0.95
CA ILE A 45 -10.04 -5.97 2.15
C ILE A 45 -11.36 -5.26 1.88
N GLN A 46 -12.44 -5.79 2.39
CA GLN A 46 -13.76 -5.13 2.17
C GLN A 46 -13.85 -3.82 2.97
N LYS A 47 -12.95 -3.62 3.88
CA LYS A 47 -12.98 -2.36 4.69
C LYS A 47 -11.68 -2.21 5.48
N MET A 48 -10.94 -1.15 5.26
CA MET A 48 -9.67 -0.95 6.00
C MET A 48 -9.95 -0.68 7.48
N THR A 49 -9.26 -1.37 8.35
CA THR A 49 -9.49 -1.15 9.81
C THR A 49 -8.78 0.11 10.27
N GLU A 50 -8.66 0.30 11.56
CA GLU A 50 -7.98 1.53 12.07
C GLU A 50 -6.46 1.35 12.02
N GLU A 51 -5.96 0.28 12.57
CA GLU A 51 -4.48 0.06 12.54
C GLU A 51 -3.98 0.06 11.09
N HIS A 52 -4.79 -0.35 10.16
CA HIS A 52 -4.36 -0.37 8.74
C HIS A 52 -3.93 1.03 8.30
N TRP A 53 -4.83 1.98 8.35
CA TRP A 53 -4.48 3.37 7.94
C TRP A 53 -3.30 3.88 8.76
N LYS A 54 -3.21 3.49 10.00
CA LYS A 54 -2.09 3.95 10.86
C LYS A 54 -0.75 3.56 10.24
N LEU A 55 -0.54 2.31 9.99
CA LEU A 55 0.75 1.86 9.38
C LEU A 55 0.98 2.58 8.05
N VAL A 56 0.00 2.56 7.18
CA VAL A 56 0.16 3.24 5.86
C VAL A 56 0.56 4.70 6.07
N LYS A 57 0.17 5.29 7.16
CA LYS A 57 0.53 6.72 7.42
C LYS A 57 2.02 6.83 7.79
N TYR A 58 2.45 6.08 8.78
CA TYR A 58 3.88 6.15 9.19
C TYR A 58 4.79 5.96 7.97
N LEU A 59 4.44 5.05 7.10
CA LEU A 59 5.29 4.81 5.89
C LEU A 59 5.39 6.10 5.05
N ARG A 60 4.28 6.71 4.76
CA ARG A 60 4.31 7.96 3.94
C ARG A 60 5.16 9.02 4.63
N GLU A 61 4.78 9.42 5.81
CA GLU A 61 5.56 10.46 6.54
C GLU A 61 7.06 10.10 6.54
N TYR A 62 7.37 8.83 6.47
CA TYR A 62 8.80 8.42 6.47
C TYR A 62 9.44 8.70 5.11
N TRP A 63 8.72 8.51 4.05
CA TRP A 63 9.28 8.76 2.69
C TRP A 63 9.59 10.25 2.52
N GLU A 64 8.95 11.10 3.29
CA GLU A 64 9.22 12.56 3.17
C GLU A 64 10.67 12.87 3.53
N THR A 65 11.07 12.54 4.73
CA THR A 65 12.47 12.82 5.14
C THR A 65 13.43 11.81 4.50
N PHE A 66 13.23 10.54 4.75
CA PHE A 66 14.12 9.52 4.15
C PHE A 66 13.97 9.50 2.63
N GLY A 67 13.00 8.79 2.12
CA GLY A 67 12.80 8.74 0.65
C GLY A 67 12.89 7.29 0.17
N THR A 68 12.73 6.35 1.06
CA THR A 68 12.82 4.92 0.65
C THR A 68 11.77 4.09 1.41
N CYS A 69 11.63 2.84 1.08
CA CYS A 69 10.63 1.99 1.78
C CYS A 69 11.31 0.75 2.37
N PRO A 70 11.85 0.92 3.54
CA PRO A 70 12.54 -0.20 4.23
C PRO A 70 11.53 -1.21 4.76
N PRO A 71 12.03 -2.30 5.27
CA PRO A 71 11.16 -3.36 5.83
C PRO A 71 10.55 -2.91 7.15
N ILE A 72 9.48 -3.54 7.57
CA ILE A 72 8.84 -3.14 8.86
C ILE A 72 9.62 -3.75 10.04
N LYS A 73 10.58 -4.59 9.76
CA LYS A 73 11.37 -5.21 10.86
C LYS A 73 11.98 -4.12 11.75
N MET A 74 12.82 -3.30 11.20
CA MET A 74 13.45 -2.22 12.01
C MET A 74 12.38 -1.24 12.49
N VAL A 75 11.30 -1.12 11.76
CA VAL A 75 10.22 -0.18 12.18
C VAL A 75 9.60 -0.64 13.50
N THR A 76 9.51 -1.93 13.71
CA THR A 76 8.91 -2.45 14.96
C THR A 76 9.63 -1.83 16.18
N LYS A 77 10.87 -1.47 16.02
CA LYS A 77 11.62 -0.87 17.17
C LYS A 77 11.00 0.47 17.55
N GLU A 78 10.59 1.24 16.58
CA GLU A 78 9.98 2.57 16.88
C GLU A 78 8.48 2.41 17.13
N THR A 79 7.74 2.12 16.11
CA THR A 79 6.26 1.95 16.29
C THR A 79 5.97 1.07 17.51
N GLY A 80 6.76 0.04 17.71
CA GLY A 80 6.54 -0.86 18.88
C GLY A 80 5.34 -1.77 18.59
N PHE A 81 4.84 -1.76 17.40
CA PHE A 81 3.67 -2.63 17.06
C PHE A 81 3.99 -4.09 17.40
N SER A 82 3.01 -4.95 17.32
CA SER A 82 3.27 -6.39 17.64
C SER A 82 3.09 -7.25 16.38
N LEU A 83 3.84 -8.31 16.26
CA LEU A 83 3.72 -9.17 15.06
C LEU A 83 2.30 -9.75 14.96
N GLU A 84 1.63 -9.89 16.07
CA GLU A 84 0.25 -10.45 16.04
C GLU A 84 -0.66 -9.54 15.20
N LYS A 85 -0.60 -8.25 15.42
CA LYS A 85 -1.46 -7.33 14.65
C LYS A 85 -1.10 -7.38 13.16
N ILE A 86 0.12 -7.07 12.82
CA ILE A 86 0.53 -7.10 11.39
C ILE A 86 0.08 -8.41 10.73
N TYR A 87 0.04 -9.48 11.47
CA TYR A 87 -0.40 -10.78 10.89
C TYR A 87 -1.93 -10.81 10.75
N GLN A 88 -2.64 -10.23 11.67
CA GLN A 88 -4.13 -10.24 11.60
C GLN A 88 -4.59 -9.36 10.42
N LEU A 89 -3.80 -8.41 10.02
CA LEU A 89 -4.21 -7.52 8.89
C LEU A 89 -3.73 -8.11 7.56
N PHE A 90 -2.49 -8.48 7.46
CA PHE A 90 -1.97 -9.06 6.19
C PHE A 90 -1.94 -10.59 6.28
N PRO A 91 -1.76 -11.21 5.15
CA PRO A 91 -1.72 -12.68 5.07
C PRO A 91 -0.38 -13.20 5.62
N SER A 92 0.61 -13.33 4.78
CA SER A 92 1.93 -13.83 5.26
C SER A 92 2.93 -12.67 5.37
N GLY A 93 2.94 -11.99 6.47
CA GLY A 93 3.89 -10.85 6.63
C GLY A 93 3.61 -9.79 5.55
N PRO A 94 3.68 -8.55 5.96
CA PRO A 94 3.43 -7.43 5.03
C PRO A 94 4.61 -7.27 4.06
N ALA A 95 5.59 -6.48 4.41
CA ALA A 95 6.76 -6.29 3.49
C ALA A 95 6.30 -5.67 2.17
N HIS A 96 6.73 -6.21 1.06
CA HIS A 96 6.32 -5.63 -0.26
C HIS A 96 4.83 -5.28 -0.25
N GLY A 97 4.06 -5.93 0.57
CA GLY A 97 2.60 -5.63 0.63
C GLY A 97 2.38 -4.21 1.17
N ALA A 98 2.55 -4.03 2.45
CA ALA A 98 2.36 -2.67 3.04
C ALA A 98 2.98 -1.60 2.15
N CYS A 99 4.19 -1.79 1.71
CA CYS A 99 4.84 -0.78 0.84
C CYS A 99 4.00 -0.54 -0.42
N LYS A 100 3.50 -1.57 -1.02
CA LYS A 100 2.68 -1.39 -2.26
C LYS A 100 1.43 -0.56 -1.94
N VAL A 101 0.62 -1.00 -1.02
CA VAL A 101 -0.61 -0.23 -0.67
C VAL A 101 -0.27 1.25 -0.49
N ALA A 102 0.82 1.55 0.15
CA ALA A 102 1.21 2.97 0.36
C ALA A 102 1.38 3.68 -0.99
N GLY A 103 2.18 3.12 -1.86
CA GLY A 103 2.39 3.76 -3.19
C GLY A 103 3.47 4.84 -3.08
N ALA A 104 4.61 4.50 -2.54
CA ALA A 104 5.71 5.51 -2.41
C ALA A 104 6.57 5.52 -3.67
N PRO A 105 6.63 6.66 -4.31
CA PRO A 105 7.44 6.81 -5.55
C PRO A 105 8.94 6.78 -5.21
N LYS A 106 9.73 6.14 -6.02
CA LYS A 106 11.20 6.10 -5.76
C LYS A 106 11.88 7.32 -6.35
N PRO A 107 12.92 7.76 -5.71
CA PRO A 107 13.68 8.95 -6.17
C PRO A 107 14.51 8.58 -7.41
N THR A 108 15.40 7.64 -7.30
CA THR A 108 16.24 7.26 -8.47
C THR A 108 15.38 6.55 -9.53
N GLY A 109 15.95 6.27 -10.67
CA GLY A 109 15.16 5.59 -11.73
C GLY A 109 16.10 5.19 -12.88
N CYS A 110 16.23 3.92 -13.15
CA CYS A 110 17.13 3.48 -14.25
C CYS A 110 16.61 2.17 -14.86
N VAL A 111 15.76 2.27 -15.84
CA VAL A 111 15.21 1.03 -16.48
C VAL A 111 16.32 0.30 -17.24
N MET A 1 -14.00 -14.40 -13.61
CA MET A 1 -13.58 -13.15 -14.29
C MET A 1 -12.98 -12.17 -13.28
N PRO A 2 -11.98 -12.63 -12.58
CA PRO A 2 -11.30 -11.79 -11.56
C PRO A 2 -10.44 -10.72 -12.23
N VAL A 3 -9.82 -9.88 -11.46
CA VAL A 3 -8.97 -8.81 -12.06
C VAL A 3 -7.71 -9.42 -12.71
N LYS A 4 -7.48 -9.13 -13.96
CA LYS A 4 -6.29 -9.70 -14.64
C LYS A 4 -5.33 -8.57 -15.06
N CYS A 5 -4.07 -8.72 -14.80
CA CYS A 5 -3.10 -7.66 -15.20
C CYS A 5 -2.33 -8.07 -16.45
N PRO A 6 -1.93 -7.10 -17.24
CA PRO A 6 -2.21 -5.67 -16.92
C PRO A 6 -3.67 -5.34 -17.23
N GLY A 7 -4.15 -4.23 -16.75
CA GLY A 7 -5.56 -3.86 -17.02
C GLY A 7 -5.84 -2.46 -16.47
N GLU A 8 -6.80 -1.77 -17.02
CA GLU A 8 -7.11 -0.39 -16.52
C GLU A 8 -8.47 -0.38 -15.82
N TYR A 9 -8.67 0.51 -14.90
CA TYR A 9 -9.98 0.57 -14.18
C TYR A 9 -10.29 2.01 -13.76
N GLN A 10 -11.54 2.32 -13.55
CA GLN A 10 -11.90 3.71 -13.13
C GLN A 10 -12.39 3.71 -11.68
N VAL A 11 -12.10 4.75 -10.95
CA VAL A 11 -12.55 4.82 -9.53
C VAL A 11 -12.80 6.27 -9.13
N ASP A 12 -14.04 6.63 -8.92
CA ASP A 12 -14.35 8.03 -8.52
C ASP A 12 -13.83 9.00 -9.59
N GLY A 13 -13.36 10.14 -9.19
CA GLY A 13 -12.84 11.12 -10.19
C GLY A 13 -11.34 10.89 -10.40
N LYS A 14 -10.95 9.68 -10.66
CA LYS A 14 -9.50 9.39 -10.87
C LYS A 14 -9.33 8.14 -11.73
N LYS A 15 -8.31 8.10 -12.55
CA LYS A 15 -8.09 6.90 -13.41
C LYS A 15 -7.01 6.00 -12.79
N VAL A 16 -7.17 4.71 -12.91
CA VAL A 16 -6.16 3.78 -12.31
C VAL A 16 -5.68 2.78 -13.37
N ILE A 17 -4.57 2.15 -13.14
CA ILE A 17 -4.05 1.16 -14.13
C ILE A 17 -3.26 0.05 -13.41
N LEU A 18 -3.02 -1.05 -14.06
CA LEU A 18 -2.27 -2.16 -13.41
C LEU A 18 -1.23 -2.73 -14.38
N ASP A 19 0.02 -2.60 -14.05
CA ASP A 19 1.09 -3.13 -14.96
C ASP A 19 0.89 -4.63 -15.18
N GLU A 20 1.86 -5.28 -15.77
CA GLU A 20 1.72 -6.75 -16.02
C GLU A 20 1.70 -7.50 -14.70
N ASP A 21 2.19 -6.91 -13.65
CA ASP A 21 2.21 -7.61 -12.34
C ASP A 21 1.26 -6.91 -11.36
N CYS A 22 0.13 -6.45 -11.84
CA CYS A 22 -0.84 -5.77 -10.94
C CYS A 22 -0.12 -4.70 -10.11
N PHE A 23 0.76 -3.95 -10.71
CA PHE A 23 1.49 -2.89 -9.96
C PHE A 23 0.81 -1.54 -10.16
N MET A 24 0.82 -0.71 -9.15
CA MET A 24 0.17 0.62 -9.27
C MET A 24 1.12 1.62 -9.95
N GLN A 25 0.88 1.93 -11.19
CA GLN A 25 1.77 2.90 -11.90
C GLN A 25 1.16 4.31 -11.87
N ASN A 26 0.26 4.54 -10.95
CA ASN A 26 -0.37 5.90 -10.86
C ASN A 26 -0.31 6.42 -9.43
N PRO A 27 0.87 6.77 -9.02
CA PRO A 27 1.08 7.30 -7.64
C PRO A 27 0.51 8.71 -7.52
N GLU A 28 0.52 9.46 -8.59
CA GLU A 28 -0.02 10.85 -8.53
C GLU A 28 -1.53 10.82 -8.29
N ASP A 29 -2.15 9.69 -8.51
CA ASP A 29 -3.63 9.60 -8.30
C ASP A 29 -3.92 8.71 -7.10
N TRP A 30 -3.11 8.76 -6.09
CA TRP A 30 -3.35 7.92 -4.88
C TRP A 30 -4.20 8.69 -3.86
N ASP A 31 -4.93 7.99 -3.04
CA ASP A 31 -5.78 8.68 -2.03
C ASP A 31 -6.37 7.66 -1.06
N GLU A 32 -7.32 8.07 -0.25
CA GLU A 32 -7.95 7.12 0.71
C GLU A 32 -8.84 6.13 -0.02
N LYS A 33 -9.80 6.62 -0.76
CA LYS A 33 -10.71 5.69 -1.51
C LYS A 33 -9.89 4.81 -2.46
N VAL A 34 -8.80 5.31 -2.96
CA VAL A 34 -7.96 4.50 -3.89
C VAL A 34 -7.33 3.32 -3.16
N ALA A 35 -6.58 3.59 -2.12
CA ALA A 35 -5.93 2.48 -1.36
C ALA A 35 -6.98 1.47 -0.89
N GLU A 36 -8.13 1.94 -0.48
CA GLU A 36 -9.20 1.01 -0.01
C GLU A 36 -9.64 0.09 -1.16
N TRP A 37 -9.99 0.66 -2.28
CA TRP A 37 -10.43 -0.17 -3.43
C TRP A 37 -9.35 -1.19 -3.81
N LEU A 38 -8.11 -0.82 -3.64
CA LEU A 38 -7.00 -1.77 -3.99
C LEU A 38 -6.98 -2.93 -2.99
N ALA A 39 -7.13 -2.65 -1.73
CA ALA A 39 -7.11 -3.74 -0.71
C ALA A 39 -8.30 -4.69 -0.92
N ARG A 40 -9.40 -4.17 -1.41
CA ARG A 40 -10.60 -5.04 -1.64
C ARG A 40 -10.38 -5.92 -2.88
N GLU A 41 -9.87 -5.35 -3.94
CA GLU A 41 -9.64 -6.14 -5.17
C GLU A 41 -8.61 -7.24 -4.91
N LEU A 42 -7.62 -6.97 -4.11
CA LEU A 42 -6.59 -8.00 -3.81
C LEU A 42 -7.06 -8.92 -2.69
N GLU A 43 -7.20 -8.41 -1.50
CA GLU A 43 -7.66 -9.25 -0.36
C GLU A 43 -9.18 -9.38 -0.39
N GLY A 44 -9.88 -8.31 -0.18
CA GLY A 44 -11.38 -8.38 -0.19
C GLY A 44 -11.95 -7.42 0.84
N ILE A 45 -11.12 -6.94 1.74
CA ILE A 45 -11.62 -6.00 2.77
C ILE A 45 -12.54 -4.95 2.15
N GLN A 46 -13.66 -4.69 2.76
CA GLN A 46 -14.61 -3.68 2.20
C GLN A 46 -14.58 -2.40 3.04
N LYS A 47 -13.73 -2.35 4.02
CA LYS A 47 -13.65 -1.12 4.87
C LYS A 47 -12.31 -1.07 5.62
N MET A 48 -11.32 -0.45 5.04
CA MET A 48 -10.00 -0.37 5.72
C MET A 48 -10.19 -0.01 7.20
N THR A 49 -9.67 -0.82 8.08
CA THR A 49 -9.82 -0.52 9.54
C THR A 49 -8.89 0.63 9.94
N GLU A 50 -9.19 1.30 11.02
CA GLU A 50 -8.33 2.42 11.46
C GLU A 50 -6.87 1.97 11.56
N GLU A 51 -6.65 0.74 11.94
CA GLU A 51 -5.25 0.24 12.04
C GLU A 51 -4.54 0.34 10.69
N HIS A 52 -5.21 -0.03 9.64
CA HIS A 52 -4.59 0.05 8.28
C HIS A 52 -4.15 1.49 7.99
N TRP A 53 -5.06 2.43 8.05
CA TRP A 53 -4.70 3.84 7.76
C TRP A 53 -3.63 4.32 8.75
N LYS A 54 -3.57 3.74 9.92
CA LYS A 54 -2.55 4.17 10.92
C LYS A 54 -1.15 3.81 10.41
N LEU A 55 -0.85 2.55 10.32
CA LEU A 55 0.50 2.12 9.84
C LEU A 55 0.79 2.77 8.48
N VAL A 56 -0.21 2.96 7.67
CA VAL A 56 0.01 3.58 6.34
C VAL A 56 0.42 5.05 6.50
N LYS A 57 -0.10 5.71 7.50
CA LYS A 57 0.26 7.15 7.71
C LYS A 57 1.70 7.26 8.21
N TYR A 58 2.09 6.41 9.11
CA TYR A 58 3.49 6.47 9.64
C TYR A 58 4.49 6.19 8.51
N LEU A 59 4.23 5.20 7.71
CA LEU A 59 5.17 4.87 6.60
C LEU A 59 5.34 6.08 5.67
N ARG A 60 4.25 6.65 5.23
CA ARG A 60 4.35 7.84 4.33
C ARG A 60 5.32 8.88 4.90
N GLU A 61 5.15 9.23 6.14
CA GLU A 61 6.06 10.23 6.77
C GLU A 61 7.52 9.82 6.57
N TYR A 62 7.81 8.55 6.68
CA TYR A 62 9.22 8.10 6.50
C TYR A 62 9.66 8.29 5.05
N TRP A 63 8.85 7.90 4.11
CA TRP A 63 9.23 8.06 2.67
C TRP A 63 9.64 9.50 2.39
N GLU A 64 8.88 10.45 2.85
CA GLU A 64 9.24 11.88 2.61
C GLU A 64 10.54 12.24 3.34
N THR A 65 10.74 11.68 4.50
CA THR A 65 11.97 12.00 5.27
C THR A 65 13.22 11.50 4.51
N PHE A 66 13.09 10.41 3.82
CA PHE A 66 14.26 9.87 3.06
C PHE A 66 13.81 9.28 1.72
N GLY A 67 13.10 8.18 1.76
CA GLY A 67 12.63 7.57 0.48
C GLY A 67 13.10 6.12 0.42
N THR A 68 12.42 5.23 1.10
CA THR A 68 12.83 3.80 1.07
C THR A 68 11.69 2.91 1.57
N CYS A 69 11.72 1.65 1.23
CA CYS A 69 10.64 0.73 1.69
C CYS A 69 11.19 -0.28 2.69
N PRO A 70 11.28 0.15 3.92
CA PRO A 70 11.81 -0.73 4.99
C PRO A 70 10.77 -1.80 5.37
N PRO A 71 11.26 -2.85 5.98
CA PRO A 71 10.37 -3.96 6.40
C PRO A 71 9.51 -3.55 7.59
N ILE A 72 9.99 -3.77 8.79
CA ILE A 72 9.20 -3.37 10.00
C ILE A 72 10.04 -3.55 11.26
N LYS A 73 11.28 -3.13 11.21
CA LYS A 73 12.15 -3.26 12.42
C LYS A 73 12.11 -1.98 13.25
N MET A 74 12.58 -0.90 12.71
CA MET A 74 12.56 0.39 13.47
C MET A 74 11.12 0.82 13.74
N VAL A 75 10.26 0.66 12.78
CA VAL A 75 8.83 1.05 12.98
C VAL A 75 8.27 0.41 14.26
N THR A 76 8.65 -0.80 14.54
CA THR A 76 8.15 -1.47 15.77
C THR A 76 8.67 -0.76 17.02
N LYS A 77 9.86 -0.23 16.96
CA LYS A 77 10.42 0.47 18.15
C LYS A 77 9.73 1.84 18.33
N GLU A 78 9.36 2.47 17.24
CA GLU A 78 8.69 3.80 17.36
C GLU A 78 7.25 3.63 17.84
N THR A 79 6.60 2.58 17.43
CA THR A 79 5.19 2.36 17.86
C THR A 79 5.12 1.21 18.88
N GLY A 80 5.18 -0.01 18.42
CA GLY A 80 5.13 -1.16 19.36
C GLY A 80 4.13 -2.20 18.84
N PHE A 81 4.10 -2.41 17.54
CA PHE A 81 3.15 -3.40 16.98
C PHE A 81 3.83 -4.77 16.86
N SER A 82 3.20 -5.80 17.36
CA SER A 82 3.81 -7.16 17.29
C SER A 82 3.63 -7.74 15.88
N LEU A 83 4.67 -8.31 15.32
CA LEU A 83 4.55 -8.90 13.96
C LEU A 83 3.23 -9.67 13.82
N GLU A 84 2.71 -10.17 14.91
CA GLU A 84 1.43 -10.93 14.85
C GLU A 84 0.31 -10.04 14.31
N LYS A 85 0.11 -8.90 14.91
CA LYS A 85 -0.98 -7.99 14.43
C LYS A 85 -0.77 -7.65 12.95
N ILE A 86 0.42 -7.28 12.58
CA ILE A 86 0.67 -6.95 11.14
C ILE A 86 0.34 -8.14 10.25
N TYR A 87 0.50 -9.33 10.75
CA TYR A 87 0.20 -10.54 9.91
C TYR A 87 -1.32 -10.70 9.75
N GLN A 88 -2.06 -10.60 10.82
CA GLN A 88 -3.55 -10.74 10.72
C GLN A 88 -4.11 -9.68 9.78
N LEU A 89 -3.59 -8.49 9.83
CA LEU A 89 -4.09 -7.40 8.94
C LEU A 89 -3.74 -7.71 7.49
N PHE A 90 -2.47 -7.71 7.16
CA PHE A 90 -2.07 -8.00 5.75
C PHE A 90 -2.03 -9.51 5.52
N PRO A 91 -1.80 -9.88 4.29
CA PRO A 91 -1.75 -11.30 3.91
C PRO A 91 -0.44 -11.93 4.41
N SER A 92 0.60 -11.87 3.63
CA SER A 92 1.89 -12.48 4.06
C SER A 92 3.06 -11.80 3.32
N GLY A 93 3.46 -10.65 3.77
CA GLY A 93 4.60 -9.95 3.10
C GLY A 93 4.39 -8.44 3.19
N PRO A 94 4.78 -7.89 4.31
CA PRO A 94 4.65 -6.43 4.54
C PRO A 94 5.68 -5.66 3.71
N ALA A 95 6.69 -6.33 3.24
CA ALA A 95 7.73 -5.64 2.42
C ALA A 95 7.08 -4.80 1.33
N HIS A 96 6.82 -5.39 0.18
CA HIS A 96 6.18 -4.62 -0.91
C HIS A 96 4.68 -4.46 -0.65
N GLY A 97 4.20 -5.04 0.41
CA GLY A 97 2.74 -4.92 0.73
C GLY A 97 2.46 -3.55 1.35
N ALA A 98 2.91 -3.34 2.56
CA ALA A 98 2.67 -2.02 3.22
C ALA A 98 3.10 -0.89 2.30
N CYS A 99 4.15 -1.07 1.56
CA CYS A 99 4.61 0.01 0.63
C CYS A 99 3.64 0.17 -0.53
N LYS A 100 3.32 -0.91 -1.21
CA LYS A 100 2.37 -0.83 -2.35
C LYS A 100 1.09 -0.12 -1.91
N VAL A 101 0.69 -0.30 -0.68
CA VAL A 101 -0.56 0.37 -0.19
C VAL A 101 -0.31 1.86 0.02
N ALA A 102 0.78 2.22 0.63
CA ALA A 102 1.07 3.66 0.85
C ALA A 102 1.23 4.38 -0.49
N GLY A 103 1.52 3.66 -1.53
CA GLY A 103 1.69 4.31 -2.86
C GLY A 103 3.10 4.88 -2.99
N ALA A 104 4.10 4.07 -2.76
CA ALA A 104 5.50 4.57 -2.88
C ALA A 104 6.05 4.31 -4.28
N PRO A 105 6.18 5.37 -5.03
CA PRO A 105 6.70 5.26 -6.42
C PRO A 105 8.20 5.02 -6.42
N LYS A 106 8.80 4.91 -5.26
CA LYS A 106 10.27 4.67 -5.20
C LYS A 106 10.57 3.39 -4.40
N PRO A 107 10.58 2.29 -5.10
CA PRO A 107 10.86 0.99 -4.46
C PRO A 107 12.34 0.86 -4.10
N THR A 108 13.21 1.21 -5.01
CA THR A 108 14.67 1.11 -4.73
C THR A 108 15.02 1.94 -3.49
N GLY A 109 15.23 1.30 -2.38
CA GLY A 109 15.57 2.05 -1.14
C GLY A 109 16.98 1.65 -0.67
N CYS A 110 17.93 1.66 -1.56
CA CYS A 110 19.32 1.28 -1.16
C CYS A 110 19.84 2.24 -0.09
N VAL A 111 21.10 2.17 0.21
CA VAL A 111 21.68 3.08 1.25
C VAL A 111 22.59 4.12 0.60
N MET A 1 -16.78 -7.60 -10.59
CA MET A 1 -15.96 -7.29 -11.81
C MET A 1 -14.48 -7.19 -11.43
N PRO A 2 -13.81 -8.29 -11.54
CA PRO A 2 -12.36 -8.34 -11.22
C PRO A 2 -11.55 -7.62 -12.31
N VAL A 3 -10.26 -7.61 -12.18
CA VAL A 3 -9.40 -6.93 -13.20
C VAL A 3 -8.13 -7.74 -13.46
N LYS A 4 -7.48 -7.50 -14.57
CA LYS A 4 -6.22 -8.25 -14.86
C LYS A 4 -5.12 -7.28 -15.29
N CYS A 5 -3.89 -7.61 -14.99
CA CYS A 5 -2.77 -6.70 -15.37
C CYS A 5 -2.03 -7.25 -16.60
N PRO A 6 -1.64 -6.38 -17.49
CA PRO A 6 -1.90 -4.92 -17.33
C PRO A 6 -3.37 -4.61 -17.62
N GLY A 7 -3.86 -3.50 -17.14
CA GLY A 7 -5.28 -3.14 -17.39
C GLY A 7 -5.59 -1.78 -16.77
N GLU A 8 -6.29 -0.93 -17.48
CA GLU A 8 -6.63 0.41 -16.93
C GLU A 8 -8.07 0.43 -16.42
N TYR A 9 -8.32 1.10 -15.33
CA TYR A 9 -9.70 1.16 -14.79
C TYR A 9 -9.94 2.48 -14.04
N GLN A 10 -11.14 2.97 -14.05
CA GLN A 10 -11.43 4.25 -13.33
C GLN A 10 -12.12 3.96 -12.01
N VAL A 11 -11.82 4.73 -10.99
CA VAL A 11 -12.47 4.49 -9.67
C VAL A 11 -13.25 5.73 -9.22
N ASP A 12 -14.53 5.76 -9.50
CA ASP A 12 -15.35 6.94 -9.09
C ASP A 12 -14.71 8.24 -9.60
N GLY A 13 -14.65 8.40 -10.89
CA GLY A 13 -14.05 9.65 -11.45
C GLY A 13 -12.52 9.63 -11.27
N LYS A 14 -11.98 8.49 -10.96
CA LYS A 14 -10.50 8.41 -10.78
C LYS A 14 -9.84 7.77 -12.01
N LYS A 15 -8.54 7.81 -12.09
CA LYS A 15 -7.85 7.22 -13.27
C LYS A 15 -6.72 6.30 -12.80
N VAL A 16 -6.88 5.02 -12.94
CA VAL A 16 -5.82 4.07 -12.50
C VAL A 16 -5.27 3.30 -13.71
N ILE A 17 -4.00 3.00 -13.71
CA ILE A 17 -3.41 2.24 -14.85
C ILE A 17 -2.51 1.12 -14.33
N LEU A 18 -3.02 -0.07 -14.26
CA LEU A 18 -2.19 -1.22 -13.77
C LEU A 18 -1.13 -1.59 -14.81
N ASP A 19 0.12 -1.32 -14.53
CA ASP A 19 1.19 -1.67 -15.50
C ASP A 19 1.33 -3.19 -15.61
N GLU A 20 2.55 -3.68 -15.72
CA GLU A 20 2.75 -5.15 -15.82
C GLU A 20 2.79 -5.78 -14.43
N ASP A 21 2.71 -4.98 -13.40
CA ASP A 21 2.74 -5.53 -12.02
C ASP A 21 1.52 -5.05 -11.23
N CYS A 22 0.38 -4.96 -11.87
CA CYS A 22 -0.83 -4.50 -11.14
C CYS A 22 -0.52 -3.22 -10.35
N PHE A 23 0.09 -2.26 -10.96
CA PHE A 23 0.42 -0.99 -10.24
C PHE A 23 -0.26 0.20 -10.91
N MET A 24 -1.16 0.85 -10.22
CA MET A 24 -1.87 2.02 -10.81
C MET A 24 -0.86 3.01 -11.39
N GLN A 25 0.36 2.97 -10.92
CA GLN A 25 1.39 3.92 -11.43
C GLN A 25 0.86 5.35 -11.35
N ASN A 26 0.01 5.63 -10.40
CA ASN A 26 -0.54 7.01 -10.28
C ASN A 26 -0.60 7.42 -8.80
N PRO A 27 0.54 7.74 -8.26
CA PRO A 27 0.63 8.16 -6.84
C PRO A 27 0.02 9.56 -6.66
N GLU A 28 -0.06 10.32 -7.71
CA GLU A 28 -0.64 11.69 -7.59
C GLU A 28 -2.15 11.60 -7.34
N ASP A 29 -2.81 10.67 -7.98
CA ASP A 29 -4.29 10.54 -7.78
C ASP A 29 -4.58 9.57 -6.63
N TRP A 30 -3.56 8.99 -6.06
CA TRP A 30 -3.79 8.03 -4.94
C TRP A 30 -4.45 8.75 -3.75
N ASP A 31 -5.56 8.24 -3.29
CA ASP A 31 -6.25 8.90 -2.14
C ASP A 31 -6.74 7.84 -1.15
N GLU A 32 -7.64 8.20 -0.28
CA GLU A 32 -8.16 7.21 0.72
C GLU A 32 -9.06 6.19 0.03
N LYS A 33 -10.15 6.62 -0.54
CA LYS A 33 -11.07 5.67 -1.23
C LYS A 33 -10.27 4.75 -2.16
N VAL A 34 -9.44 5.31 -2.98
CA VAL A 34 -8.63 4.48 -3.92
C VAL A 34 -7.84 3.42 -3.14
N ALA A 35 -7.09 3.84 -2.15
CA ALA A 35 -6.29 2.87 -1.36
C ALA A 35 -7.18 1.71 -0.88
N GLU A 36 -8.41 1.99 -0.56
CA GLU A 36 -9.33 0.91 -0.09
C GLU A 36 -9.73 0.01 -1.27
N TRP A 37 -9.92 0.60 -2.42
CA TRP A 37 -10.32 -0.21 -3.61
C TRP A 37 -9.25 -1.27 -3.92
N LEU A 38 -8.01 -0.86 -3.97
CA LEU A 38 -6.92 -1.84 -4.27
C LEU A 38 -6.78 -2.85 -3.13
N ALA A 39 -6.67 -2.37 -1.91
CA ALA A 39 -6.53 -3.30 -0.76
C ALA A 39 -7.67 -4.32 -0.76
N ARG A 40 -8.81 -3.95 -1.27
CA ARG A 40 -9.96 -4.91 -1.30
C ARG A 40 -9.77 -5.93 -2.42
N GLU A 41 -9.69 -5.48 -3.64
CA GLU A 41 -9.51 -6.43 -4.77
C GLU A 41 -8.40 -7.44 -4.46
N LEU A 42 -7.38 -7.01 -3.76
CA LEU A 42 -6.27 -7.94 -3.42
C LEU A 42 -6.65 -8.80 -2.21
N GLU A 43 -6.81 -8.20 -1.06
CA GLU A 43 -7.19 -8.99 0.14
C GLU A 43 -8.71 -9.07 0.27
N GLY A 44 -9.38 -7.96 0.13
CA GLY A 44 -10.87 -7.97 0.25
C GLY A 44 -11.30 -7.07 1.41
N ILE A 45 -10.40 -6.26 1.91
CA ILE A 45 -10.77 -5.36 3.05
C ILE A 45 -11.99 -4.51 2.68
N GLN A 46 -13.16 -4.98 3.01
CA GLN A 46 -14.39 -4.21 2.68
C GLN A 46 -14.32 -2.82 3.30
N LYS A 47 -13.75 -2.71 4.48
CA LYS A 47 -13.66 -1.38 5.14
C LYS A 47 -12.26 -1.18 5.74
N MET A 48 -11.76 0.02 5.74
CA MET A 48 -10.41 0.27 6.31
C MET A 48 -10.50 0.48 7.82
N THR A 49 -9.63 -0.14 8.57
CA THR A 49 -9.68 0.04 10.06
C THR A 49 -8.74 1.16 10.49
N GLU A 50 -8.64 1.42 11.76
CA GLU A 50 -7.75 2.51 12.24
C GLU A 50 -6.30 2.03 12.27
N GLU A 51 -6.09 0.74 12.33
CA GLU A 51 -4.70 0.21 12.37
C GLU A 51 -4.07 0.25 10.98
N HIS A 52 -4.85 0.01 9.95
CA HIS A 52 -4.30 0.05 8.57
C HIS A 52 -3.97 1.48 8.15
N TRP A 53 -4.93 2.36 8.23
CA TRP A 53 -4.67 3.78 7.84
C TRP A 53 -3.53 4.36 8.66
N LYS A 54 -3.39 3.95 9.89
CA LYS A 54 -2.29 4.48 10.74
C LYS A 54 -0.93 4.01 10.21
N LEU A 55 -0.72 2.72 10.13
CA LEU A 55 0.57 2.20 9.62
C LEU A 55 0.91 2.86 8.28
N VAL A 56 -0.08 3.14 7.47
CA VAL A 56 0.19 3.78 6.16
C VAL A 56 0.63 5.23 6.35
N LYS A 57 0.02 5.93 7.27
CA LYS A 57 0.41 7.35 7.52
C LYS A 57 1.85 7.43 8.00
N TYR A 58 2.28 6.47 8.78
CA TYR A 58 3.69 6.49 9.28
C TYR A 58 4.66 6.10 8.17
N LEU A 59 4.27 5.17 7.32
CA LEU A 59 5.17 4.76 6.22
C LEU A 59 5.50 5.94 5.31
N ARG A 60 4.59 6.88 5.21
CA ARG A 60 4.84 8.07 4.34
C ARG A 60 6.01 8.89 4.89
N GLU A 61 5.89 9.38 6.09
CA GLU A 61 6.98 10.19 6.70
C GLU A 61 8.34 9.52 6.42
N TYR A 62 8.44 8.23 6.64
CA TYR A 62 9.73 7.53 6.40
C TYR A 62 10.12 7.64 4.92
N TRP A 63 9.19 7.43 4.04
CA TRP A 63 9.52 7.52 2.58
C TRP A 63 9.85 8.97 2.20
N GLU A 64 9.52 9.90 3.05
CA GLU A 64 9.82 11.34 2.73
C GLU A 64 11.25 11.67 3.12
N THR A 65 11.66 11.35 4.31
CA THR A 65 13.05 11.66 4.75
C THR A 65 14.05 11.26 3.65
N PHE A 66 13.93 10.07 3.13
CA PHE A 66 14.87 9.63 2.06
C PHE A 66 14.10 8.94 0.93
N GLY A 67 13.62 7.76 1.17
CA GLY A 67 12.85 7.04 0.10
C GLY A 67 13.06 5.53 0.25
N THR A 68 12.22 4.89 1.01
CA THR A 68 12.37 3.41 1.20
C THR A 68 11.04 2.80 1.65
N CYS A 69 10.97 1.51 1.75
CA CYS A 69 9.70 0.86 2.18
C CYS A 69 9.98 -0.49 2.86
N PRO A 70 10.78 -0.44 3.89
CA PRO A 70 11.15 -1.66 4.64
C PRO A 70 9.96 -2.15 5.46
N PRO A 71 10.12 -3.33 6.03
CA PRO A 71 9.05 -3.93 6.86
C PRO A 71 8.93 -3.19 8.20
N ILE A 72 7.93 -3.50 8.97
CA ILE A 72 7.76 -2.82 10.28
C ILE A 72 8.88 -3.24 11.25
N LYS A 73 9.45 -2.30 11.96
CA LYS A 73 10.55 -2.64 12.91
C LYS A 73 11.01 -1.38 13.64
N MET A 74 11.44 -0.38 12.90
CA MET A 74 11.90 0.87 13.55
C MET A 74 10.70 1.76 13.91
N VAL A 75 9.63 1.63 13.19
CA VAL A 75 8.42 2.46 13.49
C VAL A 75 7.69 1.90 14.71
N THR A 76 7.80 0.63 14.95
CA THR A 76 7.11 0.02 16.12
C THR A 76 7.50 0.76 17.41
N LYS A 77 8.75 1.14 17.53
CA LYS A 77 9.18 1.86 18.76
C LYS A 77 8.21 3.00 19.09
N GLU A 78 7.70 3.67 18.08
CA GLU A 78 6.76 4.79 18.34
C GLU A 78 5.32 4.26 18.43
N THR A 79 5.01 3.23 17.70
CA THR A 79 3.62 2.67 17.75
C THR A 79 3.57 1.47 18.71
N GLY A 80 4.09 0.35 18.30
CA GLY A 80 4.07 -0.85 19.19
C GLY A 80 3.21 -1.94 18.55
N PHE A 81 3.26 -2.06 17.25
CA PHE A 81 2.46 -3.12 16.57
C PHE A 81 3.27 -4.40 16.40
N SER A 82 3.24 -5.26 17.39
CA SER A 82 4.02 -6.53 17.29
C SER A 82 3.75 -7.21 15.93
N LEU A 83 4.77 -7.70 15.29
CA LEU A 83 4.57 -8.37 13.98
C LEU A 83 3.36 -9.31 14.04
N GLU A 84 3.11 -9.89 15.19
CA GLU A 84 1.95 -10.82 15.32
C GLU A 84 0.66 -10.13 14.85
N LYS A 85 0.36 -8.98 15.40
CA LYS A 85 -0.87 -8.26 15.00
C LYS A 85 -0.82 -7.91 13.51
N ILE A 86 0.27 -7.35 13.05
CA ILE A 86 0.39 -7.00 11.62
C ILE A 86 0.08 -8.21 10.74
N TYR A 87 0.35 -9.39 11.23
CA TYR A 87 0.08 -10.62 10.42
C TYR A 87 -1.42 -10.93 10.45
N GLN A 88 -2.03 -10.88 11.60
CA GLN A 88 -3.49 -11.18 11.68
C GLN A 88 -4.28 -10.23 10.77
N LEU A 89 -3.84 -9.01 10.64
CA LEU A 89 -4.56 -8.04 9.78
C LEU A 89 -4.10 -8.17 8.33
N PHE A 90 -2.87 -7.89 8.06
CA PHE A 90 -2.36 -8.01 6.66
C PHE A 90 -1.57 -9.31 6.48
N PRO A 91 -2.18 -10.23 5.79
CA PRO A 91 -1.54 -11.55 5.55
C PRO A 91 -0.43 -11.41 4.50
N SER A 92 -0.65 -10.61 3.50
CA SER A 92 0.39 -10.43 2.44
C SER A 92 1.75 -10.15 3.08
N GLY A 93 1.77 -9.56 4.24
CA GLY A 93 3.06 -9.26 4.92
C GLY A 93 3.36 -7.76 4.82
N PRO A 94 4.08 -7.28 5.80
CA PRO A 94 4.44 -5.84 5.85
C PRO A 94 5.50 -5.53 4.79
N ALA A 95 6.06 -4.34 4.83
CA ALA A 95 7.11 -3.96 3.84
C ALA A 95 6.50 -3.87 2.44
N HIS A 96 6.39 -4.96 1.74
CA HIS A 96 5.81 -4.93 0.37
C HIS A 96 4.29 -4.73 0.44
N GLY A 97 3.65 -5.28 1.43
CA GLY A 97 2.17 -5.12 1.55
C GLY A 97 1.83 -3.69 1.95
N ALA A 98 2.33 -3.25 3.07
CA ALA A 98 2.02 -1.86 3.52
C ALA A 98 2.40 -0.86 2.43
N CYS A 99 3.54 -1.00 1.83
CA CYS A 99 3.95 -0.05 0.75
C CYS A 99 2.96 -0.10 -0.41
N LYS A 100 2.67 -1.27 -0.91
CA LYS A 100 1.71 -1.37 -2.04
C LYS A 100 0.44 -0.56 -1.74
N VAL A 101 -0.14 -0.76 -0.59
CA VAL A 101 -1.38 0.00 -0.24
C VAL A 101 -1.08 1.50 -0.15
N ALA A 102 0.08 1.86 0.32
CA ALA A 102 0.43 3.31 0.43
C ALA A 102 0.52 3.94 -0.95
N GLY A 103 0.83 3.16 -1.96
CA GLY A 103 0.93 3.73 -3.33
C GLY A 103 2.26 4.46 -3.49
N ALA A 104 3.30 3.96 -2.89
CA ALA A 104 4.63 4.63 -3.00
C ALA A 104 5.40 4.07 -4.22
N PRO A 105 5.84 4.97 -5.05
CA PRO A 105 6.59 4.57 -6.26
C PRO A 105 8.01 4.13 -5.89
N LYS A 106 8.44 3.00 -6.37
CA LYS A 106 9.81 2.52 -6.04
C LYS A 106 10.70 2.52 -7.29
N PRO A 107 11.66 3.40 -7.30
CA PRO A 107 12.59 3.50 -8.46
C PRO A 107 13.55 2.31 -8.47
N THR A 108 13.16 1.23 -9.08
CA THR A 108 14.05 0.03 -9.13
C THR A 108 15.40 0.41 -9.74
N GLY A 109 16.46 0.28 -8.99
CA GLY A 109 17.81 0.63 -9.53
C GLY A 109 18.16 -0.34 -10.67
N CYS A 110 17.92 0.05 -11.89
CA CYS A 110 18.24 -0.84 -13.04
C CYS A 110 19.71 -1.28 -12.97
N VAL A 111 20.15 -2.06 -13.91
CA VAL A 111 21.57 -2.52 -13.90
C VAL A 111 22.29 -2.06 -15.17
N MET A 1 -14.24 -12.18 -8.05
CA MET A 1 -14.07 -11.06 -9.02
C MET A 1 -12.59 -10.66 -9.12
N PRO A 2 -11.85 -11.42 -9.88
CA PRO A 2 -10.40 -11.15 -10.06
C PRO A 2 -10.21 -9.91 -10.94
N VAL A 3 -9.01 -9.39 -10.99
CA VAL A 3 -8.75 -8.18 -11.82
C VAL A 3 -7.92 -8.57 -13.06
N LYS A 4 -7.16 -9.61 -12.97
CA LYS A 4 -6.33 -10.03 -14.14
C LYS A 4 -5.48 -8.85 -14.63
N CYS A 5 -4.25 -8.79 -14.23
CA CYS A 5 -3.37 -7.67 -14.68
C CYS A 5 -2.51 -8.11 -15.87
N PRO A 6 -2.06 -7.15 -16.64
CA PRO A 6 -2.35 -5.72 -16.38
C PRO A 6 -3.80 -5.41 -16.79
N GLY A 7 -4.28 -4.23 -16.45
CA GLY A 7 -5.68 -3.87 -16.83
C GLY A 7 -5.96 -2.43 -16.39
N GLU A 8 -6.82 -1.75 -17.09
CA GLU A 8 -7.15 -0.34 -16.70
C GLU A 8 -8.55 -0.28 -16.08
N TYR A 9 -8.69 0.47 -15.01
CA TYR A 9 -10.02 0.58 -14.35
C TYR A 9 -10.32 2.04 -14.02
N GLN A 10 -11.53 2.32 -13.61
CA GLN A 10 -11.89 3.73 -13.27
C GLN A 10 -12.53 3.80 -11.88
N VAL A 11 -12.22 4.81 -11.11
CA VAL A 11 -12.81 4.93 -9.75
C VAL A 11 -13.53 6.27 -9.62
N ASP A 12 -14.83 6.27 -9.77
CA ASP A 12 -15.59 7.56 -9.65
C ASP A 12 -15.03 8.59 -10.63
N GLY A 13 -14.06 9.35 -10.22
CA GLY A 13 -13.48 10.38 -11.12
C GLY A 13 -11.96 10.26 -11.12
N LYS A 14 -11.44 9.15 -11.55
CA LYS A 14 -9.95 8.97 -11.58
C LYS A 14 -9.57 7.79 -12.47
N LYS A 15 -8.36 7.77 -12.96
CA LYS A 15 -7.93 6.64 -13.84
C LYS A 15 -6.83 5.83 -13.17
N VAL A 16 -6.93 4.53 -13.19
CA VAL A 16 -5.88 3.69 -12.55
C VAL A 16 -5.35 2.65 -13.55
N ILE A 17 -4.07 2.62 -13.77
CA ILE A 17 -3.51 1.62 -14.73
C ILE A 17 -2.79 0.50 -13.98
N LEU A 18 -3.45 -0.60 -13.77
CA LEU A 18 -2.80 -1.74 -13.05
C LEU A 18 -1.66 -2.32 -13.89
N ASP A 19 -0.44 -2.09 -13.48
CA ASP A 19 0.72 -2.64 -14.25
C ASP A 19 0.50 -4.13 -14.53
N GLU A 20 1.43 -4.76 -15.21
CA GLU A 20 1.29 -6.20 -15.51
C GLU A 20 1.24 -7.01 -14.20
N ASP A 21 1.64 -6.43 -13.12
CA ASP A 21 1.62 -7.16 -11.81
C ASP A 21 0.66 -6.48 -10.84
N CYS A 22 -0.49 -6.07 -11.30
CA CYS A 22 -1.46 -5.39 -10.40
C CYS A 22 -0.75 -4.31 -9.56
N PHE A 23 -0.02 -3.46 -10.20
CA PHE A 23 0.70 -2.38 -9.44
C PHE A 23 0.06 -1.01 -9.75
N MET A 24 0.32 -0.05 -8.91
CA MET A 24 -0.27 1.31 -9.14
C MET A 24 0.68 2.15 -10.00
N GLN A 25 0.31 2.40 -11.23
CA GLN A 25 1.20 3.21 -12.11
C GLN A 25 0.94 4.71 -11.88
N ASN A 26 0.11 5.03 -10.92
CA ASN A 26 -0.17 6.47 -10.64
C ASN A 26 -0.06 6.74 -9.13
N PRO A 27 1.05 6.35 -8.58
CA PRO A 27 1.30 6.55 -7.13
C PRO A 27 1.56 8.03 -6.83
N GLU A 28 1.81 8.82 -7.85
CA GLU A 28 2.09 10.27 -7.63
C GLU A 28 0.87 10.94 -6.97
N ASP A 29 -0.31 10.54 -7.35
CA ASP A 29 -1.53 11.15 -6.74
C ASP A 29 -2.04 10.28 -5.59
N TRP A 30 -2.59 9.14 -5.89
CA TRP A 30 -3.11 8.25 -4.81
C TRP A 30 -4.11 9.00 -3.94
N ASP A 31 -4.89 8.29 -3.18
CA ASP A 31 -5.91 8.96 -2.32
C ASP A 31 -6.58 7.93 -1.40
N GLU A 32 -7.59 8.35 -0.67
CA GLU A 32 -8.28 7.40 0.24
C GLU A 32 -9.10 6.39 -0.56
N LYS A 33 -9.78 6.84 -1.59
CA LYS A 33 -10.59 5.91 -2.41
C LYS A 33 -9.68 4.97 -3.22
N VAL A 34 -8.52 5.45 -3.61
CA VAL A 34 -7.60 4.59 -4.39
C VAL A 34 -7.02 3.48 -3.51
N ALA A 35 -6.49 3.85 -2.37
CA ALA A 35 -5.91 2.81 -1.45
C ALA A 35 -7.00 1.81 -1.04
N GLU A 36 -8.09 2.28 -0.51
CA GLU A 36 -9.18 1.35 -0.09
C GLU A 36 -9.60 0.47 -1.27
N TRP A 37 -9.68 1.03 -2.44
CA TRP A 37 -10.09 0.23 -3.64
C TRP A 37 -9.05 -0.86 -3.92
N LEU A 38 -7.81 -0.60 -3.62
CA LEU A 38 -6.76 -1.62 -3.89
C LEU A 38 -6.89 -2.79 -2.90
N ALA A 39 -7.10 -2.49 -1.65
CA ALA A 39 -7.25 -3.58 -0.64
C ALA A 39 -8.56 -4.34 -0.85
N ARG A 40 -9.56 -3.68 -1.35
CA ARG A 40 -10.87 -4.36 -1.58
C ARG A 40 -10.80 -5.23 -2.84
N GLU A 41 -10.10 -4.79 -3.84
CA GLU A 41 -10.00 -5.60 -5.09
C GLU A 41 -9.02 -6.76 -4.91
N LEU A 42 -8.06 -6.62 -4.03
CA LEU A 42 -7.07 -7.72 -3.82
C LEU A 42 -7.46 -8.56 -2.60
N GLU A 43 -7.48 -7.97 -1.44
CA GLU A 43 -7.85 -8.73 -0.21
C GLU A 43 -9.38 -8.88 -0.11
N GLY A 44 -10.04 -7.85 0.32
CA GLY A 44 -11.53 -7.93 0.44
C GLY A 44 -11.98 -7.16 1.68
N ILE A 45 -11.55 -5.93 1.81
CA ILE A 45 -11.96 -5.13 3.00
C ILE A 45 -12.87 -3.97 2.57
N GLN A 46 -14.14 -4.05 2.86
CA GLN A 46 -15.07 -2.95 2.48
C GLN A 46 -14.43 -1.59 2.74
N LYS A 47 -13.80 -1.44 3.87
CA LYS A 47 -13.14 -0.13 4.19
C LYS A 47 -11.88 -0.36 5.01
N MET A 48 -10.87 0.43 4.77
CA MET A 48 -9.59 0.26 5.55
C MET A 48 -9.86 0.40 7.04
N THR A 49 -9.48 -0.57 7.82
CA THR A 49 -9.71 -0.49 9.29
C THR A 49 -8.79 0.55 9.92
N GLU A 50 -9.11 1.02 11.09
CA GLU A 50 -8.25 2.05 11.76
C GLU A 50 -6.81 1.56 11.84
N GLU A 51 -6.61 0.27 11.88
CA GLU A 51 -5.21 -0.26 11.95
C GLU A 51 -4.50 -0.11 10.62
N HIS A 52 -5.19 -0.37 9.54
CA HIS A 52 -4.55 -0.24 8.19
C HIS A 52 -4.10 1.21 7.96
N TRP A 53 -4.98 2.16 8.19
CA TRP A 53 -4.61 3.57 7.97
C TRP A 53 -3.52 4.01 8.95
N LYS A 54 -3.51 3.45 10.13
CA LYS A 54 -2.48 3.83 11.13
C LYS A 54 -1.09 3.42 10.64
N LEU A 55 -0.85 2.14 10.52
CA LEU A 55 0.50 1.69 10.04
C LEU A 55 0.84 2.34 8.70
N VAL A 56 -0.06 2.29 7.76
CA VAL A 56 0.22 2.91 6.44
C VAL A 56 0.59 4.39 6.60
N LYS A 57 0.07 5.04 7.60
CA LYS A 57 0.40 6.48 7.81
C LYS A 57 1.85 6.62 8.29
N TYR A 58 2.24 5.82 9.25
CA TYR A 58 3.64 5.92 9.76
C TYR A 58 4.64 5.64 8.63
N LEU A 59 4.30 4.76 7.73
CA LEU A 59 5.23 4.45 6.60
C LEU A 59 5.40 5.66 5.69
N ARG A 60 4.32 6.34 5.39
CA ARG A 60 4.42 7.52 4.49
C ARG A 60 5.42 8.54 5.06
N GLU A 61 5.23 8.96 6.28
CA GLU A 61 6.16 9.94 6.89
C GLU A 61 7.62 9.48 6.72
N TYR A 62 7.82 8.19 6.62
CA TYR A 62 9.21 7.67 6.45
C TYR A 62 9.70 7.87 5.02
N TRP A 63 8.84 7.61 4.06
CA TRP A 63 9.25 7.79 2.64
C TRP A 63 9.69 9.23 2.38
N GLU A 64 9.28 10.13 3.23
CA GLU A 64 9.68 11.56 3.03
C GLU A 64 11.12 11.79 3.50
N THR A 65 11.48 11.21 4.62
CA THR A 65 12.87 11.40 5.14
C THR A 65 13.88 10.82 4.14
N PHE A 66 13.80 9.55 3.87
CA PHE A 66 14.76 8.93 2.91
C PHE A 66 14.02 8.39 1.68
N GLY A 67 12.82 7.91 1.86
CA GLY A 67 12.05 7.37 0.71
C GLY A 67 12.28 5.87 0.60
N THR A 68 11.74 5.11 1.50
CA THR A 68 11.94 3.63 1.45
C THR A 68 10.94 2.93 2.38
N CYS A 69 11.05 1.63 2.51
CA CYS A 69 10.12 0.89 3.40
C CYS A 69 10.81 0.55 4.73
N PRO A 70 10.42 1.27 5.75
CA PRO A 70 11.01 1.04 7.10
C PRO A 70 10.48 -0.26 7.70
N PRO A 71 11.34 -0.91 8.43
CA PRO A 71 10.97 -2.19 9.09
C PRO A 71 10.02 -1.93 10.27
N ILE A 72 9.63 -2.97 10.95
CA ILE A 72 8.72 -2.79 12.12
C ILE A 72 9.53 -2.64 13.41
N LYS A 73 10.33 -1.62 13.51
CA LYS A 73 11.15 -1.42 14.74
C LYS A 73 11.00 0.02 15.23
N MET A 74 11.19 0.99 14.37
CA MET A 74 11.07 2.41 14.80
C MET A 74 9.62 2.73 15.17
N VAL A 75 8.68 2.18 14.44
CA VAL A 75 7.25 2.46 14.76
C VAL A 75 6.88 1.87 16.12
N THR A 76 7.09 0.59 16.30
CA THR A 76 6.75 -0.03 17.62
C THR A 76 7.41 0.75 18.76
N LYS A 77 8.51 1.42 18.49
CA LYS A 77 9.19 2.19 19.56
C LYS A 77 8.18 3.06 20.32
N GLU A 78 7.27 3.67 19.61
CA GLU A 78 6.25 4.53 20.31
C GLU A 78 4.86 4.28 19.72
N THR A 79 4.59 3.08 19.29
CA THR A 79 3.24 2.78 18.72
C THR A 79 2.59 1.63 19.48
N GLY A 80 3.36 0.81 20.14
CA GLY A 80 2.76 -0.32 20.89
C GLY A 80 2.27 -1.38 19.92
N PHE A 81 2.75 -1.36 18.70
CA PHE A 81 2.30 -2.37 17.70
C PHE A 81 3.29 -3.54 17.64
N SER A 82 2.96 -4.58 16.92
CA SER A 82 3.88 -5.74 16.83
C SER A 82 3.82 -6.36 15.42
N LEU A 83 4.91 -6.91 14.97
CA LEU A 83 4.91 -7.53 13.61
C LEU A 83 3.85 -8.63 13.53
N GLU A 84 3.53 -9.24 14.64
CA GLU A 84 2.50 -10.32 14.62
C GLU A 84 1.14 -9.76 14.17
N LYS A 85 0.69 -8.71 14.81
CA LYS A 85 -0.62 -8.10 14.41
C LYS A 85 -0.59 -7.71 12.93
N ILE A 86 0.54 -7.30 12.44
CA ILE A 86 0.63 -6.90 11.01
C ILE A 86 0.59 -8.14 10.12
N TYR A 87 1.06 -9.26 10.61
CA TYR A 87 1.04 -10.49 9.78
C TYR A 87 -0.39 -11.04 9.67
N GLN A 88 -1.16 -10.91 10.71
CA GLN A 88 -2.56 -11.41 10.66
C GLN A 88 -3.44 -10.46 9.86
N LEU A 89 -3.26 -9.17 10.02
CA LEU A 89 -4.08 -8.20 9.25
C LEU A 89 -3.71 -8.24 7.76
N PHE A 90 -2.46 -8.38 7.46
CA PHE A 90 -2.03 -8.43 6.03
C PHE A 90 -1.32 -9.75 5.74
N PRO A 91 -1.91 -10.53 4.88
CA PRO A 91 -1.34 -11.84 4.50
C PRO A 91 -0.12 -11.65 3.59
N SER A 92 0.12 -10.45 3.15
CA SER A 92 1.28 -10.20 2.26
C SER A 92 2.42 -9.53 3.03
N GLY A 93 2.43 -9.66 4.32
CA GLY A 93 3.51 -9.04 5.14
C GLY A 93 3.51 -7.52 4.90
N PRO A 94 4.12 -6.81 5.80
CA PRO A 94 4.20 -5.33 5.70
C PRO A 94 5.18 -4.92 4.60
N ALA A 95 6.02 -5.82 4.17
CA ALA A 95 7.00 -5.48 3.11
C ALA A 95 6.31 -4.71 1.97
N HIS A 96 5.91 -5.39 0.93
CA HIS A 96 5.23 -4.68 -0.20
C HIS A 96 3.78 -4.36 0.17
N GLY A 97 3.35 -4.77 1.33
CA GLY A 97 1.94 -4.49 1.74
C GLY A 97 1.81 -3.02 2.14
N ALA A 98 1.99 -2.72 3.40
CA ALA A 98 1.87 -1.30 3.85
C ALA A 98 2.57 -0.36 2.86
N CYS A 99 3.65 -0.81 2.27
CA CYS A 99 4.38 0.05 1.30
C CYS A 99 3.50 0.35 0.08
N LYS A 100 3.13 -0.67 -0.66
CA LYS A 100 2.27 -0.43 -1.86
C LYS A 100 1.05 0.41 -1.49
N VAL A 101 0.49 0.19 -0.34
CA VAL A 101 -0.70 0.99 0.07
C VAL A 101 -0.37 2.48 0.09
N ALA A 102 0.60 2.87 0.88
CA ALA A 102 0.97 4.32 0.93
C ALA A 102 1.67 4.74 -0.35
N GLY A 103 1.97 3.80 -1.21
CA GLY A 103 2.66 4.16 -2.48
C GLY A 103 4.16 4.27 -2.24
N ALA A 104 4.85 3.16 -2.18
CA ALA A 104 6.31 3.20 -1.94
C ALA A 104 7.03 2.19 -2.84
N PRO A 105 7.41 2.66 -4.00
CA PRO A 105 8.11 1.79 -4.97
C PRO A 105 9.54 1.51 -4.51
N LYS A 106 10.25 0.66 -5.20
CA LYS A 106 11.65 0.35 -4.80
C LYS A 106 12.54 0.20 -6.03
N PRO A 107 13.39 1.17 -6.23
CA PRO A 107 14.32 1.15 -7.38
C PRO A 107 15.43 0.12 -7.16
N THR A 108 15.51 -0.87 -8.02
CA THR A 108 16.57 -1.91 -7.87
C THR A 108 17.43 -1.99 -9.13
N GLY A 109 17.28 -1.03 -10.01
CA GLY A 109 18.09 -1.05 -11.27
C GLY A 109 17.16 -1.22 -12.47
N CYS A 110 17.70 -1.59 -13.59
CA CYS A 110 16.85 -1.77 -14.81
C CYS A 110 16.49 -3.25 -14.99
N VAL A 111 16.64 -4.04 -13.96
CA VAL A 111 16.32 -5.50 -14.08
C VAL A 111 16.50 -6.19 -12.73
N MET A 1 -9.37 -13.82 -10.62
CA MET A 1 -8.51 -12.66 -10.98
C MET A 1 -9.36 -11.58 -11.68
N PRO A 2 -10.06 -10.83 -10.89
CA PRO A 2 -10.93 -9.75 -11.44
C PRO A 2 -10.07 -8.57 -11.92
N VAL A 3 -8.97 -8.33 -11.27
CA VAL A 3 -8.09 -7.20 -11.70
C VAL A 3 -6.94 -7.72 -12.58
N LYS A 4 -7.06 -7.56 -13.87
CA LYS A 4 -5.98 -8.05 -14.77
C LYS A 4 -5.03 -6.90 -15.13
N CYS A 5 -3.82 -6.94 -14.61
CA CYS A 5 -2.85 -5.85 -14.91
C CYS A 5 -1.74 -6.37 -15.84
N PRO A 6 -1.17 -5.49 -16.62
CA PRO A 6 -1.60 -4.06 -16.61
C PRO A 6 -2.93 -3.88 -17.34
N GLY A 7 -3.61 -2.79 -17.11
CA GLY A 7 -4.91 -2.56 -17.79
C GLY A 7 -5.46 -1.20 -17.37
N GLU A 8 -6.57 -0.80 -17.96
CA GLU A 8 -7.16 0.53 -17.60
C GLU A 8 -8.40 0.33 -16.71
N TYR A 9 -8.38 0.89 -15.54
CA TYR A 9 -9.56 0.75 -14.63
C TYR A 9 -9.88 2.09 -13.96
N GLN A 10 -11.11 2.27 -13.56
CA GLN A 10 -11.49 3.56 -12.91
C GLN A 10 -11.93 3.31 -11.46
N VAL A 11 -11.64 4.24 -10.58
CA VAL A 11 -12.04 4.05 -9.15
C VAL A 11 -12.86 5.25 -8.68
N ASP A 12 -14.03 5.02 -8.16
CA ASP A 12 -14.87 6.15 -7.67
C ASP A 12 -14.94 7.26 -8.73
N GLY A 13 -14.04 8.21 -8.66
CA GLY A 13 -14.06 9.31 -9.67
C GLY A 13 -12.63 9.62 -10.11
N LYS A 14 -11.95 8.65 -10.66
CA LYS A 14 -10.55 8.89 -11.12
C LYS A 14 -10.12 7.80 -12.10
N LYS A 15 -9.00 7.97 -12.74
CA LYS A 15 -8.53 6.94 -13.71
C LYS A 15 -7.14 6.42 -13.31
N VAL A 16 -6.95 5.13 -13.37
CA VAL A 16 -5.63 4.55 -12.99
C VAL A 16 -5.22 3.47 -13.98
N ILE A 17 -3.95 3.37 -14.28
CA ILE A 17 -3.48 2.33 -15.25
C ILE A 17 -2.64 1.27 -14.52
N LEU A 18 -3.19 0.11 -14.32
CA LEU A 18 -2.42 -0.96 -13.62
C LEU A 18 -1.19 -1.35 -14.44
N ASP A 19 -0.04 -1.37 -13.82
CA ASP A 19 1.20 -1.73 -14.57
C ASP A 19 1.36 -3.26 -14.63
N GLU A 20 2.55 -3.73 -14.89
CA GLU A 20 2.76 -5.20 -14.96
C GLU A 20 2.74 -5.81 -13.55
N ASP A 21 2.79 -4.98 -12.54
CA ASP A 21 2.77 -5.52 -11.14
C ASP A 21 1.42 -5.21 -10.48
N CYS A 22 0.39 -5.06 -11.27
CA CYS A 22 -0.95 -4.77 -10.68
C CYS A 22 -0.86 -3.58 -9.72
N PHE A 23 0.14 -2.75 -9.89
CA PHE A 23 0.28 -1.58 -8.97
C PHE A 23 -0.04 -0.28 -9.73
N MET A 24 -0.43 0.74 -9.01
CA MET A 24 -0.76 2.04 -9.68
C MET A 24 0.46 2.56 -10.45
N GLN A 25 0.25 3.07 -11.63
CA GLN A 25 1.41 3.61 -12.42
C GLN A 25 1.70 5.05 -12.01
N ASN A 26 0.74 5.71 -11.42
CA ASN A 26 0.97 7.13 -11.00
C ASN A 26 0.68 7.29 -9.51
N PRO A 27 1.55 6.74 -8.71
CA PRO A 27 1.40 6.82 -7.23
C PRO A 27 1.66 8.25 -6.74
N GLU A 28 2.14 9.11 -7.59
CA GLU A 28 2.41 10.50 -7.18
C GLU A 28 1.22 11.06 -6.39
N ASP A 29 0.03 10.68 -6.78
CA ASP A 29 -1.18 11.19 -6.05
C ASP A 29 -1.59 10.20 -4.97
N TRP A 30 -2.17 9.10 -5.34
CA TRP A 30 -2.59 8.10 -4.32
C TRP A 30 -3.43 8.76 -3.23
N ASP A 31 -4.73 8.57 -3.27
CA ASP A 31 -5.61 9.19 -2.24
C ASP A 31 -6.08 8.14 -1.24
N GLU A 32 -7.02 8.49 -0.39
CA GLU A 32 -7.52 7.52 0.62
C GLU A 32 -8.39 6.45 -0.07
N LYS A 33 -9.42 6.86 -0.75
CA LYS A 33 -10.31 5.88 -1.43
C LYS A 33 -9.48 4.98 -2.37
N VAL A 34 -8.38 5.48 -2.86
CA VAL A 34 -7.55 4.65 -3.78
C VAL A 34 -6.78 3.59 -2.99
N ALA A 35 -6.14 3.97 -1.93
CA ALA A 35 -5.37 2.98 -1.12
C ALA A 35 -6.31 1.89 -0.59
N GLU A 36 -7.41 2.27 -0.02
CA GLU A 36 -8.37 1.26 0.52
C GLU A 36 -8.92 0.38 -0.62
N TRP A 37 -9.27 0.99 -1.72
CA TRP A 37 -9.82 0.19 -2.86
C TRP A 37 -8.83 -0.90 -3.28
N LEU A 38 -7.58 -0.54 -3.45
CA LEU A 38 -6.56 -1.55 -3.88
C LEU A 38 -6.43 -2.65 -2.82
N ALA A 39 -6.39 -2.28 -1.57
CA ALA A 39 -6.25 -3.31 -0.50
C ALA A 39 -7.49 -4.21 -0.44
N ARG A 40 -8.62 -3.69 -0.86
CA ARG A 40 -9.87 -4.52 -0.83
C ARG A 40 -9.88 -5.52 -2.00
N GLU A 41 -9.52 -5.09 -3.17
CA GLU A 41 -9.52 -6.02 -4.35
C GLU A 41 -8.35 -7.00 -4.26
N LEU A 42 -7.28 -6.60 -3.63
CA LEU A 42 -6.10 -7.52 -3.53
C LEU A 42 -6.31 -8.54 -2.41
N GLU A 43 -6.72 -8.09 -1.25
CA GLU A 43 -6.95 -9.04 -0.12
C GLU A 43 -8.44 -9.32 0.05
N GLY A 44 -9.25 -8.30 0.07
CA GLY A 44 -10.71 -8.51 0.24
C GLY A 44 -11.19 -7.77 1.49
N ILE A 45 -10.38 -6.92 2.05
CA ILE A 45 -10.79 -6.18 3.27
C ILE A 45 -11.97 -5.26 2.95
N GLN A 46 -13.15 -5.61 3.39
CA GLN A 46 -14.33 -4.76 3.11
C GLN A 46 -14.00 -3.28 3.34
N LYS A 47 -13.36 -2.98 4.44
CA LYS A 47 -13.00 -1.55 4.72
C LYS A 47 -11.78 -1.49 5.64
N MET A 48 -10.73 -0.86 5.20
CA MET A 48 -9.51 -0.76 6.07
C MET A 48 -9.90 -0.40 7.50
N THR A 49 -9.35 -1.10 8.46
CA THR A 49 -9.71 -0.80 9.88
C THR A 49 -9.01 0.49 10.32
N GLU A 50 -8.78 0.65 11.60
CA GLU A 50 -8.11 1.89 12.09
C GLU A 50 -6.59 1.72 12.07
N GLU A 51 -6.09 0.62 12.58
CA GLU A 51 -4.63 0.40 12.58
C GLU A 51 -4.09 0.39 11.15
N HIS A 52 -4.91 0.02 10.21
CA HIS A 52 -4.45 -0.02 8.79
C HIS A 52 -4.07 1.40 8.31
N TRP A 53 -4.97 2.34 8.41
CA TRP A 53 -4.64 3.72 7.96
C TRP A 53 -3.48 4.30 8.77
N LYS A 54 -3.55 4.22 10.07
CA LYS A 54 -2.45 4.78 10.91
C LYS A 54 -1.10 4.22 10.46
N LEU A 55 -1.02 2.94 10.23
CA LEU A 55 0.27 2.33 9.78
C LEU A 55 0.68 2.92 8.42
N VAL A 56 -0.13 2.74 7.42
CA VAL A 56 0.22 3.28 6.07
C VAL A 56 0.64 4.75 6.19
N LYS A 57 0.14 5.44 7.17
CA LYS A 57 0.50 6.88 7.33
C LYS A 57 1.94 7.01 7.82
N TYR A 58 2.31 6.27 8.84
CA TYR A 58 3.70 6.35 9.36
C TYR A 58 4.70 5.99 8.25
N LEU A 59 4.37 5.03 7.43
CA LEU A 59 5.30 4.63 6.33
C LEU A 59 5.39 5.75 5.29
N ARG A 60 4.28 6.33 4.91
CA ARG A 60 4.32 7.42 3.90
C ARG A 60 5.30 8.52 4.33
N GLU A 61 5.23 8.93 5.57
CA GLU A 61 6.15 10.01 6.04
C GLU A 61 7.59 9.71 5.59
N TYR A 62 7.99 8.46 5.63
CA TYR A 62 9.38 8.12 5.21
C TYR A 62 9.49 8.11 3.69
N TRP A 63 8.46 7.66 3.01
CA TRP A 63 8.51 7.63 1.52
C TRP A 63 8.32 9.04 0.95
N GLU A 64 8.20 10.02 1.78
CA GLU A 64 8.01 11.42 1.28
C GLU A 64 9.19 12.29 1.69
N THR A 65 10.10 11.76 2.47
CA THR A 65 11.28 12.56 2.90
C THR A 65 12.54 12.09 2.17
N PHE A 66 12.73 10.80 2.07
CA PHE A 66 13.93 10.29 1.36
C PHE A 66 13.53 9.55 0.09
N GLY A 67 12.50 8.74 0.16
CA GLY A 67 12.06 7.99 -1.05
C GLY A 67 12.52 6.54 -0.95
N THR A 68 12.18 5.88 0.13
CA THR A 68 12.60 4.45 0.29
C THR A 68 11.52 3.67 1.05
N CYS A 69 11.34 2.42 0.73
CA CYS A 69 10.31 1.61 1.44
C CYS A 69 10.97 0.66 2.43
N PRO A 70 11.04 1.09 3.65
CA PRO A 70 11.66 0.27 4.72
C PRO A 70 10.75 -0.90 5.10
N PRO A 71 11.31 -1.86 5.77
CA PRO A 71 10.54 -3.05 6.21
C PRO A 71 9.60 -2.69 7.36
N ILE A 72 10.06 -2.80 8.57
CA ILE A 72 9.18 -2.45 9.73
C ILE A 72 9.96 -2.62 11.04
N LYS A 73 11.00 -1.86 11.23
CA LYS A 73 11.78 -1.98 12.49
C LYS A 73 11.78 -0.65 13.25
N MET A 74 12.17 0.42 12.60
CA MET A 74 12.19 1.75 13.27
C MET A 74 10.76 2.23 13.54
N VAL A 75 9.82 1.77 12.76
CA VAL A 75 8.41 2.20 12.96
C VAL A 75 7.83 1.55 14.22
N THR A 76 8.10 0.30 14.43
CA THR A 76 7.56 -0.39 15.64
C THR A 76 8.22 0.17 16.90
N LYS A 77 9.44 0.63 16.79
CA LYS A 77 10.13 1.20 17.99
C LYS A 77 9.19 2.13 18.75
N GLU A 78 8.39 2.89 18.05
CA GLU A 78 7.46 3.82 18.74
C GLU A 78 6.05 3.21 18.81
N THR A 79 5.35 3.23 17.71
CA THR A 79 3.97 2.66 17.69
C THR A 79 3.95 1.33 18.45
N GLY A 80 4.91 0.47 18.20
CA GLY A 80 4.95 -0.84 18.91
C GLY A 80 3.91 -1.78 18.30
N PHE A 81 3.69 -1.68 17.01
CA PHE A 81 2.69 -2.57 16.36
C PHE A 81 3.06 -4.04 16.57
N SER A 82 2.23 -4.77 17.26
CA SER A 82 2.53 -6.21 17.52
C SER A 82 2.52 -6.99 16.20
N LEU A 83 3.56 -7.74 15.92
CA LEU A 83 3.61 -8.51 14.66
C LEU A 83 2.30 -9.28 14.45
N GLU A 84 1.73 -9.79 15.52
CA GLU A 84 0.45 -10.54 15.39
C GLU A 84 -0.57 -9.72 14.60
N LYS A 85 -0.70 -8.46 14.92
CA LYS A 85 -1.69 -7.61 14.20
C LYS A 85 -1.32 -7.54 12.70
N ILE A 86 -0.07 -7.44 12.39
CA ILE A 86 0.35 -7.39 10.95
C ILE A 86 0.04 -8.71 10.26
N TYR A 87 0.00 -9.79 10.99
CA TYR A 87 -0.29 -11.11 10.37
C TYR A 87 -1.80 -11.24 10.07
N GLN A 88 -2.63 -10.87 11.01
CA GLN A 88 -4.09 -10.96 10.79
C GLN A 88 -4.52 -10.00 9.68
N LEU A 89 -4.18 -8.75 9.79
CA LEU A 89 -4.56 -7.76 8.74
C LEU A 89 -3.92 -8.14 7.40
N PHE A 90 -2.65 -8.48 7.42
CA PHE A 90 -1.97 -8.86 6.14
C PHE A 90 -1.22 -10.19 6.32
N PRO A 91 -1.95 -11.26 6.15
CA PRO A 91 -1.36 -12.60 6.29
C PRO A 91 -0.46 -12.93 5.09
N SER A 92 0.79 -12.53 5.15
CA SER A 92 1.71 -12.81 4.01
C SER A 92 3.05 -12.10 4.23
N GLY A 93 3.02 -10.91 4.75
CA GLY A 93 4.29 -10.17 4.99
C GLY A 93 4.05 -8.67 4.81
N PRO A 94 4.44 -7.91 5.81
CA PRO A 94 4.26 -6.44 5.75
C PRO A 94 5.26 -5.82 4.77
N ALA A 95 6.29 -6.53 4.43
CA ALA A 95 7.29 -5.97 3.48
C ALA A 95 6.59 -5.39 2.25
N HIS A 96 6.19 -6.23 1.32
CA HIS A 96 5.50 -5.72 0.10
C HIS A 96 4.06 -5.32 0.43
N GLY A 97 3.62 -5.57 1.64
CA GLY A 97 2.23 -5.21 2.02
C GLY A 97 2.15 -3.72 2.31
N ALA A 98 2.48 -3.32 3.50
CA ALA A 98 2.42 -1.86 3.85
C ALA A 98 2.97 -1.01 2.70
N CYS A 99 3.89 -1.54 1.94
CA CYS A 99 4.47 -0.76 0.81
C CYS A 99 3.47 -0.66 -0.34
N LYS A 100 2.90 -1.76 -0.74
CA LYS A 100 1.92 -1.73 -1.86
C LYS A 100 0.72 -0.85 -1.49
N VAL A 101 0.32 -0.85 -0.26
CA VAL A 101 -0.84 -0.03 0.16
C VAL A 101 -0.44 1.46 0.20
N ALA A 102 0.72 1.75 0.72
CA ALA A 102 1.16 3.17 0.79
C ALA A 102 1.43 3.73 -0.62
N GLY A 103 1.67 2.85 -1.56
CA GLY A 103 1.94 3.32 -2.94
C GLY A 103 3.45 3.37 -3.19
N ALA A 104 4.10 2.24 -3.20
CA ALA A 104 5.57 2.23 -3.43
C ALA A 104 5.95 1.08 -4.38
N PRO A 105 6.82 1.39 -5.30
CA PRO A 105 7.27 0.37 -6.28
C PRO A 105 8.20 -0.64 -5.61
N LYS A 106 8.12 -1.88 -6.00
CA LYS A 106 9.01 -2.92 -5.39
C LYS A 106 10.45 -2.43 -5.35
N PRO A 107 11.12 -2.72 -4.27
CA PRO A 107 12.54 -2.31 -4.11
C PRO A 107 13.45 -3.15 -5.01
N THR A 108 14.64 -2.69 -5.26
CA THR A 108 15.57 -3.46 -6.13
C THR A 108 16.63 -4.17 -5.27
N GLY A 109 16.66 -5.46 -5.32
CA GLY A 109 17.67 -6.21 -4.50
C GLY A 109 16.95 -7.05 -3.45
N CYS A 110 17.67 -7.88 -2.73
CA CYS A 110 17.03 -8.72 -1.69
C CYS A 110 17.89 -8.76 -0.42
N VAL A 111 17.41 -9.36 0.62
CA VAL A 111 18.21 -9.42 1.88
C VAL A 111 19.00 -10.72 1.94
N MET A 1 -16.84 -9.77 -9.07
CA MET A 1 -16.29 -9.21 -10.33
C MET A 1 -14.83 -8.79 -10.13
N PRO A 2 -13.97 -9.76 -10.17
CA PRO A 2 -12.52 -9.50 -9.99
C PRO A 2 -11.94 -8.84 -11.24
N VAL A 3 -10.64 -8.76 -11.33
CA VAL A 3 -10.02 -8.11 -12.53
C VAL A 3 -8.76 -8.89 -12.94
N LYS A 4 -8.21 -8.56 -14.09
CA LYS A 4 -6.98 -9.29 -14.54
C LYS A 4 -5.85 -8.28 -14.82
N CYS A 5 -4.84 -8.26 -14.00
CA CYS A 5 -3.72 -7.31 -14.22
C CYS A 5 -2.71 -7.91 -15.21
N PRO A 6 -2.05 -7.04 -15.96
CA PRO A 6 -2.27 -5.58 -15.82
C PRO A 6 -3.58 -5.17 -16.50
N GLY A 7 -4.09 -4.01 -16.18
CA GLY A 7 -5.36 -3.55 -16.81
C GLY A 7 -5.67 -2.14 -16.35
N GLU A 8 -6.47 -1.41 -17.10
CA GLU A 8 -6.81 -0.02 -16.70
C GLU A 8 -8.19 0.02 -16.05
N TYR A 9 -8.30 0.67 -14.92
CA TYR A 9 -9.62 0.74 -14.23
C TYR A 9 -9.87 2.16 -13.72
N GLN A 10 -11.10 2.61 -13.75
CA GLN A 10 -11.40 4.00 -13.27
C GLN A 10 -12.25 3.93 -12.00
N VAL A 11 -11.82 4.58 -10.95
CA VAL A 11 -12.61 4.55 -9.69
C VAL A 11 -13.27 5.91 -9.44
N ASP A 12 -14.50 6.07 -9.85
CA ASP A 12 -15.20 7.37 -9.63
C ASP A 12 -14.46 8.50 -10.34
N GLY A 13 -14.51 8.54 -11.64
CA GLY A 13 -13.82 9.64 -12.39
C GLY A 13 -12.33 9.62 -12.07
N LYS A 14 -11.83 8.56 -11.48
CA LYS A 14 -10.38 8.50 -11.16
C LYS A 14 -9.68 7.50 -12.07
N LYS A 15 -8.41 7.70 -12.33
CA LYS A 15 -7.68 6.75 -13.23
C LYS A 15 -6.74 5.88 -12.41
N VAL A 16 -6.70 4.60 -12.70
CA VAL A 16 -5.80 3.68 -11.94
C VAL A 16 -5.17 2.67 -12.89
N ILE A 17 -3.87 2.68 -13.01
CA ILE A 17 -3.20 1.72 -13.94
C ILE A 17 -2.61 0.54 -13.15
N LEU A 18 -3.11 -0.64 -13.37
CA LEU A 18 -2.58 -1.82 -12.64
C LEU A 18 -1.51 -2.53 -13.48
N ASP A 19 -0.30 -2.56 -13.00
CA ASP A 19 0.80 -3.22 -13.77
C ASP A 19 0.97 -4.67 -13.31
N GLU A 20 2.08 -5.28 -13.65
CA GLU A 20 2.31 -6.69 -13.23
C GLU A 20 1.87 -6.89 -11.78
N ASP A 21 1.03 -7.86 -11.53
CA ASP A 21 0.55 -8.11 -10.14
C ASP A 21 -0.24 -6.90 -9.64
N CYS A 22 -1.04 -6.31 -10.48
CA CYS A 22 -1.85 -5.13 -10.04
C CYS A 22 -0.95 -4.13 -9.31
N PHE A 23 0.18 -3.78 -9.89
CA PHE A 23 1.09 -2.82 -9.23
C PHE A 23 0.63 -1.38 -9.50
N MET A 24 0.21 -0.68 -8.49
CA MET A 24 -0.24 0.73 -8.68
C MET A 24 0.81 1.52 -9.46
N GLN A 25 0.39 2.44 -10.29
CA GLN A 25 1.37 3.24 -11.08
C GLN A 25 0.88 4.68 -11.21
N ASN A 26 -0.03 5.09 -10.37
CA ASN A 26 -0.55 6.49 -10.46
C ASN A 26 -0.41 7.19 -9.10
N PRO A 27 0.81 7.28 -8.66
CA PRO A 27 1.10 7.93 -7.35
C PRO A 27 0.94 9.45 -7.47
N GLU A 28 0.77 9.95 -8.67
CA GLU A 28 0.60 11.42 -8.85
C GLU A 28 -0.50 11.95 -7.94
N ASP A 29 -1.53 11.17 -7.73
CA ASP A 29 -2.64 11.63 -6.85
C ASP A 29 -2.74 10.73 -5.61
N TRP A 30 -3.32 9.57 -5.76
CA TRP A 30 -3.44 8.65 -4.59
C TRP A 30 -4.29 9.30 -3.50
N ASP A 31 -5.49 8.83 -3.31
CA ASP A 31 -6.36 9.43 -2.25
C ASP A 31 -6.83 8.34 -1.28
N GLU A 32 -7.65 8.70 -0.32
CA GLU A 32 -8.14 7.69 0.65
C GLU A 32 -9.07 6.69 -0.05
N LYS A 33 -9.97 7.17 -0.85
CA LYS A 33 -10.90 6.24 -1.56
C LYS A 33 -10.11 5.30 -2.48
N VAL A 34 -9.06 5.78 -3.08
CA VAL A 34 -8.25 4.92 -3.98
C VAL A 34 -7.59 3.79 -3.19
N ALA A 35 -6.85 4.12 -2.17
CA ALA A 35 -6.17 3.07 -1.36
C ALA A 35 -7.20 2.06 -0.83
N GLU A 36 -8.33 2.53 -0.38
CA GLU A 36 -9.37 1.61 0.15
C GLU A 36 -9.80 0.61 -0.93
N TRP A 37 -10.36 1.08 -2.00
CA TRP A 37 -10.80 0.15 -3.09
C TRP A 37 -9.66 -0.80 -3.48
N LEU A 38 -8.43 -0.35 -3.36
CA LEU A 38 -7.28 -1.22 -3.73
C LEU A 38 -7.21 -2.43 -2.79
N ALA A 39 -7.21 -2.19 -1.51
CA ALA A 39 -7.13 -3.33 -0.54
C ALA A 39 -8.35 -4.24 -0.69
N ARG A 40 -9.47 -3.70 -1.09
CA ARG A 40 -10.69 -4.53 -1.25
C ARG A 40 -10.59 -5.38 -2.52
N GLU A 41 -9.89 -4.89 -3.51
CA GLU A 41 -9.76 -5.67 -4.78
C GLU A 41 -8.74 -6.81 -4.60
N LEU A 42 -7.69 -6.58 -3.88
CA LEU A 42 -6.68 -7.64 -3.67
C LEU A 42 -7.14 -8.61 -2.58
N GLU A 43 -7.37 -8.12 -1.39
CA GLU A 43 -7.82 -9.02 -0.29
C GLU A 43 -9.36 -9.00 -0.19
N GLY A 44 -9.90 -8.04 0.50
CA GLY A 44 -11.38 -7.97 0.65
C GLY A 44 -11.73 -7.15 1.89
N ILE A 45 -11.00 -6.10 2.15
CA ILE A 45 -11.31 -5.26 3.35
C ILE A 45 -12.49 -4.33 3.06
N GLN A 46 -13.68 -4.78 3.31
CA GLN A 46 -14.88 -3.91 3.05
C GLN A 46 -14.63 -2.51 3.60
N LYS A 47 -13.84 -2.39 4.63
CA LYS A 47 -13.56 -1.05 5.21
C LYS A 47 -12.17 -1.02 5.86
N MET A 48 -11.26 -0.28 5.30
CA MET A 48 -9.89 -0.22 5.88
C MET A 48 -9.96 -0.13 7.41
N THR A 49 -9.39 -1.08 8.10
CA THR A 49 -9.42 -1.05 9.59
C THR A 49 -8.62 0.15 10.11
N GLU A 50 -8.99 0.67 11.25
CA GLU A 50 -8.24 1.83 11.81
C GLU A 50 -6.74 1.53 11.87
N GLU A 51 -6.39 0.30 12.16
CA GLU A 51 -4.94 -0.05 12.23
C GLU A 51 -4.32 0.02 10.84
N HIS A 52 -5.03 -0.43 9.84
CA HIS A 52 -4.47 -0.38 8.45
C HIS A 52 -4.09 1.05 8.09
N TRP A 53 -5.02 1.96 8.18
CA TRP A 53 -4.71 3.38 7.85
C TRP A 53 -3.60 3.91 8.76
N LYS A 54 -3.50 3.37 9.94
CA LYS A 54 -2.43 3.83 10.88
C LYS A 54 -1.06 3.46 10.32
N LEU A 55 -0.93 2.26 9.80
CA LEU A 55 0.38 1.83 9.24
C LEU A 55 0.71 2.63 7.98
N VAL A 56 -0.28 2.91 7.18
CA VAL A 56 -0.04 3.70 5.94
C VAL A 56 0.42 5.11 6.30
N LYS A 57 -0.17 5.70 7.30
CA LYS A 57 0.24 7.08 7.70
C LYS A 57 1.68 7.08 8.20
N TYR A 58 2.00 6.22 9.12
CA TYR A 58 3.40 6.18 9.64
C TYR A 58 4.39 5.94 8.49
N LEU A 59 4.05 5.07 7.57
CA LEU A 59 4.97 4.81 6.43
C LEU A 59 5.13 6.07 5.58
N ARG A 60 4.08 6.84 5.44
CA ARG A 60 4.17 8.08 4.62
C ARG A 60 5.29 8.99 5.16
N GLU A 61 5.46 9.02 6.45
CA GLU A 61 6.53 9.88 7.03
C GLU A 61 7.91 9.35 6.64
N TYR A 62 8.06 8.06 6.57
CA TYR A 62 9.38 7.48 6.19
C TYR A 62 9.66 7.73 4.71
N TRP A 63 8.64 7.78 3.91
CA TRP A 63 8.85 8.03 2.45
C TRP A 63 9.59 9.35 2.23
N GLU A 64 9.45 10.27 3.14
CA GLU A 64 10.16 11.58 2.99
C GLU A 64 11.47 11.57 3.77
N THR A 65 12.08 10.42 3.90
CA THR A 65 13.36 10.34 4.65
C THR A 65 14.36 9.45 3.89
N PHE A 66 13.96 8.26 3.56
CA PHE A 66 14.89 7.35 2.81
C PHE A 66 14.18 6.77 1.58
N GLY A 67 13.36 5.77 1.78
CA GLY A 67 12.64 5.17 0.62
C GLY A 67 11.44 4.36 1.13
N THR A 68 10.92 4.71 2.27
CA THR A 68 9.75 3.97 2.82
C THR A 68 10.10 2.49 2.97
N CYS A 69 9.11 1.66 3.20
CA CYS A 69 9.37 0.21 3.36
C CYS A 69 10.42 -0.02 4.47
N PRO A 70 10.07 0.39 5.65
CA PRO A 70 10.98 0.24 6.81
C PRO A 70 11.05 -1.22 7.24
N PRO A 71 12.05 -1.53 8.01
CA PRO A 71 12.24 -2.91 8.51
C PRO A 71 11.21 -3.24 9.59
N ILE A 72 11.26 -4.43 10.14
CA ILE A 72 10.28 -4.80 11.20
C ILE A 72 10.80 -4.40 12.58
N LYS A 73 11.61 -3.37 12.64
CA LYS A 73 12.16 -2.93 13.95
C LYS A 73 11.90 -1.44 14.16
N MET A 74 11.87 -0.67 13.11
CA MET A 74 11.61 0.78 13.25
C MET A 74 10.11 1.04 13.42
N VAL A 75 9.29 0.12 13.00
CA VAL A 75 7.82 0.31 13.14
C VAL A 75 7.42 0.29 14.62
N THR A 76 7.79 -0.74 15.32
CA THR A 76 7.43 -0.82 16.77
C THR A 76 8.26 0.18 17.58
N LYS A 77 9.44 0.52 17.10
CA LYS A 77 10.29 1.49 17.84
C LYS A 77 9.44 2.65 18.35
N GLU A 78 8.48 3.08 17.59
CA GLU A 78 7.62 4.22 18.04
C GLU A 78 6.17 3.99 17.60
N THR A 79 5.62 2.86 17.95
CA THR A 79 4.20 2.57 17.55
C THR A 79 3.63 1.45 18.41
N GLY A 80 4.43 0.48 18.74
CA GLY A 80 3.93 -0.65 19.59
C GLY A 80 3.24 -1.69 18.69
N PHE A 81 3.72 -1.87 17.50
CA PHE A 81 3.09 -2.87 16.59
C PHE A 81 3.93 -4.15 16.55
N SER A 82 3.32 -5.27 16.85
CA SER A 82 4.08 -6.55 16.83
C SER A 82 3.88 -7.27 15.50
N LEU A 83 4.86 -8.02 15.06
CA LEU A 83 4.73 -8.74 13.77
C LEU A 83 3.42 -9.54 13.74
N GLU A 84 2.93 -9.93 14.89
CA GLU A 84 1.66 -10.70 14.93
C GLU A 84 0.53 -9.90 14.29
N LYS A 85 0.40 -8.65 14.63
CA LYS A 85 -0.69 -7.82 14.03
C LYS A 85 -0.48 -7.67 12.52
N ILE A 86 0.74 -7.45 12.10
CA ILE A 86 1.01 -7.30 10.64
C ILE A 86 0.68 -8.60 9.90
N TYR A 87 0.79 -9.72 10.57
CA TYR A 87 0.48 -11.01 9.91
C TYR A 87 -1.03 -11.21 9.81
N GLN A 88 -1.75 -10.81 10.81
CA GLN A 88 -3.24 -10.99 10.78
C GLN A 88 -3.87 -9.96 9.84
N LEU A 89 -3.22 -8.84 9.64
CA LEU A 89 -3.79 -7.80 8.74
C LEU A 89 -3.43 -8.10 7.29
N PHE A 90 -2.16 -8.22 6.99
CA PHE A 90 -1.74 -8.52 5.59
C PHE A 90 -1.61 -10.04 5.39
N PRO A 91 -1.47 -10.42 4.15
CA PRO A 91 -1.34 -11.85 3.81
C PRO A 91 0.04 -12.38 4.18
N SER A 92 1.08 -11.74 3.69
CA SER A 92 2.46 -12.20 4.02
C SER A 92 3.49 -11.31 3.31
N GLY A 93 4.13 -10.44 4.05
CA GLY A 93 5.14 -9.55 3.42
C GLY A 93 4.71 -8.09 3.58
N PRO A 94 4.91 -7.57 4.76
CA PRO A 94 4.53 -6.17 5.04
C PRO A 94 5.52 -5.21 4.37
N ALA A 95 6.61 -5.72 3.87
CA ALA A 95 7.61 -4.84 3.19
C ALA A 95 7.00 -4.22 1.93
N HIS A 96 6.91 -4.98 0.87
CA HIS A 96 6.34 -4.44 -0.39
C HIS A 96 4.81 -4.32 -0.26
N GLY A 97 4.25 -4.84 0.80
CA GLY A 97 2.77 -4.76 0.97
C GLY A 97 2.39 -3.34 1.40
N ALA A 98 2.59 -3.01 2.65
CA ALA A 98 2.23 -1.64 3.13
C ALA A 98 2.74 -0.59 2.13
N CYS A 99 3.86 -0.82 1.52
CA CYS A 99 4.39 0.17 0.54
C CYS A 99 3.50 0.23 -0.70
N LYS A 100 3.32 -0.89 -1.36
CA LYS A 100 2.46 -0.90 -2.59
C LYS A 100 1.11 -0.24 -2.29
N VAL A 101 0.69 -0.27 -1.05
CA VAL A 101 -0.62 0.35 -0.70
C VAL A 101 -0.48 1.88 -0.62
N ALA A 102 0.42 2.36 0.20
CA ALA A 102 0.61 3.83 0.32
C ALA A 102 1.04 4.42 -1.03
N GLY A 103 1.42 3.58 -1.95
CA GLY A 103 1.85 4.09 -3.29
C GLY A 103 3.34 4.45 -3.24
N ALA A 104 4.20 3.47 -3.35
CA ALA A 104 5.66 3.76 -3.31
C ALA A 104 6.45 2.47 -3.52
N PRO A 105 6.51 2.05 -4.75
CA PRO A 105 7.25 0.80 -5.10
C PRO A 105 8.76 1.04 -5.02
N LYS A 106 9.37 1.45 -6.11
CA LYS A 106 10.84 1.68 -6.09
C LYS A 106 11.26 2.51 -7.31
N PRO A 107 10.87 3.75 -7.32
CA PRO A 107 11.21 4.65 -8.45
C PRO A 107 12.69 5.03 -8.41
N THR A 108 13.21 5.54 -9.48
CA THR A 108 14.65 5.93 -9.51
C THR A 108 14.85 7.18 -10.37
N GLY A 109 15.95 7.86 -10.22
CA GLY A 109 16.20 9.08 -11.03
C GLY A 109 15.51 10.27 -10.37
N CYS A 110 16.27 11.15 -9.77
CA CYS A 110 15.66 12.34 -9.12
C CYS A 110 15.65 13.54 -10.08
N VAL A 111 15.26 13.32 -11.30
CA VAL A 111 15.22 14.45 -12.28
C VAL A 111 14.02 14.31 -13.21
N MET A 1 -9.43 -13.72 -6.21
CA MET A 1 -9.88 -12.84 -7.32
C MET A 1 -8.80 -11.83 -7.69
N PRO A 2 -7.80 -12.31 -8.38
CA PRO A 2 -6.67 -11.45 -8.80
C PRO A 2 -7.12 -10.49 -9.92
N VAL A 3 -6.41 -9.41 -10.10
CA VAL A 3 -6.79 -8.44 -11.17
C VAL A 3 -6.03 -8.75 -12.46
N LYS A 4 -6.72 -9.12 -13.49
CA LYS A 4 -6.04 -9.44 -14.78
C LYS A 4 -5.19 -8.25 -15.24
N CYS A 5 -3.89 -8.39 -15.21
CA CYS A 5 -3.01 -7.27 -15.63
C CYS A 5 -2.42 -7.56 -17.02
N PRO A 6 -2.19 -6.52 -17.79
CA PRO A 6 -2.50 -5.13 -17.32
C PRO A 6 -4.00 -4.87 -17.40
N GLY A 7 -4.44 -3.71 -16.98
CA GLY A 7 -5.89 -3.40 -17.02
C GLY A 7 -6.13 -1.95 -16.58
N GLU A 8 -7.11 -1.30 -17.15
CA GLU A 8 -7.40 0.11 -16.77
C GLU A 8 -8.80 0.23 -16.20
N TYR A 9 -8.95 0.81 -15.03
CA TYR A 9 -10.30 0.95 -14.43
C TYR A 9 -10.42 2.30 -13.71
N GLN A 10 -11.60 2.66 -13.30
CA GLN A 10 -11.78 3.97 -12.59
C GLN A 10 -12.45 3.74 -11.23
N VAL A 11 -12.23 4.62 -10.30
CA VAL A 11 -12.86 4.45 -8.95
C VAL A 11 -13.53 5.76 -8.52
N ASP A 12 -14.83 5.84 -8.64
CA ASP A 12 -15.54 7.08 -8.22
C ASP A 12 -14.78 8.31 -8.70
N GLY A 13 -15.07 8.79 -9.87
CA GLY A 13 -14.37 9.99 -10.39
C GLY A 13 -12.86 9.83 -10.16
N LYS A 14 -12.27 8.84 -10.77
CA LYS A 14 -10.80 8.64 -10.59
C LYS A 14 -10.26 7.69 -11.68
N LYS A 15 -8.97 7.55 -11.77
CA LYS A 15 -8.39 6.65 -12.81
C LYS A 15 -7.27 5.80 -12.19
N VAL A 16 -7.14 4.57 -12.64
CA VAL A 16 -6.07 3.69 -12.08
C VAL A 16 -5.57 2.73 -13.17
N ILE A 17 -4.35 2.87 -13.57
CA ILE A 17 -3.81 1.95 -14.63
C ILE A 17 -2.98 0.84 -13.99
N LEU A 18 -3.01 -0.34 -14.55
CA LEU A 18 -2.23 -1.47 -13.97
C LEU A 18 -1.30 -2.05 -15.03
N ASP A 19 -0.01 -1.83 -14.91
CA ASP A 19 0.94 -2.37 -15.91
C ASP A 19 0.78 -3.89 -16.04
N GLU A 20 1.64 -4.53 -16.79
CA GLU A 20 1.53 -6.01 -16.94
C GLU A 20 1.82 -6.70 -15.61
N ASP A 21 2.40 -5.99 -14.67
CA ASP A 21 2.70 -6.62 -13.36
C ASP A 21 1.79 -6.05 -12.28
N CYS A 22 0.57 -5.73 -12.62
CA CYS A 22 -0.37 -5.17 -11.61
C CYS A 22 0.31 -4.04 -10.83
N PHE A 23 0.91 -3.11 -11.51
CA PHE A 23 1.59 -1.99 -10.81
C PHE A 23 0.84 -0.68 -11.06
N MET A 24 0.84 0.21 -10.11
CA MET A 24 0.12 1.50 -10.30
C MET A 24 0.91 2.41 -11.23
N GLN A 25 0.35 2.74 -12.37
CA GLN A 25 1.07 3.62 -13.33
C GLN A 25 0.74 5.10 -13.04
N ASN A 26 0.44 5.40 -11.81
CA ASN A 26 0.12 6.82 -11.45
C ASN A 26 0.09 6.99 -9.93
N PRO A 27 1.24 6.89 -9.34
CA PRO A 27 1.36 7.04 -7.86
C PRO A 27 1.16 8.49 -7.46
N GLU A 28 1.08 9.38 -8.41
CA GLU A 28 0.89 10.82 -8.06
C GLU A 28 -0.57 11.09 -7.68
N ASP A 29 -1.47 10.25 -8.11
CA ASP A 29 -2.91 10.46 -7.77
C ASP A 29 -3.33 9.50 -6.65
N TRP A 30 -2.49 9.29 -5.68
CA TRP A 30 -2.84 8.38 -4.57
C TRP A 30 -3.90 9.03 -3.67
N ASP A 31 -4.88 8.28 -3.26
CA ASP A 31 -5.95 8.85 -2.38
C ASP A 31 -6.43 7.81 -1.38
N GLU A 32 -7.38 8.15 -0.56
CA GLU A 32 -7.91 7.17 0.45
C GLU A 32 -8.73 6.09 -0.25
N LYS A 33 -9.81 6.46 -0.88
CA LYS A 33 -10.66 5.45 -1.58
C LYS A 33 -9.81 4.63 -2.56
N VAL A 34 -8.74 5.20 -3.06
CA VAL A 34 -7.87 4.47 -4.02
C VAL A 34 -7.06 3.40 -3.30
N ALA A 35 -6.30 3.78 -2.31
CA ALA A 35 -5.48 2.78 -1.57
C ALA A 35 -6.36 1.62 -1.08
N GLU A 36 -7.45 1.92 -0.42
CA GLU A 36 -8.35 0.84 0.07
C GLU A 36 -8.88 0.00 -1.10
N TRP A 37 -9.35 0.65 -2.13
CA TRP A 37 -9.89 -0.12 -3.29
C TRP A 37 -8.87 -1.16 -3.76
N LEU A 38 -7.63 -0.78 -3.91
CA LEU A 38 -6.60 -1.75 -4.37
C LEU A 38 -6.42 -2.86 -3.32
N ALA A 39 -6.47 -2.52 -2.07
CA ALA A 39 -6.29 -3.55 -1.00
C ALA A 39 -7.35 -4.64 -1.15
N ARG A 40 -8.56 -4.28 -1.47
CA ARG A 40 -9.63 -5.30 -1.62
C ARG A 40 -9.49 -6.04 -2.96
N GLU A 41 -9.10 -5.35 -3.99
CA GLU A 41 -8.94 -6.01 -5.31
C GLU A 41 -7.83 -7.06 -5.25
N LEU A 42 -6.83 -6.84 -4.45
CA LEU A 42 -5.72 -7.83 -4.36
C LEU A 42 -6.06 -8.89 -3.29
N GLU A 43 -6.01 -8.51 -2.04
CA GLU A 43 -6.32 -9.49 -0.97
C GLU A 43 -7.84 -9.62 -0.79
N GLY A 44 -8.50 -8.55 -0.45
CA GLY A 44 -9.98 -8.61 -0.27
C GLY A 44 -10.41 -7.57 0.77
N ILE A 45 -9.50 -7.11 1.57
CA ILE A 45 -9.86 -6.09 2.60
C ILE A 45 -10.70 -4.98 1.98
N GLN A 46 -12.00 -5.08 2.10
CA GLN A 46 -12.88 -4.01 1.51
C GLN A 46 -13.12 -2.90 2.53
N LYS A 47 -12.66 -3.07 3.73
CA LYS A 47 -12.85 -2.01 4.76
C LYS A 47 -11.59 -1.87 5.63
N MET A 48 -10.75 -0.94 5.31
CA MET A 48 -9.50 -0.75 6.11
C MET A 48 -9.86 -0.26 7.52
N THR A 49 -9.37 -0.96 8.53
CA THR A 49 -9.68 -0.54 9.92
C THR A 49 -8.80 0.65 10.33
N GLU A 50 -9.05 1.22 11.47
CA GLU A 50 -8.23 2.38 11.93
C GLU A 50 -6.76 1.98 12.04
N GLU A 51 -6.50 0.76 12.44
CA GLU A 51 -5.08 0.30 12.56
C GLU A 51 -4.41 0.28 11.19
N HIS A 52 -5.17 0.07 10.14
CA HIS A 52 -4.56 0.04 8.78
C HIS A 52 -4.12 1.45 8.37
N TRP A 53 -5.06 2.35 8.20
CA TRP A 53 -4.68 3.74 7.81
C TRP A 53 -3.57 4.27 8.70
N LYS A 54 -3.53 3.84 9.94
CA LYS A 54 -2.47 4.32 10.87
C LYS A 54 -1.10 3.79 10.42
N LEU A 55 -0.95 2.50 10.33
CA LEU A 55 0.36 1.93 9.90
C LEU A 55 0.82 2.58 8.59
N VAL A 56 -0.03 2.66 7.62
CA VAL A 56 0.35 3.29 6.32
C VAL A 56 0.72 4.76 6.55
N LYS A 57 0.08 5.40 7.49
CA LYS A 57 0.39 6.84 7.75
C LYS A 57 1.85 6.99 8.19
N TYR A 58 2.28 6.22 9.15
CA TYR A 58 3.69 6.32 9.61
C TYR A 58 4.65 5.96 8.48
N LEU A 59 4.38 4.90 7.77
CA LEU A 59 5.29 4.49 6.66
C LEU A 59 5.49 5.67 5.70
N ARG A 60 4.46 6.40 5.41
CA ARG A 60 4.59 7.55 4.47
C ARG A 60 5.67 8.51 4.96
N GLU A 61 5.73 8.74 6.25
CA GLU A 61 6.77 9.67 6.78
C GLU A 61 8.17 9.17 6.42
N TYR A 62 8.41 7.89 6.57
CA TYR A 62 9.76 7.35 6.23
C TYR A 62 10.02 7.48 4.73
N TRP A 63 9.02 7.25 3.92
CA TRP A 63 9.21 7.35 2.45
C TRP A 63 9.18 8.83 2.01
N GLU A 64 8.77 9.70 2.89
CA GLU A 64 8.71 11.14 2.53
C GLU A 64 9.98 11.86 3.00
N THR A 65 10.63 11.34 4.00
CA THR A 65 11.87 11.99 4.51
C THR A 65 12.87 12.18 3.36
N PHE A 66 12.85 11.30 2.39
CA PHE A 66 13.80 11.43 1.25
C PHE A 66 13.33 10.59 0.06
N GLY A 67 13.12 9.31 0.28
CA GLY A 67 12.65 8.44 -0.83
C GLY A 67 13.15 7.01 -0.60
N THR A 68 12.57 6.32 0.35
CA THR A 68 13.01 4.92 0.62
C THR A 68 11.87 4.13 1.27
N CYS A 69 12.10 2.88 1.58
CA CYS A 69 11.03 2.06 2.22
C CYS A 69 11.64 0.89 2.98
N PRO A 70 12.09 1.17 4.17
CA PRO A 70 12.71 0.12 5.02
C PRO A 70 11.64 -0.82 5.56
N PRO A 71 12.10 -1.88 6.18
CA PRO A 71 11.18 -2.90 6.75
C PRO A 71 10.50 -2.35 8.02
N ILE A 72 10.00 -3.21 8.85
CA ILE A 72 9.33 -2.74 10.10
C ILE A 72 10.09 -3.23 11.33
N LYS A 73 11.29 -3.70 11.14
CA LYS A 73 12.09 -4.20 12.30
C LYS A 73 12.37 -3.06 13.29
N MET A 74 13.27 -2.18 12.94
CA MET A 74 13.59 -1.04 13.85
C MET A 74 12.39 -0.09 13.96
N VAL A 75 11.40 -0.27 13.13
CA VAL A 75 10.21 0.62 13.17
C VAL A 75 9.30 0.23 14.34
N THR A 76 9.22 -1.04 14.65
CA THR A 76 8.36 -1.49 15.78
C THR A 76 8.93 -0.99 17.11
N LYS A 77 10.23 -0.89 17.21
CA LYS A 77 10.83 -0.42 18.49
C LYS A 77 10.06 0.78 19.04
N GLU A 78 9.43 1.54 18.18
CA GLU A 78 8.66 2.73 18.64
C GLU A 78 7.16 2.45 18.54
N THR A 79 6.67 2.22 17.35
CA THR A 79 5.21 1.95 17.19
C THR A 79 4.75 0.89 18.21
N GLY A 80 5.40 -0.23 18.25
CA GLY A 80 5.00 -1.29 19.21
C GLY A 80 3.82 -2.08 18.64
N PHE A 81 3.54 -1.91 17.38
CA PHE A 81 2.40 -2.65 16.78
C PHE A 81 2.61 -4.17 16.91
N SER A 82 1.86 -4.82 17.76
CA SER A 82 2.02 -6.28 17.93
C SER A 82 2.08 -6.98 16.57
N LEU A 83 3.10 -7.76 16.33
CA LEU A 83 3.20 -8.46 15.02
C LEU A 83 1.89 -9.18 14.71
N GLU A 84 1.18 -9.62 15.71
CA GLU A 84 -0.10 -10.33 15.47
C GLU A 84 -1.07 -9.42 14.70
N LYS A 85 -1.26 -8.22 15.16
CA LYS A 85 -2.19 -7.29 14.46
C LYS A 85 -1.72 -7.08 13.01
N ILE A 86 -0.47 -6.75 12.83
CA ILE A 86 0.05 -6.54 11.45
C ILE A 86 -0.14 -7.80 10.61
N TYR A 87 -0.18 -8.94 11.25
CA TYR A 87 -0.38 -10.21 10.49
C TYR A 87 -1.82 -10.33 10.02
N GLN A 88 -2.75 -9.95 10.86
CA GLN A 88 -4.19 -10.04 10.45
C GLN A 88 -4.49 -9.04 9.33
N LEU A 89 -3.86 -7.89 9.36
CA LEU A 89 -4.12 -6.88 8.29
C LEU A 89 -3.42 -7.31 6.99
N PHE A 90 -2.13 -7.47 7.04
CA PHE A 90 -1.39 -7.88 5.80
C PHE A 90 -0.47 -9.06 6.11
N PRO A 91 -0.71 -10.16 5.46
CA PRO A 91 0.12 -11.37 5.67
C PRO A 91 1.50 -11.19 5.04
N SER A 92 2.33 -12.20 5.10
CA SER A 92 3.69 -12.08 4.50
C SER A 92 4.42 -10.86 5.09
N GLY A 93 3.99 -10.38 6.22
CA GLY A 93 4.65 -9.20 6.83
C GLY A 93 4.48 -7.98 5.92
N PRO A 94 4.43 -6.84 6.53
CA PRO A 94 4.26 -5.58 5.77
C PRO A 94 5.56 -5.22 5.03
N ALA A 95 6.43 -4.48 5.65
CA ALA A 95 7.71 -4.10 4.99
C ALA A 95 7.45 -3.69 3.53
N HIS A 96 7.56 -4.62 2.62
CA HIS A 96 7.33 -4.28 1.18
C HIS A 96 5.83 -4.07 0.93
N GLY A 97 5.03 -5.05 1.24
CA GLY A 97 3.56 -4.92 1.01
C GLY A 97 3.09 -3.54 1.48
N ALA A 98 3.32 -3.21 2.72
CA ALA A 98 2.90 -1.89 3.23
C ALA A 98 3.20 -0.79 2.21
N CYS A 99 4.37 -0.81 1.63
CA CYS A 99 4.73 0.22 0.62
C CYS A 99 3.82 0.09 -0.61
N LYS A 100 3.77 -1.07 -1.20
CA LYS A 100 2.91 -1.25 -2.41
C LYS A 100 1.56 -0.58 -2.20
N VAL A 101 1.02 -0.64 -1.01
CA VAL A 101 -0.30 0.01 -0.74
C VAL A 101 -0.12 1.52 -0.61
N ALA A 102 0.91 1.95 0.06
CA ALA A 102 1.13 3.42 0.24
C ALA A 102 1.13 4.12 -1.12
N GLY A 103 1.81 3.56 -2.09
CA GLY A 103 1.85 4.19 -3.44
C GLY A 103 3.23 4.81 -3.67
N ALA A 104 4.27 4.05 -3.47
CA ALA A 104 5.64 4.59 -3.69
C ALA A 104 5.98 4.60 -5.18
N PRO A 105 6.21 5.77 -5.69
CA PRO A 105 6.55 5.91 -7.14
C PRO A 105 7.98 5.42 -7.39
N LYS A 106 8.91 5.82 -6.57
CA LYS A 106 10.32 5.37 -6.78
C LYS A 106 10.40 3.84 -6.76
N PRO A 107 10.86 3.28 -7.85
CA PRO A 107 10.98 1.81 -7.96
C PRO A 107 12.15 1.31 -7.11
N THR A 108 11.89 0.84 -5.93
CA THR A 108 12.99 0.33 -5.05
C THR A 108 13.79 -0.75 -5.79
N GLY A 109 14.89 -0.38 -6.37
CA GLY A 109 15.72 -1.39 -7.10
C GLY A 109 17.07 -0.79 -7.46
N CYS A 110 17.08 0.40 -8.00
CA CYS A 110 18.38 1.05 -8.36
C CYS A 110 18.17 2.56 -8.57
N VAL A 111 17.82 3.25 -7.53
CA VAL A 111 17.61 4.73 -7.65
C VAL A 111 18.94 5.43 -7.88
#